data_6OE4
#
_entry.id   6OE4
#
_cell.length_a   105.628
_cell.length_b   153.389
_cell.length_c   155.529
_cell.angle_alpha   90.000
_cell.angle_beta   90.000
_cell.angle_gamma   90.000
#
_symmetry.space_group_name_H-M   'P 21 21 21'
#
loop_
_entity.id
_entity.type
_entity.pdbx_description
1 polymer 'Fusion glycoprotein F0'
2 polymer 'CR9501 Fab Light Chain'
3 polymer 'CR9501 Fab Heavy Chain'
4 non-polymer 1,2-ETHANEDIOL
#
loop_
_entity_poly.entity_id
_entity_poly.type
_entity_poly.pdbx_seq_one_letter_code
_entity_poly.pdbx_strand_id
1 'polypeptide(L)'
;MELLILKANAITTILTAVTFCFASGQNITEEFYQSTCSAVSKGYLSALRTGWYTSVITIELSNIKENKCNGTDAKVKLIK
QELDKYKNAVTELQLLMQSTPATNNRARRELPRFMNYTLNNAKKTNVTLSKKRKRRFLGFLLGVGSAIASGVAVCKVLHL
EGEVNKIKSALLSTNKAVVSLSNGVSVLTFKVLDLKNYIDKQLLPILNKQSCSISNIETVIEFQQKNNRLLEITREFSVN
AGVTTPVSTYMLTNSELLSLINDMPITNDQKKLMSNNVQIVRQQSYSIMCIIKEEVLAYVVQLPLYGVIDTPCWKLHTSP
LCTTNTKEGSNICLTRTDRGWYCDNAGSVSFFPQAETCKVQSNRVFCDTMNSLTLPSEVNLCNVDIFNPKYDCKIMTSKT
DVSSSVITSLGAIVSCYGKTKCTASNKNRGIIKTFSNGCDYVSNKGVDTVSVGNTLYYVNKQEGKSLYVKGEPIINFYDP
LVFPSDEFDASISQVNEKINQSLAFIRKSDELLGSLEVLFQ
;
A,D
2 'polypeptide(L)'
;EIVMTQSPSSLSASIGDRVTITCQASQDISTYLNWYQQKPGQAPRLLIYGASNLETGVPSRFTGSGYGTDFSVTISSLQP
EDIATYYCQQYQYLPYTFAPGTKVEIKRTVAAPSVFIFPPSDEQLKSGTASVVCLLNNFYPREAKVQWKVDNALQSGNSQ
ESVTEQDSKDSTYSLSSTLTLSKADYEKHKVYACEVTHQGLSSPVTKSFNRGEC
;
C,F
3 'polypeptide(L)'
;QVQLVQSGPGLVKPSQTLALTCTVSGASINSDNYYWTWIRQRPGGGLEWIGHISYTGNTYYTPSLKSRLSMSLETSQSQF
SLRLTSVTAADSAVYFCAACGAYVLISNCGWFDSWGQGTQVTVSSASTKGPSVFPLAPSSKSTSGGTAALGCLVKDYFPE
PVTVSWNSGALTSGVHTFPAVLQSSGLYSLSSVVTVPSSSLGTQTYICNVNHKPSNTKVDKRVEPKSCDK
;
B,E
#
loop_
_chem_comp.id
_chem_comp.type
_chem_comp.name
_chem_comp.formula
EDO non-polymer 1,2-ETHANEDIOL 'C2 H6 O2'
#
# COMPACT_ATOMS: atom_id res chain seq x y z
N ASN A 27 1.59 35.18 -55.00
CA ASN A 27 2.60 35.29 -53.95
C ASN A 27 3.32 33.97 -53.73
N ILE A 28 2.58 32.89 -53.84
CA ILE A 28 3.13 31.53 -53.83
C ILE A 28 3.63 31.18 -55.23
N THR A 29 4.90 30.77 -55.31
CA THR A 29 5.48 30.35 -56.57
C THR A 29 6.07 28.95 -56.40
N GLU A 30 6.32 28.31 -57.54
CA GLU A 30 6.82 26.94 -57.54
C GLU A 30 7.77 26.73 -58.70
N GLU A 31 8.81 25.93 -58.46
CA GLU A 31 9.78 25.57 -59.49
C GLU A 31 9.88 24.05 -59.50
N PHE A 32 9.78 23.46 -60.68
CA PHE A 32 9.97 22.03 -60.86
C PHE A 32 11.33 21.80 -61.50
N TYR A 33 12.13 20.91 -60.92
CA TYR A 33 13.44 20.56 -61.50
C TYR A 33 13.35 19.19 -62.15
N GLN A 34 13.27 19.21 -63.49
CA GLN A 34 13.24 17.99 -64.28
C GLN A 34 14.45 17.11 -64.00
N SER A 35 15.60 17.74 -63.71
CA SER A 35 16.84 16.99 -63.57
C SER A 35 16.82 16.05 -62.37
N THR A 36 16.04 16.37 -61.34
CA THR A 36 16.06 15.59 -60.10
C THR A 36 14.67 15.13 -59.68
N CYS A 37 13.66 15.33 -60.54
CA CYS A 37 12.29 14.89 -60.29
C CYS A 37 11.79 15.40 -58.95
N SER A 38 11.92 16.71 -58.75
CA SER A 38 11.51 17.33 -57.51
C SER A 38 11.00 18.74 -57.81
N ALA A 39 10.36 19.34 -56.81
CA ALA A 39 9.76 20.64 -56.98
C ALA A 39 9.79 21.37 -55.65
N VAL A 40 10.09 22.66 -55.71
CA VAL A 40 10.14 23.54 -54.54
C VAL A 40 9.04 24.59 -54.66
N SER A 41 8.20 24.67 -53.63
CA SER A 41 7.17 25.69 -53.54
C SER A 41 7.68 26.76 -52.58
N LYS A 42 7.72 28.01 -53.04
CA LYS A 42 8.23 29.09 -52.20
C LYS A 42 7.25 30.25 -52.19
N GLY A 43 7.57 31.25 -51.37
CA GLY A 43 6.72 32.41 -51.16
C GLY A 43 6.00 32.39 -49.83
N TYR A 44 6.24 31.38 -49.01
CA TYR A 44 5.59 31.23 -47.72
C TYR A 44 6.34 32.02 -46.65
N LEU A 45 5.61 32.42 -45.61
CA LEU A 45 6.17 33.16 -44.50
C LEU A 45 6.07 32.32 -43.23
N SER A 46 7.13 32.38 -42.44
CA SER A 46 7.27 31.51 -41.28
C SER A 46 6.48 32.03 -40.08
N ALA A 47 6.05 31.09 -39.25
CA ALA A 47 5.60 31.36 -37.89
C ALA A 47 5.99 30.11 -37.08
N LEU A 48 7.17 30.14 -36.48
CA LEU A 48 7.73 28.98 -35.82
C LEU A 48 7.52 29.11 -34.32
N ARG A 49 6.89 28.10 -33.73
CA ARG A 49 6.77 28.03 -32.28
C ARG A 49 8.11 27.69 -31.65
N THR A 50 8.64 28.62 -30.86
CA THR A 50 9.94 28.47 -30.25
C THR A 50 9.84 28.29 -28.74
N GLY A 51 8.74 28.71 -28.13
CA GLY A 51 8.56 28.66 -26.70
C GLY A 51 7.10 28.41 -26.34
N TRP A 52 6.80 28.48 -25.05
CA TRP A 52 5.49 28.22 -24.48
C TRP A 52 5.14 29.33 -23.50
N TYR A 53 3.89 29.78 -23.53
CA TYR A 53 3.38 30.67 -22.50
C TYR A 53 2.32 29.90 -21.74
N THR A 54 2.38 29.96 -20.42
CA THR A 54 1.43 29.25 -19.56
C THR A 54 0.55 30.23 -18.81
N SER A 55 -0.76 30.13 -19.03
CA SER A 55 -1.74 30.88 -18.27
C SER A 55 -2.48 29.91 -17.37
N VAL A 56 -3.02 30.42 -16.27
CA VAL A 56 -3.82 29.60 -15.36
C VAL A 56 -5.25 30.09 -15.48
N ILE A 57 -6.11 29.23 -15.98
CA ILE A 57 -7.52 29.55 -16.19
C ILE A 57 -8.29 28.94 -15.05
N THR A 58 -9.14 29.73 -14.42
CA THR A 58 -9.85 29.28 -13.24
C THR A 58 -11.34 29.46 -13.44
N ILE A 59 -12.10 28.57 -12.83
CA ILE A 59 -13.54 28.68 -12.76
C ILE A 59 -13.85 28.65 -11.27
N GLU A 60 -14.45 29.70 -10.76
CA GLU A 60 -14.74 29.69 -9.35
C GLU A 60 -15.99 28.86 -9.11
N LEU A 61 -15.89 27.88 -8.23
CA LEU A 61 -16.95 26.94 -7.98
C LEU A 61 -17.55 27.30 -6.65
N SER A 62 -18.49 26.49 -6.19
CA SER A 62 -19.01 26.73 -4.90
C SER A 62 -19.43 25.54 -4.17
N ASN A 63 -19.53 25.76 -2.86
CA ASN A 63 -19.92 24.82 -1.83
C ASN A 63 -21.39 24.98 -1.52
N ILE A 64 -22.13 23.88 -1.53
CA ILE A 64 -23.58 23.89 -1.36
C ILE A 64 -23.86 23.16 -0.06
N LYS A 65 -24.29 23.90 0.97
CA LYS A 65 -24.52 23.28 2.27
C LYS A 65 -25.64 22.26 2.21
N GLU A 66 -26.84 22.68 1.81
CA GLU A 66 -28.00 21.81 1.86
C GLU A 66 -28.91 22.08 0.67
N ASN A 67 -29.74 21.09 0.35
CA ASN A 67 -30.70 21.17 -0.75
C ASN A 67 -31.98 20.48 -0.27
N LYS A 68 -33.00 21.28 0.07
CA LYS A 68 -34.23 20.74 0.62
C LYS A 68 -35.44 21.52 0.12
N CYS A 69 -36.37 20.82 -0.52
CA CYS A 69 -37.70 21.34 -0.87
C CYS A 69 -38.75 20.24 -0.82
N ASP A 73 -44.77 23.11 -8.67
CA ASP A 73 -43.35 23.08 -8.35
C ASP A 73 -42.51 22.69 -9.57
N ALA A 74 -43.13 22.78 -10.75
CA ALA A 74 -42.50 22.31 -11.98
C ALA A 74 -41.19 23.05 -12.26
N LYS A 75 -41.18 24.36 -12.02
CA LYS A 75 -40.00 25.18 -12.31
C LYS A 75 -38.85 24.85 -11.38
N VAL A 76 -39.13 24.67 -10.09
CA VAL A 76 -38.07 24.36 -9.11
C VAL A 76 -37.52 22.95 -9.32
N LYS A 77 -38.36 22.01 -9.76
CA LYS A 77 -37.89 20.65 -10.07
C LYS A 77 -36.81 20.67 -11.13
N LEU A 78 -36.96 21.54 -12.14
CA LEU A 78 -35.95 21.67 -13.19
C LEU A 78 -34.63 22.19 -12.63
N ILE A 79 -34.71 23.15 -11.70
CA ILE A 79 -33.51 23.71 -11.08
C ILE A 79 -32.74 22.61 -10.34
N LYS A 80 -33.46 21.72 -9.66
CA LYS A 80 -32.83 20.63 -8.93
C LYS A 80 -32.14 19.65 -9.87
N GLN A 81 -32.64 19.50 -11.10
CA GLN A 81 -31.97 18.65 -12.07
C GLN A 81 -30.62 19.23 -12.45
N GLU A 82 -30.55 20.56 -12.59
CA GLU A 82 -29.28 21.20 -12.89
C GLU A 82 -28.33 21.09 -11.71
N LEU A 83 -28.87 21.18 -10.49
CA LEU A 83 -28.02 21.02 -9.30
C LEU A 83 -27.41 19.64 -9.25
N ASP A 84 -28.14 18.62 -9.71
CA ASP A 84 -27.59 17.27 -9.73
C ASP A 84 -26.48 17.15 -10.77
N LYS A 85 -26.65 17.79 -11.92
CA LYS A 85 -25.60 17.82 -12.94
C LYS A 85 -24.36 18.54 -12.43
N TYR A 86 -24.56 19.59 -11.64
CA TYR A 86 -23.44 20.31 -11.05
C TYR A 86 -22.71 19.44 -10.04
N LYS A 87 -23.45 18.80 -9.13
CA LYS A 87 -22.83 17.93 -8.13
C LYS A 87 -22.08 16.78 -8.80
N ASN A 88 -22.71 16.16 -9.81
CA ASN A 88 -22.07 15.05 -10.51
C ASN A 88 -20.79 15.50 -11.19
N ALA A 89 -20.79 16.69 -11.79
CA ALA A 89 -19.60 17.20 -12.46
C ALA A 89 -18.46 17.40 -11.46
N VAL A 90 -18.75 17.96 -10.29
CA VAL A 90 -17.73 18.14 -9.27
C VAL A 90 -17.16 16.80 -8.85
N THR A 91 -18.03 15.84 -8.54
CA THR A 91 -17.57 14.50 -8.15
C THR A 91 -16.69 13.88 -9.22
N GLU A 92 -17.07 14.01 -10.49
CA GLU A 92 -16.29 13.43 -11.58
C GLU A 92 -14.90 14.04 -11.63
N LEU A 93 -14.82 15.37 -11.52
CA LEU A 93 -13.55 16.07 -11.52
C LEU A 93 -12.70 15.73 -10.31
N GLN A 94 -13.33 15.48 -9.16
CA GLN A 94 -12.58 15.08 -7.97
C GLN A 94 -11.96 13.70 -8.17
N LEU A 95 -12.73 12.77 -8.75
CA LEU A 95 -12.26 11.43 -9.08
C LEU A 95 -11.12 11.47 -10.10
N LEU A 96 -11.13 12.50 -10.95
CA LEU A 96 -10.16 12.63 -12.03
C LEU A 96 -8.76 12.81 -11.48
N MET A 97 -8.61 13.45 -10.31
CA MET A 97 -7.30 13.77 -9.75
C MET A 97 -6.80 12.67 -8.82
N GLN A 98 -7.15 11.42 -9.08
CA GLN A 98 -6.66 10.29 -8.31
C GLN A 98 -5.97 9.27 -9.22
N SER A 146 9.18 16.95 -23.46
CA SER A 146 7.75 16.75 -23.69
C SER A 146 7.04 18.07 -23.96
N ALA A 147 5.94 17.97 -24.70
CA ALA A 147 5.20 19.16 -25.13
C ALA A 147 4.62 19.96 -23.96
N ILE A 148 4.14 19.28 -22.92
CA ILE A 148 3.50 19.94 -21.81
C ILE A 148 4.35 19.88 -20.53
N ALA A 149 5.66 19.73 -20.68
CA ALA A 149 6.52 19.71 -19.49
C ALA A 149 6.37 20.98 -18.67
N SER A 150 6.21 22.13 -19.35
CA SER A 150 6.10 23.41 -18.66
C SER A 150 4.75 23.55 -17.96
N GLY A 151 3.67 23.20 -18.67
CA GLY A 151 2.34 23.24 -18.06
C GLY A 151 2.21 22.34 -16.85
N VAL A 152 2.72 21.11 -16.94
CA VAL A 152 2.68 20.17 -15.82
C VAL A 152 3.42 20.71 -14.62
N ALA A 153 4.55 21.39 -14.85
CA ALA A 153 5.30 21.97 -13.75
C ALA A 153 4.48 23.00 -13.00
N VAL A 154 3.72 23.83 -13.73
CA VAL A 154 2.85 24.82 -13.11
C VAL A 154 1.74 24.14 -12.30
N CYS A 155 1.20 23.02 -12.82
CA CYS A 155 0.15 22.31 -12.08
C CYS A 155 0.68 21.76 -10.76
N LYS A 156 1.93 21.26 -10.75
CA LYS A 156 2.52 20.77 -9.51
C LYS A 156 2.59 21.86 -8.44
N VAL A 157 2.92 23.10 -8.84
CA VAL A 157 3.00 24.18 -7.87
C VAL A 157 1.62 24.45 -7.25
N LEU A 158 0.56 24.31 -8.03
CA LEU A 158 -0.79 24.58 -7.54
C LEU A 158 -1.23 23.59 -6.46
N HIS A 159 -0.58 22.44 -6.30
CA HIS A 159 -1.02 21.51 -5.27
C HIS A 159 -0.48 21.84 -3.90
N LEU A 160 0.58 22.65 -3.81
CA LEU A 160 1.10 23.04 -2.50
C LEU A 160 0.08 23.85 -1.71
N GLU A 161 0.10 23.66 -0.39
CA GLU A 161 -0.91 24.30 0.46
C GLU A 161 -0.74 25.81 0.42
N GLY A 162 -1.86 26.52 0.39
CA GLY A 162 -1.85 27.96 0.33
C GLY A 162 -1.74 28.52 -1.07
N GLU A 163 -1.29 27.71 -2.02
CA GLU A 163 -0.99 28.20 -3.36
C GLU A 163 -2.28 28.64 -4.06
N VAL A 164 -3.31 27.80 -3.99
CA VAL A 164 -4.60 28.16 -4.57
C VAL A 164 -5.15 29.41 -3.90
N ASN A 165 -4.93 29.54 -2.58
CA ASN A 165 -5.43 30.72 -1.86
C ASN A 165 -4.83 32.01 -2.39
N LYS A 166 -3.57 31.96 -2.83
CA LYS A 166 -2.92 33.13 -3.42
C LYS A 166 -3.69 33.59 -4.66
N ILE A 167 -4.02 32.64 -5.53
CA ILE A 167 -4.78 32.93 -6.74
C ILE A 167 -6.16 33.49 -6.38
N LYS A 168 -6.83 32.84 -5.42
CA LYS A 168 -8.14 33.30 -4.97
C LYS A 168 -8.11 34.76 -4.52
N SER A 169 -7.04 35.17 -3.85
CA SER A 169 -6.95 36.54 -3.39
C SER A 169 -6.67 37.49 -4.55
N ALA A 170 -5.80 37.07 -5.48
CA ALA A 170 -5.47 37.91 -6.64
C ALA A 170 -6.71 38.21 -7.48
N LEU A 171 -7.58 37.22 -7.66
CA LEU A 171 -8.73 37.36 -8.53
C LEU A 171 -9.99 37.74 -7.77
N LEU A 172 -9.83 38.33 -6.59
CA LEU A 172 -10.98 38.67 -5.77
C LEU A 172 -11.81 39.77 -6.43
N SER A 173 -11.15 40.81 -6.91
CA SER A 173 -11.82 41.98 -7.46
C SER A 173 -11.61 42.16 -8.96
N THR A 174 -10.91 41.23 -9.62
CA THR A 174 -10.68 41.31 -11.06
C THR A 174 -10.62 39.90 -11.61
N ASN A 175 -10.79 39.79 -12.93
CA ASN A 175 -10.78 38.50 -13.60
C ASN A 175 -9.43 38.18 -14.23
N LYS A 176 -8.57 39.19 -14.36
CA LYS A 176 -7.25 39.05 -14.95
C LYS A 176 -6.23 39.50 -13.91
N ALA A 177 -5.22 38.67 -13.66
CA ALA A 177 -4.17 39.03 -12.72
C ALA A 177 -2.93 38.20 -12.98
N VAL A 178 -1.78 38.80 -12.71
CA VAL A 178 -0.50 38.10 -12.77
C VAL A 178 -0.19 37.66 -11.34
N VAL A 179 0.16 36.39 -11.17
CA VAL A 179 0.47 35.86 -9.84
C VAL A 179 1.83 35.19 -9.90
N SER A 180 2.70 35.56 -8.96
CA SER A 180 3.97 34.88 -8.80
C SER A 180 3.77 33.67 -7.89
N LEU A 181 4.14 32.49 -8.39
CA LEU A 181 4.00 31.27 -7.63
C LEU A 181 5.15 31.13 -6.63
N SER A 182 5.03 30.12 -5.77
CA SER A 182 6.01 29.97 -4.69
C SER A 182 7.40 29.65 -5.22
N ASN A 183 7.51 29.12 -6.44
CA ASN A 183 8.80 28.80 -7.02
C ASN A 183 9.36 29.94 -7.87
N GLY A 184 8.74 31.12 -7.81
CA GLY A 184 9.22 32.28 -8.51
C GLY A 184 8.65 32.49 -9.89
N VAL A 185 7.90 31.52 -10.43
CA VAL A 185 7.31 31.67 -11.75
C VAL A 185 6.13 32.64 -11.69
N SER A 186 6.16 33.65 -12.54
CA SER A 186 5.10 34.65 -12.61
C SER A 186 4.17 34.25 -13.75
N VAL A 187 2.97 33.79 -13.39
CA VAL A 187 1.96 33.32 -14.33
C VAL A 187 0.77 34.26 -14.40
N LEU A 188 0.21 34.41 -15.59
CA LEU A 188 -1.03 35.14 -15.80
C LEU A 188 -2.22 34.25 -15.41
N THR A 189 -3.16 34.80 -14.66
CA THR A 189 -4.30 34.06 -14.15
C THR A 189 -5.58 34.72 -14.66
N PHE A 190 -6.58 33.89 -14.94
CA PHE A 190 -7.78 34.33 -15.65
C PHE A 190 -8.99 33.60 -15.07
N LYS A 191 -9.90 34.34 -14.43
CA LYS A 191 -11.18 33.79 -14.00
C LYS A 191 -12.20 33.91 -15.13
N VAL A 192 -12.53 32.78 -15.75
CA VAL A 192 -13.38 32.78 -16.95
C VAL A 192 -14.85 32.52 -16.63
N LEU A 193 -15.19 32.10 -15.42
CA LEU A 193 -16.58 31.79 -15.08
C LEU A 193 -16.72 31.85 -13.57
N ASP A 194 -17.63 32.68 -13.07
CA ASP A 194 -17.85 32.83 -11.63
C ASP A 194 -19.18 32.20 -11.19
N LEU A 195 -19.16 30.89 -10.94
CA LEU A 195 -20.37 30.21 -10.46
C LEU A 195 -20.61 30.39 -8.97
N LYS A 196 -19.57 30.69 -8.18
CA LYS A 196 -19.72 30.94 -6.75
C LYS A 196 -20.64 32.12 -6.46
N ASN A 197 -20.35 33.27 -7.09
CA ASN A 197 -21.15 34.47 -6.88
C ASN A 197 -22.61 34.25 -7.27
N TYR A 198 -22.85 33.51 -8.36
CA TYR A 198 -24.21 33.31 -8.83
C TYR A 198 -25.06 32.49 -7.86
N ILE A 199 -24.52 31.42 -7.30
CA ILE A 199 -25.37 30.57 -6.45
C ILE A 199 -25.61 31.17 -5.06
N ASP A 200 -24.60 31.78 -4.46
CA ASP A 200 -24.70 32.38 -3.12
C ASP A 200 -25.56 33.64 -3.00
N LYS A 201 -25.66 34.48 -4.04
CA LYS A 201 -26.67 35.55 -3.98
C LYS A 201 -28.06 35.26 -4.55
N GLN A 202 -28.17 34.60 -5.70
CA GLN A 202 -29.45 34.20 -6.28
C GLN A 202 -30.12 32.95 -5.67
N LEU A 203 -29.46 31.80 -5.74
CA LEU A 203 -30.07 30.52 -5.38
C LEU A 203 -30.05 30.22 -3.88
N LEU A 204 -28.91 30.37 -3.20
CA LEU A 204 -28.86 30.02 -1.78
C LEU A 204 -29.94 30.67 -0.91
N PRO A 205 -30.31 31.95 -1.07
CA PRO A 205 -31.43 32.46 -0.24
C PRO A 205 -32.75 31.71 -0.48
N ILE A 206 -32.91 31.13 -1.67
CA ILE A 206 -34.14 30.46 -2.10
C ILE A 206 -34.22 28.96 -1.78
N LEU A 207 -33.09 28.28 -1.58
CA LEU A 207 -33.10 26.82 -1.36
C LEU A 207 -33.29 26.39 0.09
N ASN A 208 -33.40 27.29 1.06
CA ASN A 208 -33.55 26.84 2.43
C ASN A 208 -34.85 27.38 3.04
N SER A 211 -37.66 29.31 0.21
CA SER A 211 -39.11 29.37 0.06
C SER A 211 -39.59 28.37 -0.99
N CYS A 212 -38.65 27.83 -1.77
CA CYS A 212 -38.89 26.72 -2.69
C CYS A 212 -39.82 27.11 -3.83
N SER A 213 -39.86 28.41 -4.14
CA SER A 213 -40.89 29.00 -5.00
C SER A 213 -40.15 29.96 -5.93
N ILE A 214 -40.00 29.57 -7.18
CA ILE A 214 -39.13 30.26 -8.14
C ILE A 214 -39.96 30.34 -9.42
N SER A 215 -40.70 31.43 -9.57
CA SER A 215 -41.76 31.49 -10.56
C SER A 215 -41.35 32.24 -11.81
N ASN A 216 -40.06 32.49 -12.01
CA ASN A 216 -39.69 33.06 -13.29
C ASN A 216 -38.61 32.22 -13.95
N ILE A 217 -38.74 32.17 -15.28
CA ILE A 217 -37.91 31.38 -16.17
C ILE A 217 -36.49 31.88 -16.39
N GLU A 218 -36.25 33.20 -16.22
CA GLU A 218 -34.91 33.75 -16.53
C GLU A 218 -33.83 33.37 -15.52
N THR A 219 -34.18 33.08 -14.27
CA THR A 219 -33.15 32.63 -13.34
C THR A 219 -32.70 31.21 -13.69
N VAL A 220 -33.67 30.36 -14.03
CA VAL A 220 -33.43 29.00 -14.52
C VAL A 220 -32.50 28.99 -15.73
N ILE A 221 -32.77 29.85 -16.72
CA ILE A 221 -31.97 29.88 -17.95
C ILE A 221 -30.51 30.21 -17.66
N GLU A 222 -30.24 31.22 -16.83
CA GLU A 222 -28.85 31.60 -16.63
C GLU A 222 -28.05 30.46 -16.01
N PHE A 223 -28.63 29.77 -15.01
CA PHE A 223 -27.90 28.66 -14.40
C PHE A 223 -27.66 27.53 -15.40
N GLN A 224 -28.66 27.21 -16.24
CA GLN A 224 -28.46 26.17 -17.25
C GLN A 224 -27.35 26.54 -18.22
N GLN A 225 -27.28 27.81 -18.61
CA GLN A 225 -26.25 28.27 -19.53
C GLN A 225 -24.88 28.17 -18.90
N LYS A 226 -24.76 28.67 -17.66
CA LYS A 226 -23.49 28.68 -16.97
C LYS A 226 -23.04 27.27 -16.60
N ASN A 227 -23.96 26.41 -16.17
CA ASN A 227 -23.54 25.08 -15.78
C ASN A 227 -23.20 24.22 -16.98
N ASN A 228 -23.81 24.47 -18.14
CA ASN A 228 -23.58 23.60 -19.30
C ASN A 228 -22.09 23.59 -19.66
N ARG A 229 -21.45 24.76 -19.55
CA ARG A 229 -20.02 24.89 -19.85
C ARG A 229 -19.18 24.06 -18.90
N LEU A 230 -19.52 24.07 -17.62
CA LEU A 230 -18.80 23.26 -16.64
C LEU A 230 -18.92 21.78 -16.99
N LEU A 231 -20.11 21.34 -17.39
CA LEU A 231 -20.31 19.93 -17.74
C LEU A 231 -19.45 19.53 -18.93
N GLU A 232 -19.31 20.42 -19.92
CA GLU A 232 -18.54 20.05 -21.10
C GLU A 232 -17.04 20.07 -20.81
N ILE A 233 -16.57 21.07 -20.05
CA ILE A 233 -15.16 21.09 -19.65
C ILE A 233 -14.84 19.82 -18.89
N THR A 234 -15.73 19.43 -17.96
CA THR A 234 -15.54 18.19 -17.22
C THR A 234 -15.51 16.99 -18.15
N ARG A 235 -16.41 16.96 -19.14
CA ARG A 235 -16.41 15.88 -20.11
C ARG A 235 -15.07 15.78 -20.84
N GLU A 236 -14.57 16.93 -21.34
CA GLU A 236 -13.34 16.92 -22.12
C GLU A 236 -12.17 16.37 -21.30
N PHE A 237 -12.00 16.86 -20.08
CA PHE A 237 -10.90 16.38 -19.26
C PHE A 237 -11.08 14.89 -18.95
N SER A 238 -12.33 14.48 -18.75
CA SER A 238 -12.66 13.10 -18.41
C SER A 238 -12.35 12.11 -19.53
N VAL A 239 -12.43 12.54 -20.80
CA VAL A 239 -12.17 11.67 -21.93
C VAL A 239 -10.80 11.93 -22.56
N ASN A 240 -9.99 12.78 -21.92
CA ASN A 240 -8.65 13.04 -22.44
C ASN A 240 -7.58 12.87 -21.37
N ALA A 241 -7.92 12.22 -20.25
CA ALA A 241 -7.00 12.01 -19.13
C ALA A 241 -6.32 13.32 -18.73
N GLY A 242 -7.15 14.37 -18.63
CA GLY A 242 -6.73 15.65 -18.10
C GLY A 242 -5.90 16.51 -19.02
N VAL A 243 -5.69 16.11 -20.28
CA VAL A 243 -4.89 16.88 -21.23
C VAL A 243 -5.62 16.92 -22.57
N THR A 244 -6.03 18.11 -23.00
CA THR A 244 -6.80 18.24 -24.24
C THR A 244 -6.06 19.11 -25.24
N THR A 245 -6.27 18.79 -26.51
CA THR A 245 -5.81 19.54 -27.67
C THR A 245 -6.62 19.09 -28.88
N PRO A 246 -7.13 20.02 -29.70
CA PRO A 246 -7.04 21.49 -29.60
C PRO A 246 -7.77 22.06 -28.39
N VAL A 247 -7.45 23.29 -28.01
CA VAL A 247 -8.12 23.93 -26.89
C VAL A 247 -9.48 24.39 -27.39
N SER A 248 -10.54 23.84 -26.81
CA SER A 248 -11.89 24.10 -27.30
C SER A 248 -12.37 25.49 -26.89
N THR A 249 -13.52 25.87 -27.43
CA THR A 249 -14.10 27.16 -27.09
C THR A 249 -14.84 27.10 -25.76
N TYR A 250 -14.98 25.90 -25.21
CA TYR A 250 -15.45 25.70 -23.85
C TYR A 250 -14.34 26.00 -22.86
N MET A 251 -13.12 25.58 -23.18
CA MET A 251 -11.96 25.87 -22.34
C MET A 251 -11.71 27.37 -22.32
N LEU A 252 -11.84 28.01 -23.47
CA LEU A 252 -11.46 29.41 -23.66
C LEU A 252 -12.24 29.93 -24.86
N THR A 253 -13.23 30.79 -24.59
CA THR A 253 -14.04 31.35 -25.66
C THR A 253 -13.18 32.24 -26.57
N ASN A 254 -13.74 32.59 -27.72
CA ASN A 254 -13.01 33.41 -28.68
C ASN A 254 -12.64 34.77 -28.09
N SER A 255 -13.55 35.42 -27.37
CA SER A 255 -13.23 36.70 -26.76
C SER A 255 -12.17 36.55 -25.67
N GLU A 256 -12.31 35.53 -24.82
CA GLU A 256 -11.32 35.26 -23.77
C GLU A 256 -9.93 35.02 -24.35
N LEU A 257 -9.84 34.17 -25.38
CA LEU A 257 -8.56 33.87 -26.03
C LEU A 257 -7.95 35.12 -26.66
N LEU A 258 -8.76 35.91 -27.35
CA LEU A 258 -8.26 37.12 -28.02
C LEU A 258 -7.64 38.10 -27.02
N SER A 259 -8.27 38.27 -25.84
CA SER A 259 -7.72 39.20 -24.86
C SER A 259 -6.49 38.63 -24.15
N LEU A 260 -6.44 37.32 -23.97
CA LEU A 260 -5.23 36.66 -23.46
C LEU A 260 -4.04 36.94 -24.37
N ILE A 261 -4.23 36.77 -25.68
CA ILE A 261 -3.21 37.06 -26.68
C ILE A 261 -2.76 38.51 -26.58
N ASN A 262 -3.72 39.42 -26.38
CA ASN A 262 -3.42 40.85 -26.29
C ASN A 262 -2.54 41.17 -25.09
N ASP A 263 -2.70 40.46 -23.98
CA ASP A 263 -1.92 40.71 -22.77
C ASP A 263 -0.61 39.95 -22.74
N MET A 264 -0.26 39.22 -23.81
CA MET A 264 0.95 38.41 -23.84
C MET A 264 2.19 39.30 -24.04
N PRO A 265 3.32 38.91 -23.45
CA PRO A 265 4.58 39.66 -23.63
C PRO A 265 5.23 39.42 -24.99
N ILE A 266 4.57 39.89 -26.04
CA ILE A 266 5.03 39.70 -27.41
C ILE A 266 4.88 41.01 -28.18
N THR A 267 5.49 41.06 -29.36
CA THR A 267 5.42 42.22 -30.23
C THR A 267 4.02 42.36 -30.84
N ASN A 268 3.74 43.56 -31.36
CA ASN A 268 2.47 43.78 -32.02
C ASN A 268 2.30 42.88 -33.24
N ASP A 269 3.40 42.61 -33.94
CA ASP A 269 3.37 41.69 -35.08
C ASP A 269 2.93 40.29 -34.64
N GLN A 270 3.42 39.84 -33.49
CA GLN A 270 3.04 38.54 -32.96
C GLN A 270 1.58 38.52 -32.52
N LYS A 271 1.13 39.57 -31.83
CA LYS A 271 -0.26 39.69 -31.42
C LYS A 271 -1.21 39.65 -32.62
N LYS A 272 -0.85 40.35 -33.70
CA LYS A 272 -1.68 40.40 -34.90
C LYS A 272 -1.76 39.04 -35.59
N LEU A 273 -0.63 38.35 -35.71
CA LEU A 273 -0.59 37.04 -36.36
C LEU A 273 -1.49 36.02 -35.66
N MET A 274 -1.43 35.98 -34.33
CA MET A 274 -2.24 35.02 -33.58
C MET A 274 -3.72 35.35 -33.65
N SER A 275 -4.09 36.63 -33.64
CA SER A 275 -5.50 37.00 -33.68
C SER A 275 -6.16 36.68 -35.01
N ASN A 276 -5.41 36.77 -36.11
CA ASN A 276 -5.93 36.48 -37.45
C ASN A 276 -5.94 35.00 -37.77
N ASN A 277 -5.42 34.16 -36.88
CA ASN A 277 -5.32 32.71 -37.07
C ASN A 277 -5.65 31.99 -35.78
N VAL A 278 -6.74 32.39 -35.12
CA VAL A 278 -7.08 31.83 -33.82
C VAL A 278 -7.31 30.33 -33.91
N GLN A 279 -7.80 29.85 -35.06
CA GLN A 279 -8.05 28.42 -35.22
C GLN A 279 -6.76 27.61 -35.23
N ILE A 280 -5.66 28.20 -35.71
CA ILE A 280 -4.37 27.51 -35.67
C ILE A 280 -3.79 27.55 -34.26
N VAL A 281 -3.91 28.70 -33.59
CA VAL A 281 -3.43 28.83 -32.21
C VAL A 281 -4.07 27.75 -31.33
N ARG A 282 -5.37 27.51 -31.52
CA ARG A 282 -6.05 26.48 -30.74
C ARG A 282 -5.46 25.10 -31.02
N GLN A 283 -5.11 24.83 -32.29
CA GLN A 283 -4.60 23.51 -32.66
C GLN A 283 -3.20 23.26 -32.11
N GLN A 284 -2.44 24.31 -31.82
CA GLN A 284 -1.09 24.18 -31.29
C GLN A 284 -1.01 24.46 -29.79
N SER A 285 -2.16 24.48 -29.11
CA SER A 285 -2.23 24.74 -27.68
C SER A 285 -2.68 23.49 -26.95
N TYR A 286 -2.38 23.46 -25.64
CA TYR A 286 -2.81 22.40 -24.74
C TYR A 286 -3.59 22.98 -23.56
N SER A 287 -4.65 22.28 -23.14
CA SER A 287 -5.34 22.55 -21.88
C SER A 287 -5.00 21.42 -20.92
N ILE A 288 -4.36 21.76 -19.80
CA ILE A 288 -3.87 20.78 -18.83
C ILE A 288 -4.62 20.90 -17.50
N MET A 289 -5.49 19.92 -17.22
CA MET A 289 -6.22 19.82 -15.97
C MET A 289 -5.28 19.76 -14.77
N CYS A 290 -5.50 20.61 -13.76
CA CYS A 290 -4.48 20.77 -12.72
C CYS A 290 -5.00 20.43 -11.34
N ILE A 291 -6.03 21.13 -10.86
CA ILE A 291 -6.45 20.95 -9.47
C ILE A 291 -7.88 21.42 -9.29
N ILE A 292 -8.62 20.73 -8.43
CA ILE A 292 -9.88 21.22 -7.90
C ILE A 292 -9.72 21.19 -6.39
N LYS A 293 -9.67 22.36 -5.78
CA LYS A 293 -9.39 22.48 -4.36
C LYS A 293 -9.88 23.83 -3.87
N GLU A 294 -10.58 23.83 -2.74
CA GLU A 294 -11.09 25.06 -2.14
C GLU A 294 -11.96 25.87 -3.10
N GLU A 295 -12.94 25.19 -3.69
CA GLU A 295 -13.94 25.74 -4.60
C GLU A 295 -13.34 26.40 -5.84
N VAL A 296 -12.08 26.12 -6.17
CA VAL A 296 -11.46 26.60 -7.41
C VAL A 296 -11.13 25.42 -8.31
N LEU A 297 -11.67 25.41 -9.52
CA LEU A 297 -11.21 24.49 -10.56
C LEU A 297 -10.24 25.27 -11.43
N ALA A 298 -9.02 24.76 -11.60
CA ALA A 298 -8.01 25.46 -12.38
C ALA A 298 -7.35 24.51 -13.35
N TYR A 299 -7.32 24.90 -14.63
CA TYR A 299 -6.55 24.22 -15.67
C TYR A 299 -5.61 25.20 -16.35
N VAL A 300 -4.43 24.72 -16.71
CA VAL A 300 -3.43 25.52 -17.42
C VAL A 300 -3.66 25.43 -18.92
N VAL A 301 -3.74 26.58 -19.59
CA VAL A 301 -3.78 26.62 -21.04
C VAL A 301 -2.40 27.06 -21.51
N GLN A 302 -1.74 26.19 -22.26
CA GLN A 302 -0.37 26.37 -22.72
C GLN A 302 -0.39 26.89 -24.15
N LEU A 303 0.00 28.15 -24.36
CA LEU A 303 -0.14 28.72 -25.69
C LEU A 303 1.21 28.82 -26.40
N PRO A 304 1.23 28.61 -27.72
CA PRO A 304 2.49 28.69 -28.46
C PRO A 304 3.05 30.11 -28.53
N LEU A 305 4.37 30.21 -28.37
CA LEU A 305 5.09 31.45 -28.66
C LEU A 305 5.80 31.29 -29.99
N TYR A 306 5.47 32.18 -30.94
CA TYR A 306 6.08 32.18 -32.28
C TYR A 306 7.23 33.18 -32.29
N GLY A 307 8.42 32.71 -31.95
CA GLY A 307 9.60 33.53 -31.83
C GLY A 307 10.32 33.81 -33.13
N VAL A 308 9.88 33.18 -34.23
CA VAL A 308 10.41 33.42 -35.56
C VAL A 308 9.23 33.70 -36.48
N ILE A 309 9.20 34.90 -37.05
CA ILE A 309 8.10 35.36 -37.90
C ILE A 309 8.65 36.04 -39.16
N ASP A 310 7.99 35.73 -40.28
CA ASP A 310 8.19 36.37 -41.58
C ASP A 310 9.52 36.02 -42.22
N THR A 311 10.07 34.87 -41.86
CA THR A 311 11.20 34.39 -42.64
C THR A 311 10.72 33.49 -43.78
N PRO A 312 11.47 33.40 -44.88
CA PRO A 312 11.04 32.55 -46.00
C PRO A 312 10.96 31.07 -45.64
N CYS A 313 9.90 30.41 -46.11
CA CYS A 313 9.73 28.96 -45.99
C CYS A 313 9.50 28.37 -47.37
N TRP A 314 9.94 27.12 -47.56
CA TRP A 314 9.64 26.40 -48.79
C TRP A 314 9.43 24.92 -48.50
N LYS A 315 8.59 24.29 -49.32
CA LYS A 315 8.23 22.88 -49.21
C LYS A 315 8.84 22.09 -50.36
N LEU A 316 9.62 21.06 -50.04
CA LEU A 316 10.27 20.22 -51.05
C LEU A 316 9.46 18.95 -51.29
N HIS A 317 9.00 18.76 -52.53
CA HIS A 317 8.29 17.57 -52.98
C HIS A 317 9.23 16.75 -53.86
N THR A 318 9.23 15.43 -53.66
CA THR A 318 10.09 14.55 -54.46
C THR A 318 9.31 13.33 -54.91
N SER A 319 9.82 12.69 -55.98
CA SER A 319 9.16 11.56 -56.61
C SER A 319 10.24 10.72 -57.30
N PRO A 320 9.99 9.43 -57.50
CA PRO A 320 11.05 8.56 -58.05
C PRO A 320 11.45 8.93 -59.47
N LEU A 321 12.76 8.97 -59.71
CA LEU A 321 13.35 9.21 -61.02
C LEU A 321 13.99 7.91 -61.50
N CYS A 322 13.42 7.28 -62.54
CA CYS A 322 13.95 6.03 -63.04
C CYS A 322 14.33 6.11 -64.51
N THR A 323 15.24 5.22 -64.89
CA THR A 323 15.53 4.96 -66.29
C THR A 323 14.32 4.32 -66.95
N THR A 324 14.30 4.34 -68.27
CA THR A 324 13.13 3.90 -69.03
C THR A 324 13.49 2.85 -70.07
N ASN A 325 14.44 1.97 -69.76
CA ASN A 325 14.78 0.90 -70.69
C ASN A 325 13.58 -0.02 -70.91
N THR A 326 13.55 -0.66 -72.08
CA THR A 326 12.43 -1.51 -72.45
C THR A 326 12.34 -2.76 -71.58
N LYS A 327 13.45 -3.47 -71.42
CA LYS A 327 13.47 -4.71 -70.64
C LYS A 327 13.14 -4.48 -69.17
N GLU A 328 12.07 -5.14 -68.72
CA GLU A 328 11.61 -5.01 -67.33
C GLU A 328 12.67 -5.51 -66.35
N GLY A 329 12.79 -4.77 -65.24
CA GLY A 329 13.71 -5.10 -64.17
C GLY A 329 15.15 -4.69 -64.43
N SER A 330 15.42 -4.10 -65.58
CA SER A 330 16.74 -3.61 -65.94
C SER A 330 16.91 -2.13 -65.62
N ASN A 331 15.88 -1.51 -65.06
CA ASN A 331 15.89 -0.08 -64.76
C ASN A 331 16.36 0.18 -63.34
N ILE A 332 16.95 1.35 -63.16
CA ILE A 332 17.45 1.82 -61.87
C ILE A 332 16.75 3.13 -61.53
N CYS A 333 16.56 3.38 -60.24
CA CYS A 333 15.81 4.54 -59.77
C CYS A 333 16.53 5.31 -58.68
N LEU A 334 16.17 6.58 -58.61
CA LEU A 334 16.70 7.54 -57.66
C LEU A 334 15.62 8.48 -57.14
N THR A 335 15.60 8.72 -55.83
CA THR A 335 14.63 9.64 -55.26
C THR A 335 15.30 10.49 -54.19
N ARG A 336 15.17 11.81 -54.33
CA ARG A 336 15.62 12.73 -53.28
C ARG A 336 14.83 12.56 -51.98
N THR A 337 15.56 12.35 -50.89
CA THR A 337 14.93 12.12 -49.60
C THR A 337 14.92 13.48 -48.90
N ASP A 338 14.64 13.49 -47.59
CA ASP A 338 14.51 14.73 -46.84
C ASP A 338 13.41 15.66 -47.37
N ARG A 339 12.36 15.14 -47.98
CA ARG A 339 11.28 15.99 -48.43
C ARG A 339 10.54 16.54 -47.21
N GLY A 340 9.93 17.71 -47.36
CA GLY A 340 9.28 18.33 -46.24
C GLY A 340 9.41 19.84 -46.30
N TRP A 341 9.04 20.50 -45.20
CA TRP A 341 9.13 21.96 -45.08
C TRP A 341 10.50 22.42 -44.59
N TYR A 342 10.97 23.53 -45.16
CA TYR A 342 12.22 24.19 -44.78
C TYR A 342 11.90 25.66 -44.50
N CYS A 343 12.43 26.20 -43.40
CA CYS A 343 12.26 27.61 -43.05
C CYS A 343 13.58 28.23 -42.61
N ASP A 344 13.89 29.40 -43.17
CA ASP A 344 15.01 30.20 -42.70
C ASP A 344 14.83 30.55 -41.23
N ASN A 345 15.89 30.38 -40.45
CA ASN A 345 15.81 30.60 -39.01
C ASN A 345 17.22 30.89 -38.49
N ALA A 346 17.48 32.15 -38.16
CA ALA A 346 18.72 32.56 -37.47
C ALA A 346 19.98 32.16 -38.23
N GLY A 347 19.99 32.38 -39.55
CA GLY A 347 21.18 32.12 -40.34
C GLY A 347 21.33 30.69 -40.81
N SER A 348 20.48 29.79 -40.34
CA SER A 348 20.44 28.40 -40.77
C SER A 348 19.07 28.10 -41.36
N VAL A 349 18.80 26.83 -41.63
CA VAL A 349 17.50 26.41 -42.14
C VAL A 349 16.91 25.34 -41.23
N SER A 350 15.69 25.58 -40.74
CA SER A 350 14.94 24.63 -39.93
C SER A 350 14.16 23.66 -40.83
N PHE A 351 14.41 22.37 -40.65
CA PHE A 351 13.85 21.31 -41.48
C PHE A 351 12.93 20.46 -40.62
N PHE A 352 11.66 20.32 -41.02
CA PHE A 352 10.70 19.56 -40.21
C PHE A 352 10.38 18.26 -40.93
N PRO A 353 11.11 17.18 -40.62
CA PRO A 353 10.95 15.90 -41.32
C PRO A 353 9.61 15.19 -41.22
N GLN A 354 8.96 15.27 -40.06
CA GLN A 354 7.65 14.64 -39.85
C GLN A 354 6.47 15.56 -40.17
N ALA A 355 5.71 15.18 -41.19
CA ALA A 355 4.59 15.95 -41.72
C ALA A 355 3.59 16.24 -40.60
N GLU A 356 2.56 17.03 -40.91
CA GLU A 356 1.48 17.32 -39.97
C GLU A 356 1.97 18.18 -38.82
N THR A 357 3.28 18.36 -38.65
CA THR A 357 3.64 19.25 -37.57
C THR A 357 3.57 20.70 -38.00
N CYS A 358 3.41 20.96 -39.29
CA CYS A 358 3.22 22.32 -39.77
C CYS A 358 1.76 22.48 -40.19
N LYS A 359 1.19 23.67 -39.94
CA LYS A 359 -0.17 23.94 -40.38
C LYS A 359 -0.09 25.12 -41.36
N VAL A 360 -0.67 24.99 -42.54
CA VAL A 360 -0.59 26.06 -43.52
C VAL A 360 -1.92 26.81 -43.61
N GLN A 361 -1.88 28.11 -43.42
CA GLN A 361 -3.02 29.01 -43.63
C GLN A 361 -2.59 30.08 -44.61
N SER A 362 -3.21 30.14 -45.79
CA SER A 362 -2.81 31.11 -46.77
C SER A 362 -1.41 30.94 -47.10
N ASN A 363 -0.56 31.94 -46.92
CA ASN A 363 0.85 31.80 -47.25
C ASN A 363 1.71 31.82 -45.99
N ARG A 364 1.10 31.76 -44.82
CA ARG A 364 1.79 31.70 -43.55
C ARG A 364 1.84 30.24 -43.12
N VAL A 365 3.01 29.77 -42.68
CA VAL A 365 3.16 28.38 -42.25
C VAL A 365 3.60 28.34 -40.79
N PHE A 366 2.80 27.67 -39.97
CA PHE A 366 3.02 27.50 -38.54
C PHE A 366 3.67 26.14 -38.30
N CYS A 367 4.86 26.11 -37.71
CA CYS A 367 5.52 24.84 -37.41
C CYS A 367 5.97 24.79 -35.95
N ASP A 368 6.45 23.60 -35.53
CA ASP A 368 6.92 23.41 -34.16
C ASP A 368 8.37 22.95 -34.22
N THR A 369 9.26 23.75 -33.59
CA THR A 369 10.71 23.53 -33.62
C THR A 369 11.23 22.31 -32.84
N MET A 370 10.46 21.70 -31.94
CA MET A 370 10.99 20.52 -31.24
C MET A 370 11.22 19.35 -32.17
N ASN A 371 10.48 19.28 -33.28
CA ASN A 371 10.59 18.22 -34.27
C ASN A 371 11.38 18.64 -35.51
N SER A 372 12.38 19.51 -35.36
CA SER A 372 13.15 19.96 -36.50
C SER A 372 14.64 19.69 -36.30
N LEU A 373 15.36 19.65 -37.42
CA LEU A 373 16.80 19.77 -37.49
C LEU A 373 17.22 21.17 -37.92
N THR A 374 18.41 21.56 -37.48
CA THR A 374 19.03 22.82 -37.86
C THR A 374 20.13 22.54 -38.89
N LEU A 375 19.93 23.01 -40.13
CA LEU A 375 20.88 22.65 -41.17
C LEU A 375 21.63 23.88 -41.67
N PRO A 376 22.84 23.71 -42.21
CA PRO A 376 23.52 24.83 -42.87
C PRO A 376 22.69 25.35 -44.03
N SER A 377 22.78 26.66 -44.28
CA SER A 377 21.94 27.22 -45.33
C SER A 377 22.36 26.74 -46.72
N GLU A 378 23.53 26.13 -46.85
CA GLU A 378 24.02 25.55 -48.09
C GLU A 378 23.20 24.34 -48.54
N VAL A 379 22.33 23.81 -47.67
CA VAL A 379 21.42 22.72 -48.01
C VAL A 379 20.54 23.08 -49.21
N ASN A 380 20.33 24.38 -49.45
CA ASN A 380 19.54 24.84 -50.58
C ASN A 380 20.18 24.48 -51.90
N LEU A 381 21.50 24.29 -51.93
CA LEU A 381 22.17 23.99 -53.19
C LEU A 381 21.66 22.71 -53.84
N CYS A 382 21.08 21.77 -53.08
CA CYS A 382 20.63 20.53 -53.70
C CYS A 382 19.51 20.76 -54.71
N ASN A 383 18.83 21.90 -54.64
CA ASN A 383 17.75 22.19 -55.57
C ASN A 383 18.30 22.70 -56.89
N VAL A 384 19.29 23.59 -56.83
CA VAL A 384 19.90 24.17 -58.02
C VAL A 384 21.04 23.31 -58.57
N ASP A 385 21.85 22.70 -57.70
CA ASP A 385 22.99 21.89 -58.15
C ASP A 385 23.16 20.70 -57.20
N ILE A 386 22.57 19.56 -57.57
CA ILE A 386 22.59 18.40 -56.68
C ILE A 386 23.94 17.74 -56.53
N PHE A 387 24.92 18.01 -57.40
CA PHE A 387 26.25 17.43 -57.27
C PHE A 387 27.28 18.38 -56.67
N ASN A 388 26.85 19.52 -56.15
CA ASN A 388 27.77 20.47 -55.55
C ASN A 388 28.65 19.80 -54.50
N PRO A 389 29.89 20.24 -54.36
CA PRO A 389 30.84 19.59 -53.46
C PRO A 389 30.74 20.07 -52.02
N LYS A 390 29.81 21.00 -51.73
CA LYS A 390 29.73 21.68 -50.45
C LYS A 390 28.67 21.10 -49.53
N TYR A 391 27.69 20.38 -50.06
CA TYR A 391 26.69 19.74 -49.22
C TYR A 391 26.37 18.39 -49.84
N ASP A 392 26.34 17.34 -49.02
CA ASP A 392 26.11 15.99 -49.51
C ASP A 392 24.61 15.68 -49.59
N CYS A 393 24.03 15.91 -50.77
CA CYS A 393 22.58 15.80 -50.94
C CYS A 393 22.12 14.37 -50.70
N LYS A 394 21.01 14.21 -49.98
CA LYS A 394 20.54 12.90 -49.58
C LYS A 394 19.59 12.33 -50.64
N ILE A 395 19.79 11.05 -51.00
CA ILE A 395 18.95 10.35 -51.96
C ILE A 395 18.80 8.92 -51.50
N MET A 396 17.77 8.24 -52.02
CA MET A 396 17.65 6.80 -51.88
C MET A 396 17.64 6.17 -53.27
N THR A 397 18.10 4.92 -53.34
CA THR A 397 18.18 4.19 -54.59
C THR A 397 17.39 2.89 -54.54
N SER A 398 16.92 2.46 -55.71
CA SER A 398 16.22 1.19 -55.86
C SER A 398 16.16 0.84 -57.33
N LYS A 399 15.58 -0.32 -57.64
CA LYS A 399 15.26 -0.70 -59.02
C LYS A 399 13.75 -0.88 -59.23
N THR A 400 12.95 -0.37 -58.30
CA THR A 400 11.49 -0.55 -58.29
C THR A 400 10.85 0.61 -59.04
N ASP A 401 10.75 0.47 -60.36
CA ASP A 401 10.22 1.55 -61.20
C ASP A 401 8.70 1.44 -61.31
N VAL A 402 8.05 1.80 -60.20
CA VAL A 402 6.59 1.86 -60.12
C VAL A 402 6.16 3.30 -60.37
N SER A 403 4.92 3.44 -60.86
CA SER A 403 4.38 4.73 -61.24
C SER A 403 3.62 5.36 -60.08
N SER A 404 3.71 6.68 -59.96
CA SER A 404 2.95 7.40 -58.94
C SER A 404 2.92 8.87 -59.30
N SER A 405 2.18 9.64 -58.51
CA SER A 405 2.13 11.09 -58.62
C SER A 405 2.24 11.71 -57.24
N VAL A 406 2.84 12.90 -57.19
CA VAL A 406 2.87 13.72 -55.99
C VAL A 406 2.14 15.02 -56.30
N ILE A 407 1.03 15.28 -55.59
CA ILE A 407 0.30 16.52 -55.77
C ILE A 407 0.99 17.62 -54.99
N THR A 408 1.42 18.68 -55.68
CA THR A 408 2.18 19.74 -55.04
C THR A 408 1.25 20.90 -54.67
N SER A 409 1.84 22.02 -54.25
CA SER A 409 1.06 23.21 -53.95
C SER A 409 0.40 23.79 -55.20
N LEU A 410 1.10 23.77 -56.34
CA LEU A 410 0.65 24.50 -57.51
C LEU A 410 0.59 23.63 -58.76
N GLY A 411 0.66 22.31 -58.62
CA GLY A 411 0.64 21.42 -59.75
C GLY A 411 0.71 19.96 -59.33
N ALA A 412 1.35 19.13 -60.16
CA ALA A 412 1.43 17.70 -59.90
C ALA A 412 2.68 17.15 -60.58
N ILE A 413 3.47 16.37 -59.85
CA ILE A 413 4.59 15.64 -60.44
C ILE A 413 4.08 14.26 -60.83
N VAL A 414 4.40 13.81 -62.04
CA VAL A 414 3.98 12.50 -62.51
C VAL A 414 5.22 11.68 -62.84
N SER A 415 5.42 10.58 -62.12
CA SER A 415 6.46 9.59 -62.41
C SER A 415 5.79 8.41 -63.12
N CYS A 416 5.88 8.38 -64.44
CA CYS A 416 5.18 7.41 -65.27
C CYS A 416 6.17 6.45 -65.91
N TYR A 417 6.03 5.15 -65.59
CA TYR A 417 6.94 4.13 -66.09
C TYR A 417 6.17 2.90 -66.56
N GLY A 418 6.86 2.11 -67.39
CA GLY A 418 6.33 0.85 -67.89
C GLY A 418 5.16 1.06 -68.83
N LYS A 419 4.08 0.31 -68.65
CA LYS A 419 2.94 0.43 -69.55
C LYS A 419 1.80 1.28 -68.99
N THR A 420 2.01 1.97 -67.88
CA THR A 420 0.91 2.72 -67.30
C THR A 420 0.50 3.87 -68.21
N LYS A 421 -0.81 4.06 -68.37
CA LYS A 421 -1.34 5.24 -69.05
C LYS A 421 -1.46 6.34 -68.00
N CYS A 422 -0.77 7.45 -68.23
CA CYS A 422 -0.76 8.59 -67.32
C CYS A 422 -1.17 9.84 -68.07
N THR A 423 -2.24 10.48 -67.62
CA THR A 423 -2.78 11.66 -68.27
C THR A 423 -3.21 12.68 -67.22
N ALA A 424 -3.46 13.90 -67.68
CA ALA A 424 -4.04 14.96 -66.89
C ALA A 424 -5.21 15.51 -67.68
N SER A 425 -6.32 15.76 -67.00
CA SER A 425 -7.54 16.21 -67.66
C SER A 425 -8.09 17.46 -66.99
N ASN A 426 -8.96 18.14 -67.72
CA ASN A 426 -9.78 19.21 -67.16
C ASN A 426 -11.19 18.67 -66.94
N LYS A 427 -11.92 19.32 -66.03
CA LYS A 427 -13.31 18.93 -65.75
C LYS A 427 -14.14 18.81 -67.02
N ASN A 428 -14.17 19.88 -67.81
CA ASN A 428 -15.08 19.97 -68.96
C ASN A 428 -14.41 19.63 -70.28
N ARG A 429 -13.11 19.86 -70.39
CA ARG A 429 -12.40 19.69 -71.65
C ARG A 429 -11.93 18.26 -71.85
N GLY A 430 -11.64 17.56 -70.76
CA GLY A 430 -11.11 16.22 -70.76
C GLY A 430 -9.61 16.15 -70.76
N ILE A 431 -9.05 15.09 -71.33
CA ILE A 431 -7.61 14.87 -71.29
C ILE A 431 -6.91 15.98 -72.06
N ILE A 432 -5.99 16.68 -71.39
CA ILE A 432 -5.26 17.77 -72.04
C ILE A 432 -3.77 17.51 -72.13
N LYS A 433 -3.22 16.59 -71.34
CA LYS A 433 -1.83 16.21 -71.49
C LYS A 433 -1.73 14.72 -71.25
N THR A 434 -1.03 14.02 -72.12
CA THR A 434 -0.70 12.61 -71.91
C THR A 434 0.80 12.53 -71.67
N PHE A 435 1.18 11.97 -70.52
CA PHE A 435 2.59 11.87 -70.15
C PHE A 435 3.30 10.72 -70.86
N SER A 436 4.52 11.01 -71.30
CA SER A 436 5.44 9.98 -71.79
C SER A 436 6.21 9.39 -70.61
N ASN A 437 6.91 8.28 -70.88
CA ASN A 437 7.71 7.66 -69.83
C ASN A 437 8.76 8.63 -69.32
N GLY A 438 8.96 8.65 -68.01
CA GLY A 438 9.87 9.60 -67.40
C GLY A 438 9.20 10.32 -66.25
N CYS A 439 9.88 11.32 -65.71
CA CYS A 439 9.33 12.18 -64.67
C CYS A 439 9.00 13.52 -65.29
N ASP A 440 7.75 13.97 -65.09
CA ASP A 440 7.24 15.17 -65.75
C ASP A 440 6.37 15.92 -64.75
N TYR A 441 5.79 17.04 -65.20
CA TYR A 441 5.08 17.94 -64.30
C TYR A 441 4.03 18.68 -65.11
N VAL A 442 2.92 19.05 -64.46
CA VAL A 442 1.92 19.91 -65.06
C VAL A 442 1.41 20.88 -64.01
N SER A 443 1.09 22.09 -64.44
CA SER A 443 0.59 23.11 -63.53
C SER A 443 -0.92 22.98 -63.33
N ASN A 444 -1.42 23.63 -62.29
CA ASN A 444 -2.82 23.55 -61.93
C ASN A 444 -3.69 24.49 -62.76
N LYS A 445 -3.11 25.27 -63.66
CA LYS A 445 -3.87 26.17 -64.52
C LYS A 445 -4.54 25.35 -65.62
N GLY A 446 -5.88 25.30 -65.60
CA GLY A 446 -6.57 24.50 -66.58
C GLY A 446 -6.59 23.01 -66.31
N VAL A 447 -5.99 22.54 -65.22
CA VAL A 447 -6.01 21.14 -64.83
C VAL A 447 -6.77 20.97 -63.53
N ASP A 448 -7.65 19.98 -63.49
CA ASP A 448 -8.44 19.69 -62.30
C ASP A 448 -8.08 18.34 -61.69
N THR A 449 -7.80 17.34 -62.51
CA THR A 449 -7.44 16.02 -62.03
C THR A 449 -6.26 15.48 -62.83
N VAL A 450 -5.56 14.53 -62.21
CA VAL A 450 -4.49 13.77 -62.84
C VAL A 450 -4.79 12.30 -62.58
N SER A 451 -4.57 11.45 -63.57
CA SER A 451 -4.75 10.02 -63.40
C SER A 451 -3.47 9.27 -63.73
N VAL A 452 -3.03 8.43 -62.80
CA VAL A 452 -1.92 7.51 -63.01
C VAL A 452 -2.44 6.12 -62.71
N GLY A 453 -2.54 5.30 -63.76
CA GLY A 453 -3.17 4.00 -63.60
C GLY A 453 -4.61 4.14 -63.17
N ASN A 454 -5.01 3.36 -62.17
CA ASN A 454 -6.37 3.39 -61.66
C ASN A 454 -6.57 4.36 -60.51
N THR A 455 -5.59 5.21 -60.22
CA THR A 455 -5.65 6.15 -59.10
C THR A 455 -5.89 7.56 -59.65
N LEU A 456 -7.03 8.13 -59.28
CA LEU A 456 -7.34 9.52 -59.64
C LEU A 456 -6.86 10.47 -58.55
N TYR A 457 -6.14 11.52 -58.93
CA TYR A 457 -5.66 12.56 -58.03
C TYR A 457 -6.32 13.87 -58.41
N TYR A 458 -6.94 14.54 -57.44
CA TYR A 458 -7.39 15.91 -57.62
C TYR A 458 -6.23 16.85 -57.30
N VAL A 459 -5.99 17.85 -58.16
CA VAL A 459 -4.92 18.81 -57.90
C VAL A 459 -5.42 19.97 -57.05
N ASN A 460 -4.49 20.59 -56.31
CA ASN A 460 -4.82 21.80 -55.56
C ASN A 460 -5.03 22.95 -56.55
N LYS A 461 -6.10 23.72 -56.37
CA LYS A 461 -6.41 24.77 -57.33
C LYS A 461 -6.03 26.19 -56.87
N GLN A 462 -5.13 26.33 -55.90
CA GLN A 462 -4.72 27.66 -55.47
C GLN A 462 -3.97 28.41 -56.57
N GLU A 463 -4.18 29.72 -56.60
CA GLU A 463 -3.54 30.62 -57.55
C GLU A 463 -2.06 30.83 -57.24
N GLY A 464 -1.24 30.86 -58.29
CA GLY A 464 0.18 31.09 -58.17
C GLY A 464 0.94 30.66 -59.42
N LYS A 465 2.09 31.28 -59.67
CA LYS A 465 2.85 31.01 -60.90
C LYS A 465 3.84 29.88 -60.70
N SER A 466 3.93 29.00 -61.69
CA SER A 466 4.90 27.90 -61.73
C SER A 466 5.99 28.13 -62.76
N LEU A 467 7.20 27.63 -62.47
CA LEU A 467 8.32 27.65 -63.40
C LEU A 467 8.84 26.24 -63.62
N TYR A 468 8.88 25.80 -64.88
CA TYR A 468 9.40 24.49 -65.24
C TYR A 468 10.89 24.62 -65.60
N VAL A 469 11.78 24.09 -64.76
CA VAL A 469 13.21 24.16 -65.04
C VAL A 469 13.62 22.88 -65.74
N LYS A 470 13.85 22.95 -67.05
CA LYS A 470 14.21 21.78 -67.82
C LYS A 470 15.64 21.34 -67.52
N GLY A 471 15.88 20.04 -67.63
CA GLY A 471 17.20 19.47 -67.43
C GLY A 471 17.21 17.97 -67.55
N GLU A 472 18.33 17.43 -68.00
CA GLU A 472 18.47 15.97 -68.13
C GLU A 472 18.31 15.27 -66.78
N PRO A 473 17.42 14.28 -66.67
CA PRO A 473 17.33 13.47 -65.46
C PRO A 473 18.66 12.84 -65.07
N ILE A 474 19.12 13.07 -63.84
CA ILE A 474 20.47 12.70 -63.44
C ILE A 474 20.67 11.19 -63.35
N ILE A 475 19.59 10.41 -63.29
CA ILE A 475 19.73 8.95 -63.28
C ILE A 475 20.42 8.44 -64.53
N ASN A 476 20.40 9.21 -65.62
CA ASN A 476 21.08 8.82 -66.84
C ASN A 476 22.60 8.92 -66.73
N PHE A 477 23.11 9.59 -65.70
CA PHE A 477 24.54 9.82 -65.53
C PHE A 477 25.23 8.66 -64.81
N TYR A 478 24.49 7.61 -64.45
CA TYR A 478 24.97 6.48 -63.67
C TYR A 478 25.02 5.25 -64.56
N ASP A 479 26.08 4.47 -64.41
CA ASP A 479 26.18 3.19 -65.11
C ASP A 479 25.40 2.12 -64.36
N PRO A 480 24.34 1.57 -64.96
CA PRO A 480 23.46 0.61 -64.24
C PRO A 480 24.18 -0.63 -63.75
N LEU A 481 25.35 -0.95 -64.30
CA LEU A 481 26.08 -2.16 -63.95
C LEU A 481 26.77 -2.06 -62.59
N VAL A 482 26.94 -0.84 -62.07
CA VAL A 482 27.57 -0.60 -60.78
C VAL A 482 26.68 0.22 -59.85
N PHE A 483 25.42 0.40 -60.20
CA PHE A 483 24.49 1.18 -59.38
C PHE A 483 24.02 0.42 -58.13
N PRO A 484 24.23 0.96 -56.92
CA PRO A 484 23.75 0.32 -55.70
C PRO A 484 22.26 0.52 -55.48
N SER A 485 21.39 -0.45 -55.81
CA SER A 485 19.95 -0.30 -55.59
C SER A 485 19.46 -0.67 -54.21
N ASP A 486 20.33 -0.84 -53.25
CA ASP A 486 19.87 -1.25 -51.94
C ASP A 486 20.30 -0.25 -50.87
N GLU A 487 20.35 1.02 -51.25
CA GLU A 487 20.57 2.12 -50.31
C GLU A 487 19.30 2.90 -49.97
N PHE A 488 18.89 2.88 -48.71
CA PHE A 488 17.68 3.59 -48.33
C PHE A 488 18.12 4.95 -47.80
N ASP A 489 18.96 4.94 -46.78
CA ASP A 489 19.52 6.14 -46.17
C ASP A 489 20.86 6.36 -46.85
N ALA A 490 20.98 7.34 -47.74
CA ALA A 490 22.23 7.41 -48.49
C ALA A 490 22.45 8.83 -48.99
N SER A 491 23.48 8.99 -49.81
CA SER A 491 23.81 10.31 -50.37
C SER A 491 24.68 10.12 -51.61
N ILE A 492 24.85 11.22 -52.34
CA ILE A 492 25.68 11.23 -53.55
C ILE A 492 27.09 10.73 -53.26
N SER A 493 27.73 11.26 -52.21
CA SER A 493 29.10 10.84 -51.92
C SER A 493 29.13 9.37 -51.53
N GLN A 494 28.15 8.92 -50.76
CA GLN A 494 28.12 7.51 -50.37
C GLN A 494 27.93 6.63 -51.60
N VAL A 495 27.01 7.03 -52.48
CA VAL A 495 26.79 6.32 -53.75
C VAL A 495 28.05 6.37 -54.61
N ASN A 496 28.67 7.54 -54.74
CA ASN A 496 29.94 7.63 -55.46
C ASN A 496 30.98 6.70 -54.87
N GLU A 497 31.10 6.69 -53.54
CA GLU A 497 32.08 5.82 -52.88
C GLU A 497 31.84 4.36 -53.23
N LYS A 498 30.57 3.93 -53.20
CA LYS A 498 30.24 2.54 -53.49
C LYS A 498 30.43 2.22 -54.96
N ILE A 499 30.10 3.16 -55.85
CA ILE A 499 30.35 2.95 -57.28
C ILE A 499 31.83 2.76 -57.54
N ASN A 500 32.66 3.58 -56.86
CA ASN A 500 34.11 3.47 -56.99
C ASN A 500 34.62 2.09 -56.58
N GLN A 501 33.98 1.47 -55.57
CA GLN A 501 34.45 0.16 -55.13
C GLN A 501 34.08 -0.95 -56.11
N SER A 502 32.89 -0.89 -56.70
CA SER A 502 32.51 -1.90 -57.69
C SER A 502 33.32 -1.77 -58.98
N LEU A 503 33.67 -0.54 -59.36
CA LEU A 503 34.48 -0.32 -60.56
C LEU A 503 35.92 -0.76 -60.35
N ALA A 504 36.43 -0.64 -59.12
CA ALA A 504 37.82 -1.05 -58.86
C ALA A 504 37.98 -2.54 -59.07
N PHE A 505 37.04 -3.35 -58.57
CA PHE A 505 37.11 -4.80 -58.69
C PHE A 505 36.83 -5.28 -60.11
N ILE A 506 36.34 -4.40 -60.99
CA ILE A 506 36.16 -4.73 -62.40
C ILE A 506 37.32 -4.18 -63.22
N ASN B 27 24.90 -11.46 -52.01
CA ASN B 27 24.25 -12.17 -50.91
C ASN B 27 24.88 -13.57 -50.75
N ILE B 28 24.06 -14.61 -50.82
CA ILE B 28 24.56 -15.98 -50.83
C ILE B 28 24.99 -16.34 -52.25
N THR B 29 26.23 -16.77 -52.39
CA THR B 29 26.79 -17.23 -53.66
C THR B 29 27.37 -18.62 -53.44
N GLU B 30 27.63 -19.31 -54.55
CA GLU B 30 28.14 -20.67 -54.47
C GLU B 30 29.08 -20.89 -55.64
N GLU B 31 30.15 -21.63 -55.40
CA GLU B 31 31.11 -21.97 -56.44
C GLU B 31 31.30 -23.48 -56.46
N PHE B 32 31.22 -24.07 -57.64
CA PHE B 32 31.49 -25.48 -57.82
C PHE B 32 32.85 -25.65 -58.49
N TYR B 33 33.71 -26.49 -57.90
CA TYR B 33 35.01 -26.77 -58.48
C TYR B 33 34.98 -28.16 -59.12
N GLN B 34 34.88 -28.18 -60.45
CA GLN B 34 34.90 -29.42 -61.21
C GLN B 34 36.16 -30.25 -60.94
N SER B 35 37.28 -29.59 -60.67
CA SER B 35 38.56 -30.28 -60.53
C SER B 35 38.58 -31.20 -59.31
N THR B 36 37.79 -30.90 -58.27
CA THR B 36 37.86 -31.66 -57.03
C THR B 36 36.49 -32.17 -56.61
N CYS B 37 35.48 -32.03 -57.45
CA CYS B 37 34.12 -32.53 -57.20
C CYS B 37 33.61 -32.01 -55.86
N SER B 38 33.69 -30.70 -55.68
CA SER B 38 33.26 -30.06 -54.43
C SER B 38 32.71 -28.68 -54.74
N ALA B 39 32.05 -28.09 -53.74
CA ALA B 39 31.41 -26.80 -53.91
C ALA B 39 31.41 -26.06 -52.58
N VAL B 40 31.67 -24.75 -52.66
CA VAL B 40 31.68 -23.87 -51.49
C VAL B 40 30.54 -22.87 -51.62
N SER B 41 29.70 -22.79 -50.59
CA SER B 41 28.63 -21.80 -50.49
C SER B 41 29.08 -20.68 -49.55
N LYS B 42 29.04 -19.44 -50.02
CA LYS B 42 29.49 -18.30 -49.24
C LYS B 42 28.43 -17.21 -49.21
N GLY B 43 28.71 -16.18 -48.43
CA GLY B 43 27.80 -15.08 -48.21
C GLY B 43 27.12 -15.10 -46.86
N TYR B 44 27.45 -16.08 -46.03
CA TYR B 44 26.86 -16.23 -44.71
C TYR B 44 27.56 -15.37 -43.68
N LEU B 45 26.83 -15.02 -42.63
CA LEU B 45 27.34 -14.21 -41.53
C LEU B 45 27.31 -15.06 -40.26
N SER B 46 28.37 -14.95 -39.48
CA SER B 46 28.55 -15.82 -38.33
C SER B 46 27.75 -15.37 -37.13
N ALA B 47 27.38 -16.34 -36.30
CA ALA B 47 26.92 -16.14 -34.94
C ALA B 47 27.37 -17.36 -34.15
N LEU B 48 28.56 -17.27 -33.55
CA LEU B 48 29.18 -18.42 -32.90
C LEU B 48 28.97 -18.30 -31.40
N ARG B 49 28.41 -19.34 -30.79
CA ARG B 49 28.31 -19.38 -29.35
C ARG B 49 29.67 -19.63 -28.74
N THR B 50 30.17 -18.67 -27.98
CA THR B 50 31.50 -18.73 -27.40
C THR B 50 31.45 -18.90 -25.88
N GLY B 51 30.35 -18.51 -25.26
CA GLY B 51 30.21 -18.55 -23.82
C GLY B 51 28.79 -18.87 -23.43
N TRP B 52 28.51 -18.80 -22.13
CA TRP B 52 27.20 -19.10 -21.56
C TRP B 52 26.82 -18.00 -20.59
N TYR B 53 25.54 -17.62 -20.62
CA TYR B 53 24.98 -16.74 -19.60
C TYR B 53 23.96 -17.56 -18.83
N THR B 54 24.01 -17.48 -17.50
CA THR B 54 23.11 -18.22 -16.64
C THR B 54 22.18 -17.28 -15.90
N SER B 55 20.88 -17.45 -16.11
CA SER B 55 19.86 -16.74 -15.35
C SER B 55 19.16 -17.74 -14.46
N VAL B 56 18.58 -17.26 -13.36
CA VAL B 56 17.82 -18.11 -12.45
C VAL B 56 16.36 -17.71 -12.56
N ILE B 57 15.54 -18.62 -13.05
CA ILE B 57 14.12 -18.36 -13.23
C ILE B 57 13.37 -18.99 -12.07
N THR B 58 12.50 -18.22 -11.43
CA THR B 58 11.82 -18.70 -10.23
C THR B 58 10.32 -18.57 -10.41
N ILE B 59 9.59 -19.49 -9.79
CA ILE B 59 8.14 -19.41 -9.68
C ILE B 59 7.82 -19.48 -8.20
N GLU B 60 7.18 -18.44 -7.68
CA GLU B 60 6.87 -18.44 -6.26
C GLU B 60 5.61 -19.27 -6.02
N LEU B 61 5.70 -20.23 -5.11
CA LEU B 61 4.63 -21.18 -4.86
C LEU B 61 3.98 -20.84 -3.52
N SER B 62 3.15 -21.75 -3.04
CA SER B 62 2.61 -21.57 -1.76
C SER B 62 2.29 -22.81 -1.13
N ASN B 63 2.26 -22.69 0.20
CA ASN B 63 1.96 -23.70 1.20
C ASN B 63 0.48 -23.59 1.58
N ILE B 64 -0.22 -24.71 1.57
CA ILE B 64 -1.66 -24.73 1.81
C ILE B 64 -1.86 -25.51 3.10
N LYS B 65 -2.25 -24.81 4.16
CA LYS B 65 -2.41 -25.46 5.45
C LYS B 65 -3.51 -26.51 5.40
N GLU B 66 -4.72 -26.09 5.04
CA GLU B 66 -5.86 -26.99 5.11
C GLU B 66 -6.81 -26.71 3.93
N ASN B 67 -7.57 -27.74 3.57
CA ASN B 67 -8.52 -27.66 2.46
C ASN B 67 -9.75 -28.47 2.84
N LYS B 68 -10.83 -27.78 3.20
CA LYS B 68 -12.07 -28.41 3.66
C LYS B 68 -13.26 -27.63 3.11
N CYS B 69 -14.21 -28.34 2.50
CA CYS B 69 -15.45 -27.71 2.07
C CYS B 69 -16.64 -28.62 2.38
N ASP B 73 -22.69 -25.30 -6.07
CA ASP B 73 -21.32 -25.54 -5.63
C ASP B 73 -20.43 -26.00 -6.79
N ALA B 74 -20.92 -25.76 -8.01
CA ALA B 74 -20.25 -26.26 -9.22
C ALA B 74 -18.85 -25.69 -9.33
N LYS B 75 -18.70 -24.40 -8.99
CA LYS B 75 -17.43 -23.69 -9.10
C LYS B 75 -16.41 -24.22 -8.09
N VAL B 76 -16.84 -24.49 -6.85
CA VAL B 76 -15.92 -24.98 -5.83
C VAL B 76 -15.45 -26.40 -6.11
N LYS B 77 -16.29 -27.24 -6.72
CA LYS B 77 -15.86 -28.58 -7.11
C LYS B 77 -14.67 -28.51 -8.06
N LEU B 78 -14.72 -27.56 -8.99
CA LEU B 78 -13.62 -27.35 -9.94
C LEU B 78 -12.34 -26.88 -9.25
N ILE B 79 -12.47 -25.98 -8.26
CA ILE B 79 -11.29 -25.49 -7.56
C ILE B 79 -10.56 -26.63 -6.85
N LYS B 80 -11.28 -27.55 -6.22
CA LYS B 80 -10.60 -28.66 -5.56
C LYS B 80 -9.93 -29.57 -6.57
N GLN B 81 -10.48 -29.68 -7.78
CA GLN B 81 -9.82 -30.46 -8.81
C GLN B 81 -8.52 -29.80 -9.21
N GLU B 82 -8.53 -28.46 -9.29
CA GLU B 82 -7.31 -27.73 -9.63
C GLU B 82 -6.31 -27.79 -8.47
N LEU B 83 -6.81 -27.76 -7.23
CA LEU B 83 -5.92 -27.86 -6.07
C LEU B 83 -5.21 -29.20 -6.05
N ASP B 84 -5.88 -30.28 -6.48
CA ASP B 84 -5.21 -31.57 -6.51
C ASP B 84 -4.13 -31.59 -7.58
N LYS B 85 -4.40 -30.95 -8.74
CA LYS B 85 -3.38 -30.85 -9.77
C LYS B 85 -2.18 -30.06 -9.28
N TYR B 86 -2.44 -29.02 -8.48
CA TYR B 86 -1.36 -28.23 -7.91
C TYR B 86 -0.55 -29.05 -6.91
N LYS B 87 -1.25 -29.73 -6.00
CA LYS B 87 -0.56 -30.56 -5.01
C LYS B 87 0.22 -31.68 -5.67
N ASN B 88 -0.38 -32.34 -6.66
CA ASN B 88 0.31 -33.42 -7.36
C ASN B 88 1.58 -32.91 -8.05
N ALA B 89 1.50 -31.72 -8.66
CA ALA B 89 2.67 -31.15 -9.33
C ALA B 89 3.78 -30.90 -8.33
N VAL B 90 3.44 -30.34 -7.17
CA VAL B 90 4.44 -30.11 -6.13
C VAL B 90 5.06 -31.44 -5.72
N THR B 91 4.22 -32.44 -5.43
CA THR B 91 4.71 -33.76 -5.07
C THR B 91 5.62 -34.34 -6.15
N GLU B 92 5.21 -34.20 -7.41
CA GLU B 92 5.99 -34.71 -8.53
C GLU B 92 7.37 -34.05 -8.60
N LEU B 93 7.40 -32.73 -8.46
CA LEU B 93 8.65 -31.99 -8.46
C LEU B 93 9.52 -32.31 -7.26
N GLN B 94 8.92 -32.58 -6.10
CA GLN B 94 9.70 -32.96 -4.93
C GLN B 94 10.36 -34.32 -5.14
N LEU B 95 9.61 -35.28 -5.70
CA LEU B 95 10.15 -36.60 -6.01
C LEU B 95 11.27 -36.52 -7.03
N LEU B 96 11.23 -35.53 -7.92
CA LEU B 96 12.22 -35.40 -8.97
C LEU B 96 13.59 -35.11 -8.38
N MET B 97 13.62 -34.38 -7.27
CA MET B 97 14.86 -33.94 -6.65
C MET B 97 15.32 -34.91 -5.57
N GLN B 98 15.04 -36.20 -5.73
CA GLN B 98 15.52 -37.20 -4.79
C GLN B 98 16.20 -38.37 -5.51
N SER B 146 31.42 -30.35 -19.83
CA SER B 146 30.03 -30.65 -20.15
C SER B 146 29.27 -29.41 -20.60
N ALA B 147 28.24 -29.63 -21.40
CA ALA B 147 27.47 -28.54 -21.99
C ALA B 147 26.80 -27.69 -20.93
N ILE B 148 26.31 -28.31 -19.86
CA ILE B 148 25.59 -27.61 -18.80
C ILE B 148 26.39 -27.56 -17.51
N ALA B 149 27.72 -27.65 -17.60
CA ALA B 149 28.55 -27.59 -16.41
C ALA B 149 28.34 -26.29 -15.63
N SER B 150 28.15 -25.18 -16.33
CA SER B 150 27.98 -23.89 -15.64
C SER B 150 26.61 -23.80 -14.96
N GLY B 151 25.55 -24.20 -15.65
CA GLY B 151 24.23 -24.20 -15.04
C GLY B 151 24.14 -25.09 -13.81
N VAL B 152 24.71 -26.30 -13.90
CA VAL B 152 24.69 -27.24 -12.79
C VAL B 152 25.42 -26.67 -11.58
N ALA B 153 26.51 -25.94 -11.83
CA ALA B 153 27.26 -25.33 -10.74
C ALA B 153 26.40 -24.32 -9.98
N VAL B 154 25.60 -23.53 -10.70
CA VAL B 154 24.70 -22.57 -10.07
C VAL B 154 23.63 -23.29 -9.24
N CYS B 155 23.11 -24.42 -9.73
CA CYS B 155 22.11 -25.17 -8.96
C CYS B 155 22.68 -25.68 -7.64
N LYS B 156 23.93 -26.13 -7.66
CA LYS B 156 24.58 -26.59 -6.43
C LYS B 156 24.62 -25.49 -5.37
N VAL B 157 24.90 -24.25 -5.79
CA VAL B 157 24.93 -23.15 -4.82
C VAL B 157 23.55 -22.91 -4.22
N LEU B 158 22.49 -23.11 -5.00
CA LEU B 158 21.14 -22.89 -4.51
C LEU B 158 20.73 -23.86 -3.41
N HIS B 159 21.43 -24.99 -3.23
CA HIS B 159 21.03 -25.91 -2.18
C HIS B 159 21.59 -25.52 -0.81
N LEU B 160 22.61 -24.67 -0.78
CA LEU B 160 23.18 -24.21 0.48
C LEU B 160 22.16 -23.41 1.27
N GLU B 161 22.22 -23.51 2.60
CA GLU B 161 21.23 -22.86 3.44
C GLU B 161 21.31 -21.35 3.29
N GLY B 162 20.15 -20.70 3.26
CA GLY B 162 20.07 -19.28 3.12
C GLY B 162 20.09 -18.78 1.69
N GLU B 163 20.56 -19.61 0.76
CA GLU B 163 20.77 -19.14 -0.61
C GLU B 163 19.43 -18.81 -1.26
N VAL B 164 18.47 -19.72 -1.13
CA VAL B 164 17.14 -19.44 -1.68
C VAL B 164 16.54 -18.24 -0.98
N ASN B 165 16.79 -18.09 0.32
CA ASN B 165 16.25 -16.96 1.07
C ASN B 165 16.75 -15.62 0.53
N LYS B 166 18.00 -15.57 0.05
CA LYS B 166 18.53 -14.35 -0.55
C LYS B 166 17.70 -13.94 -1.76
N ILE B 167 17.42 -14.90 -2.64
CA ILE B 167 16.61 -14.64 -3.83
C ILE B 167 15.20 -14.19 -3.42
N LYS B 168 14.60 -14.90 -2.47
CA LYS B 168 13.27 -14.54 -1.99
C LYS B 168 13.24 -13.09 -1.51
N SER B 169 14.30 -12.65 -0.84
CA SER B 169 14.36 -11.29 -0.33
C SER B 169 14.62 -10.29 -1.46
N ALA B 170 15.49 -10.66 -2.40
CA ALA B 170 15.80 -9.78 -3.53
C ALA B 170 14.56 -9.46 -4.36
N LEU B 171 13.70 -10.45 -4.59
CA LEU B 171 12.55 -10.33 -5.46
C LEU B 171 11.26 -9.99 -4.71
N LEU B 172 11.37 -9.41 -3.51
CA LEU B 172 10.18 -9.13 -2.71
C LEU B 172 9.32 -8.07 -3.37
N SER B 173 9.94 -6.98 -3.84
CA SER B 173 9.22 -5.84 -4.39
C SER B 173 9.44 -5.65 -5.88
N THR B 174 10.19 -6.52 -6.53
CA THR B 174 10.43 -6.44 -7.97
C THR B 174 10.58 -7.85 -8.53
N ASN B 175 10.43 -7.97 -9.85
CA ASN B 175 10.51 -9.28 -10.48
C ASN B 175 11.87 -9.55 -11.10
N LYS B 176 12.69 -8.53 -11.26
CA LYS B 176 14.01 -8.67 -11.85
C LYS B 176 15.04 -8.15 -10.85
N ALA B 177 16.08 -8.94 -10.59
CA ALA B 177 17.11 -8.52 -9.68
C ALA B 177 18.38 -9.32 -9.95
N VAL B 178 19.52 -8.68 -9.72
CA VAL B 178 20.81 -9.34 -9.78
C VAL B 178 21.17 -9.76 -8.36
N VAL B 179 21.57 -11.01 -8.20
CA VAL B 179 21.91 -11.55 -6.90
C VAL B 179 23.30 -12.17 -6.96
N SER B 180 24.16 -11.78 -6.03
CA SER B 180 25.47 -12.41 -5.89
C SER B 180 25.30 -13.63 -5.01
N LEU B 181 25.70 -14.79 -5.52
CA LEU B 181 25.57 -16.03 -4.79
C LEU B 181 26.72 -16.16 -3.78
N SER B 182 26.61 -17.19 -2.92
CA SER B 182 27.59 -17.33 -1.85
C SER B 182 28.98 -17.62 -2.39
N ASN B 183 29.10 -18.13 -3.61
CA ASN B 183 30.39 -18.44 -4.22
C ASN B 183 30.91 -17.29 -5.09
N GLY B 184 30.28 -16.12 -5.03
CA GLY B 184 30.73 -14.94 -5.75
C GLY B 184 30.15 -14.75 -7.13
N VAL B 185 29.42 -15.73 -7.65
CA VAL B 185 28.82 -15.60 -8.98
C VAL B 185 27.63 -14.65 -8.91
N SER B 186 27.62 -13.64 -9.77
CA SER B 186 26.53 -12.67 -9.82
C SER B 186 25.59 -13.13 -10.94
N VAL B 187 24.42 -13.63 -10.53
CA VAL B 187 23.41 -14.15 -11.45
C VAL B 187 22.18 -13.24 -11.50
N LEU B 188 21.60 -13.15 -12.69
CA LEU B 188 20.32 -12.48 -12.90
C LEU B 188 19.18 -13.40 -12.49
N THR B 189 18.21 -12.86 -11.74
CA THR B 189 17.10 -13.63 -11.21
C THR B 189 15.81 -13.03 -11.76
N PHE B 190 14.83 -13.88 -12.03
CA PHE B 190 13.64 -13.48 -12.76
C PHE B 190 12.45 -14.24 -12.18
N LYS B 191 11.51 -13.53 -11.54
CA LYS B 191 10.25 -14.13 -11.10
C LYS B 191 9.22 -14.06 -12.23
N VAL B 192 8.94 -15.21 -12.83
CA VAL B 192 8.07 -15.27 -14.02
C VAL B 192 6.62 -15.63 -13.68
N LEU B 193 6.34 -16.06 -12.46
CA LEU B 193 4.97 -16.45 -12.08
C LEU B 193 4.86 -16.38 -10.56
N ASP B 194 3.88 -15.61 -10.07
CA ASP B 194 3.65 -15.44 -8.64
C ASP B 194 2.38 -16.16 -8.16
N LEU B 195 2.49 -17.44 -7.84
CA LEU B 195 1.34 -18.18 -7.31
C LEU B 195 1.10 -17.92 -5.83
N LYS B 196 2.12 -17.49 -5.09
CA LYS B 196 1.98 -17.16 -3.67
C LYS B 196 0.95 -16.05 -3.45
N ASN B 197 1.12 -14.93 -4.15
CA ASN B 197 0.18 -13.81 -4.02
C ASN B 197 -1.23 -14.21 -4.40
N TYR B 198 -1.37 -15.03 -5.44
CA TYR B 198 -2.71 -15.39 -5.90
C TYR B 198 -3.48 -16.25 -4.89
N ILE B 199 -2.83 -17.24 -4.28
CA ILE B 199 -3.59 -18.11 -3.38
C ILE B 199 -3.89 -17.43 -2.05
N ASP B 200 -2.92 -16.69 -1.52
CA ASP B 200 -3.06 -15.98 -0.24
C ASP B 200 -4.03 -14.81 -0.30
N LYS B 201 -4.19 -14.15 -1.45
CA LYS B 201 -5.28 -13.18 -1.61
C LYS B 201 -6.60 -13.72 -2.14
N GLN B 202 -6.59 -14.61 -3.14
CA GLN B 202 -7.85 -15.20 -3.61
C GLN B 202 -8.39 -16.39 -2.81
N LEU B 203 -7.63 -17.50 -2.78
CA LEU B 203 -8.14 -18.75 -2.22
C LEU B 203 -8.01 -18.94 -0.71
N LEU B 204 -6.84 -18.72 -0.11
CA LEU B 204 -6.70 -18.98 1.32
C LEU B 204 -7.71 -18.30 2.24
N PRO B 205 -8.10 -17.03 2.06
CA PRO B 205 -9.16 -16.50 2.95
C PRO B 205 -10.50 -17.23 2.80
N ILE B 206 -10.73 -17.81 1.62
CA ILE B 206 -11.99 -18.45 1.24
C ILE B 206 -12.12 -19.96 1.53
N LEU B 207 -11.03 -20.70 1.68
CA LEU B 207 -11.18 -22.14 1.85
C LEU B 207 -11.41 -22.59 3.29
N ASN B 208 -11.40 -21.68 4.27
CA ASN B 208 -11.63 -22.06 5.65
C ASN B 208 -12.81 -21.32 6.27
N LYS B 209 -13.31 -20.27 5.62
CA LYS B 209 -14.42 -19.46 6.11
C LYS B 209 -15.59 -19.51 5.14
N GLN B 210 -16.80 -19.36 5.69
CA GLN B 210 -18.03 -19.18 4.93
C GLN B 210 -18.31 -20.34 3.96
N SER B 211 -17.85 -21.54 4.31
CA SER B 211 -18.14 -22.76 3.55
C SER B 211 -17.85 -22.61 2.07
N CYS B 212 -16.66 -22.05 1.78
CA CYS B 212 -16.02 -22.09 0.47
C CYS B 212 -16.69 -21.19 -0.59
N SER B 213 -17.40 -20.13 -0.19
CA SER B 213 -18.28 -19.39 -1.09
C SER B 213 -17.51 -18.73 -2.24
N ILE B 214 -17.64 -19.30 -3.43
CA ILE B 214 -16.81 -18.98 -4.61
C ILE B 214 -17.75 -18.83 -5.81
N SER B 215 -18.18 -17.60 -6.07
CA SER B 215 -19.30 -17.37 -6.97
C SER B 215 -18.98 -16.33 -8.03
N ASN B 216 -17.68 -16.09 -8.29
CA ASN B 216 -17.26 -15.24 -9.41
C ASN B 216 -16.30 -16.09 -10.23
N ILE B 217 -16.59 -16.19 -11.52
CA ILE B 217 -15.88 -17.07 -12.45
C ILE B 217 -14.45 -16.66 -12.73
N GLU B 218 -14.10 -15.38 -12.60
CA GLU B 218 -12.75 -14.95 -12.95
C GLU B 218 -11.67 -15.46 -11.99
N THR B 219 -12.01 -15.75 -10.73
CA THR B 219 -10.98 -16.30 -9.87
C THR B 219 -10.66 -17.74 -10.27
N VAL B 220 -11.69 -18.54 -10.55
CA VAL B 220 -11.53 -19.90 -11.08
C VAL B 220 -10.67 -19.90 -12.34
N ILE B 221 -10.97 -19.02 -13.30
CA ILE B 221 -10.25 -18.97 -14.57
C ILE B 221 -8.77 -18.66 -14.35
N GLU B 222 -8.46 -17.66 -13.51
CA GLU B 222 -7.07 -17.26 -13.35
C GLU B 222 -6.22 -18.40 -12.79
N PHE B 223 -6.73 -19.13 -11.80
CA PHE B 223 -5.95 -20.23 -11.24
C PHE B 223 -5.70 -21.32 -12.27
N GLN B 224 -6.70 -21.67 -13.08
CA GLN B 224 -6.48 -22.67 -14.12
C GLN B 224 -5.41 -22.23 -15.12
N GLN B 225 -5.41 -20.95 -15.48
CA GLN B 225 -4.42 -20.42 -16.40
C GLN B 225 -3.05 -20.47 -15.77
N LYS B 226 -2.95 -20.00 -14.54
CA LYS B 226 -1.68 -19.94 -13.83
C LYS B 226 -1.17 -21.35 -13.51
N ASN B 227 -2.06 -22.26 -13.11
CA ASN B 227 -1.60 -23.60 -12.76
C ASN B 227 -1.21 -24.41 -13.99
N ASN B 228 -1.82 -24.15 -15.14
CA ASN B 228 -1.53 -24.99 -16.32
C ASN B 228 -0.06 -24.94 -16.66
N ARG B 229 0.55 -23.75 -16.55
CA ARG B 229 1.96 -23.58 -16.84
C ARG B 229 2.82 -24.42 -15.90
N LEU B 230 2.48 -24.40 -14.61
CA LEU B 230 3.21 -25.19 -13.62
C LEU B 230 3.13 -26.68 -13.95
N LEU B 231 1.95 -27.16 -14.36
CA LEU B 231 1.82 -28.58 -14.68
C LEU B 231 2.68 -28.96 -15.87
N GLU B 232 2.79 -28.07 -16.86
CA GLU B 232 3.58 -28.43 -18.05
C GLU B 232 5.07 -28.33 -17.76
N ILE B 233 5.50 -27.30 -17.01
CA ILE B 233 6.89 -27.21 -16.61
C ILE B 233 7.29 -28.45 -15.84
N THR B 234 6.44 -28.89 -14.92
CA THR B 234 6.71 -30.12 -14.18
C THR B 234 6.81 -31.31 -15.11
N ARG B 235 5.91 -31.40 -16.09
CA ARG B 235 5.99 -32.49 -17.06
C ARG B 235 7.33 -32.49 -17.79
N GLU B 236 7.75 -31.33 -18.28
CA GLU B 236 8.98 -31.25 -19.06
C GLU B 236 10.16 -31.72 -18.22
N PHE B 237 10.29 -31.21 -16.99
CA PHE B 237 11.41 -31.61 -16.16
C PHE B 237 11.32 -33.10 -15.79
N SER B 238 10.09 -33.59 -15.59
CA SER B 238 9.88 -34.98 -15.19
C SER B 238 10.24 -35.99 -16.28
N VAL B 239 10.09 -35.63 -17.56
CA VAL B 239 10.38 -36.56 -18.66
C VAL B 239 11.71 -36.24 -19.34
N ASN B 240 12.49 -35.32 -18.81
CA ASN B 240 13.78 -34.99 -19.39
C ASN B 240 14.88 -35.04 -18.34
N ALA B 241 14.59 -35.66 -17.19
CA ALA B 241 15.53 -35.78 -16.08
C ALA B 241 16.14 -34.42 -15.72
N GLY B 242 15.28 -33.40 -15.65
CA GLY B 242 15.66 -32.09 -15.16
C GLY B 242 16.47 -31.22 -16.10
N VAL B 243 16.68 -31.65 -17.34
CA VAL B 243 17.47 -30.87 -18.30
C VAL B 243 16.73 -30.90 -19.64
N THR B 244 16.27 -29.74 -20.09
CA THR B 244 15.49 -29.66 -21.32
C THR B 244 16.18 -28.76 -22.34
N THR B 245 15.98 -29.11 -23.60
CA THR B 245 16.41 -28.32 -24.75
C THR B 245 15.63 -28.81 -25.97
N PRO B 246 15.07 -27.90 -26.79
CA PRO B 246 15.07 -26.44 -26.66
C PRO B 246 14.30 -25.93 -25.44
N VAL B 247 14.56 -24.69 -25.05
CA VAL B 247 13.84 -24.10 -23.92
C VAL B 247 12.46 -23.69 -24.41
N SER B 248 11.44 -24.31 -23.85
CA SER B 248 10.08 -24.10 -24.33
C SER B 248 9.54 -22.75 -23.88
N THR B 249 8.37 -22.40 -24.41
CA THR B 249 7.76 -21.14 -24.05
C THR B 249 7.01 -21.26 -22.73
N TYR B 250 6.93 -22.48 -22.19
CA TYR B 250 6.45 -22.70 -20.84
C TYR B 250 7.56 -22.35 -19.85
N MET B 251 8.80 -22.70 -20.18
CA MET B 251 9.95 -22.35 -19.35
C MET B 251 10.13 -20.84 -19.32
N LEU B 252 9.95 -20.20 -20.48
CA LEU B 252 10.27 -18.79 -20.68
C LEU B 252 9.45 -18.32 -21.87
N THR B 253 8.42 -17.52 -21.62
CA THR B 253 7.57 -17.04 -22.70
C THR B 253 8.36 -16.12 -23.62
N ASN B 254 7.77 -15.83 -24.79
CA ASN B 254 8.45 -14.99 -25.76
C ASN B 254 8.74 -13.60 -25.20
N SER B 255 7.77 -13.01 -24.50
CA SER B 255 8.01 -11.69 -23.91
C SER B 255 9.07 -11.76 -22.81
N GLU B 256 8.99 -12.78 -21.94
CA GLU B 256 10.00 -12.98 -20.88
C GLU B 256 11.41 -13.11 -21.45
N LEU B 257 11.57 -13.95 -22.48
CA LEU B 257 12.88 -14.17 -23.11
C LEU B 257 13.43 -12.88 -23.72
N LEU B 258 12.59 -12.12 -24.42
CA LEU B 258 13.05 -10.89 -25.05
C LEU B 258 13.62 -9.92 -24.04
N SER B 259 12.99 -9.79 -22.87
CA SER B 259 13.49 -8.86 -21.87
C SER B 259 14.75 -9.41 -21.20
N LEU B 260 14.84 -10.72 -21.05
CA LEU B 260 16.09 -11.34 -20.58
C LEU B 260 17.24 -10.99 -21.52
N ILE B 261 17.03 -11.15 -22.83
CA ILE B 261 18.02 -10.77 -23.84
C ILE B 261 18.38 -9.30 -23.72
N ASN B 262 17.38 -8.45 -23.48
CA ASN B 262 17.61 -7.01 -23.38
C ASN B 262 18.48 -6.67 -22.18
N ASP B 263 18.37 -7.41 -21.09
CA ASP B 263 19.15 -7.15 -19.88
C ASP B 263 20.50 -7.84 -19.87
N MET B 264 20.88 -8.52 -20.95
CA MET B 264 22.15 -9.26 -20.97
C MET B 264 23.32 -8.30 -21.15
N PRO B 265 24.46 -8.60 -20.56
CA PRO B 265 25.66 -7.76 -20.74
C PRO B 265 26.33 -7.95 -22.10
N ILE B 266 25.60 -7.54 -23.15
CA ILE B 266 26.05 -7.68 -24.53
C ILE B 266 25.75 -6.39 -25.27
N THR B 267 26.33 -6.28 -26.47
CA THR B 267 26.11 -5.11 -27.30
C THR B 267 24.69 -5.12 -27.88
N ASN B 268 24.27 -3.95 -28.36
CA ASN B 268 22.96 -3.85 -29.01
C ASN B 268 22.89 -4.72 -30.25
N ASP B 269 24.01 -4.84 -30.98
CA ASP B 269 24.06 -5.70 -32.15
C ASP B 269 23.77 -7.15 -31.77
N GLN B 270 24.30 -7.59 -30.62
CA GLN B 270 24.04 -8.94 -30.14
C GLN B 270 22.58 -9.07 -29.71
N LYS B 271 22.08 -8.06 -29.01
CA LYS B 271 20.68 -8.03 -28.59
C LYS B 271 19.74 -8.10 -29.79
N LYS B 272 20.07 -7.38 -30.86
CA LYS B 272 19.25 -7.39 -32.07
C LYS B 272 19.25 -8.75 -32.74
N LEU B 273 20.42 -9.38 -32.86
CA LEU B 273 20.53 -10.69 -33.49
C LEU B 273 19.70 -11.76 -32.76
N MET B 274 19.79 -11.79 -31.43
CA MET B 274 19.06 -12.78 -30.64
C MET B 274 17.55 -12.53 -30.68
N SER B 275 17.11 -11.28 -30.66
CA SER B 275 15.68 -11.00 -30.67
C SER B 275 15.03 -11.37 -32.00
N ASN B 276 15.76 -11.25 -33.10
CA ASN B 276 15.26 -11.58 -34.43
C ASN B 276 15.35 -13.06 -34.74
N ASN B 277 15.93 -13.86 -33.85
CA ASN B 277 16.11 -15.29 -34.07
C ASN B 277 15.85 -16.06 -32.77
N VAL B 278 14.74 -15.72 -32.12
CA VAL B 278 14.43 -16.32 -30.82
C VAL B 278 14.26 -17.83 -30.94
N GLN B 279 13.82 -18.33 -32.09
CA GLN B 279 13.64 -19.77 -32.26
C GLN B 279 14.97 -20.51 -32.25
N ILE B 280 16.03 -19.86 -32.75
CA ILE B 280 17.37 -20.44 -32.68
C ILE B 280 17.93 -20.34 -31.28
N VAL B 281 17.75 -19.19 -30.62
CA VAL B 281 18.20 -19.02 -29.24
C VAL B 281 17.61 -20.10 -28.34
N ARG B 282 16.34 -20.43 -28.53
CA ARG B 282 15.72 -21.49 -27.73
C ARG B 282 16.39 -22.82 -27.99
N GLN B 283 16.74 -23.08 -29.25
CA GLN B 283 17.33 -24.36 -29.61
C GLN B 283 18.74 -24.51 -29.05
N GLN B 284 19.42 -23.39 -28.77
CA GLN B 284 20.77 -23.40 -28.25
C GLN B 284 20.82 -23.11 -26.75
N SER B 285 19.67 -23.17 -26.08
CA SER B 285 19.58 -22.92 -24.65
C SER B 285 19.22 -24.20 -23.89
N TYR B 286 19.52 -24.18 -22.59
CA TYR B 286 19.16 -25.26 -21.68
C TYR B 286 18.35 -24.72 -20.51
N SER B 287 17.35 -25.48 -20.08
CA SER B 287 16.63 -25.25 -18.83
C SER B 287 17.05 -26.35 -17.86
N ILE B 288 17.66 -25.95 -16.74
CA ILE B 288 18.21 -26.89 -15.76
C ILE B 288 17.45 -26.81 -14.44
N MET B 289 16.65 -27.84 -14.17
CA MET B 289 15.92 -27.98 -12.92
C MET B 289 16.85 -27.99 -11.70
N CYS B 290 16.57 -27.15 -10.70
CA CYS B 290 17.58 -26.94 -9.66
C CYS B 290 17.06 -27.32 -8.28
N ILE B 291 16.01 -26.67 -7.81
CA ILE B 291 15.61 -26.88 -6.43
C ILE B 291 14.16 -26.46 -6.24
N ILE B 292 13.44 -27.18 -5.38
CA ILE B 292 12.16 -26.72 -4.86
C ILE B 292 12.30 -26.74 -3.36
N LYS B 293 12.31 -25.55 -2.77
CA LYS B 293 12.56 -25.40 -1.35
C LYS B 293 12.01 -24.06 -0.87
N GLU B 294 11.31 -24.07 0.25
CA GLU B 294 10.75 -22.85 0.83
C GLU B 294 9.85 -22.09 -0.13
N GLU B 295 8.90 -22.82 -0.71
CA GLU B 295 7.88 -22.30 -1.61
C GLU B 295 8.46 -21.64 -2.86
N VAL B 296 9.72 -21.89 -3.19
CA VAL B 296 10.34 -21.41 -4.41
C VAL B 296 10.70 -22.59 -5.30
N LEU B 297 10.16 -22.61 -6.52
CA LEU B 297 10.64 -23.53 -7.55
C LEU B 297 11.61 -22.72 -8.40
N ALA B 298 12.83 -23.21 -8.58
CA ALA B 298 13.83 -22.45 -9.33
C ALA B 298 14.54 -23.36 -10.32
N TYR B 299 14.57 -22.94 -11.59
CA TYR B 299 15.38 -23.58 -12.62
C TYR B 299 16.29 -22.57 -13.30
N VAL B 300 17.50 -23.00 -13.65
CA VAL B 300 18.47 -22.18 -14.37
C VAL B 300 18.22 -22.30 -15.87
N VAL B 301 18.08 -21.16 -16.55
CA VAL B 301 18.03 -21.15 -18.01
C VAL B 301 19.38 -20.64 -18.52
N GLN B 302 20.08 -21.50 -19.26
CA GLN B 302 21.43 -21.24 -19.76
C GLN B 302 21.35 -20.76 -21.21
N LEU B 303 21.69 -19.48 -21.45
CA LEU B 303 21.52 -18.88 -22.77
C LEU B 303 22.86 -18.73 -23.49
N PRO B 304 22.88 -18.89 -24.81
CA PRO B 304 24.13 -18.77 -25.57
C PRO B 304 24.65 -17.34 -25.59
N LEU B 305 25.97 -17.21 -25.45
CA LEU B 305 26.67 -15.95 -25.71
C LEU B 305 27.35 -16.07 -27.06
N TYR B 306 27.00 -15.18 -27.99
CA TYR B 306 27.59 -15.14 -29.32
C TYR B 306 28.74 -14.13 -29.37
N GLY B 307 29.94 -14.59 -29.07
CA GLY B 307 31.08 -13.69 -29.00
C GLY B 307 31.74 -13.41 -30.32
N VAL B 308 31.31 -14.08 -31.39
CA VAL B 308 31.79 -13.83 -32.75
C VAL B 308 30.56 -13.64 -33.64
N ILE B 309 30.42 -12.45 -34.21
CA ILE B 309 29.26 -12.10 -35.03
C ILE B 309 29.69 -11.39 -36.30
N ASP B 310 29.06 -11.76 -37.41
CA ASP B 310 29.15 -11.11 -38.71
C ASP B 310 30.50 -11.35 -39.37
N THR B 311 31.16 -12.46 -39.02
CA THR B 311 32.33 -12.86 -39.81
C THR B 311 31.88 -13.79 -40.92
N PRO B 312 32.61 -13.86 -42.03
CA PRO B 312 32.20 -14.74 -43.13
C PRO B 312 32.20 -16.23 -42.73
N CYS B 313 31.16 -16.94 -43.18
CA CYS B 313 31.06 -18.39 -43.04
C CYS B 313 30.84 -19.02 -44.40
N TRP B 314 31.33 -20.26 -44.56
CA TRP B 314 31.05 -21.02 -45.78
C TRP B 314 30.91 -22.50 -45.46
N LYS B 315 30.09 -23.17 -46.28
CA LYS B 315 29.77 -24.60 -46.16
C LYS B 315 30.42 -25.34 -47.32
N LEU B 316 31.24 -26.34 -47.02
CA LEU B 316 31.91 -27.15 -48.04
C LEU B 316 31.15 -28.45 -48.29
N HIS B 317 30.69 -28.64 -49.52
CA HIS B 317 30.03 -29.87 -49.96
C HIS B 317 30.99 -30.68 -50.84
N THR B 318 31.04 -31.99 -50.62
CA THR B 318 31.92 -32.86 -51.39
C THR B 318 31.19 -34.12 -51.83
N SER B 319 31.74 -34.76 -52.87
CA SER B 319 31.15 -35.92 -53.51
C SER B 319 32.26 -36.74 -54.16
N PRO B 320 32.06 -38.05 -54.34
CA PRO B 320 33.14 -38.89 -54.87
C PRO B 320 33.52 -38.52 -56.30
N LEU B 321 34.83 -38.45 -56.55
CA LEU B 321 35.38 -38.20 -57.87
C LEU B 321 36.06 -39.47 -58.38
N CYS B 322 35.48 -40.12 -59.38
CA CYS B 322 36.05 -41.34 -59.91
C CYS B 322 36.36 -41.25 -61.40
N THR B 323 37.30 -42.08 -61.83
CA THR B 323 37.55 -42.34 -63.25
C THR B 323 36.35 -43.07 -63.86
N THR B 324 36.27 -43.07 -65.18
CA THR B 324 35.10 -43.61 -65.88
C THR B 324 35.48 -44.64 -66.94
N ASN B 325 36.51 -45.46 -66.67
CA ASN B 325 36.88 -46.50 -67.61
C ASN B 325 35.76 -47.55 -67.75
N THR B 326 35.74 -48.20 -68.91
CA THR B 326 34.70 -49.18 -69.24
C THR B 326 34.78 -50.43 -68.36
N LYS B 327 35.97 -51.01 -68.22
CA LYS B 327 36.14 -52.24 -67.44
C LYS B 327 35.80 -52.03 -65.98
N GLU B 328 34.82 -52.81 -65.50
CA GLU B 328 34.36 -52.73 -64.12
C GLU B 328 35.47 -53.09 -63.15
N GLY B 329 35.54 -52.36 -62.04
CA GLY B 329 36.50 -52.58 -60.99
C GLY B 329 37.89 -52.04 -61.26
N SER B 330 38.10 -51.42 -62.42
CA SER B 330 39.37 -50.81 -62.78
C SER B 330 39.43 -49.34 -62.45
N ASN B 331 38.36 -48.79 -61.88
CA ASN B 331 38.29 -47.36 -61.58
C ASN B 331 38.77 -47.06 -60.16
N ILE B 332 39.30 -45.86 -60.00
CA ILE B 332 39.80 -45.34 -58.74
C ILE B 332 39.03 -44.06 -58.39
N CYS B 333 38.88 -43.81 -57.10
CA CYS B 333 38.07 -42.68 -56.64
C CYS B 333 38.79 -41.85 -55.58
N LEU B 334 38.37 -40.59 -55.51
CA LEU B 334 38.88 -39.62 -54.56
C LEU B 334 37.77 -38.73 -54.01
N THR B 335 37.78 -38.48 -52.70
CA THR B 335 36.78 -37.58 -52.11
C THR B 335 37.43 -36.68 -51.06
N ARG B 336 37.24 -35.37 -51.22
CA ARG B 336 37.63 -34.42 -50.20
C ARG B 336 36.88 -34.60 -48.88
N THR B 337 37.62 -34.75 -47.79
CA THR B 337 37.03 -34.99 -46.49
C THR B 337 36.96 -33.62 -45.80
N ASP B 338 36.71 -33.62 -44.48
CA ASP B 338 36.52 -32.38 -43.72
C ASP B 338 35.39 -31.50 -44.23
N ARG B 339 34.37 -32.08 -44.85
CA ARG B 339 33.23 -31.30 -45.31
C ARG B 339 32.47 -30.78 -44.10
N GLY B 340 31.79 -29.65 -44.26
CA GLY B 340 31.09 -29.04 -43.16
C GLY B 340 31.14 -27.53 -43.25
N TRP B 341 30.73 -26.88 -42.16
CA TRP B 341 30.74 -25.42 -42.07
C TRP B 341 32.09 -24.89 -41.58
N TYR B 342 32.51 -23.76 -42.17
CA TYR B 342 33.72 -23.04 -41.80
C TYR B 342 33.35 -21.58 -41.54
N CYS B 343 33.87 -21.01 -40.46
CA CYS B 343 33.66 -19.60 -40.12
C CYS B 343 34.97 -18.95 -39.70
N ASP B 344 35.25 -17.77 -40.25
CA ASP B 344 36.36 -16.95 -39.78
C ASP B 344 36.19 -16.62 -38.30
N ASN B 345 37.28 -16.77 -37.55
CA ASN B 345 37.23 -16.56 -36.11
C ASN B 345 38.64 -16.23 -35.61
N ALA B 346 38.86 -14.97 -35.26
CA ALA B 346 40.08 -14.52 -34.58
C ALA B 346 41.34 -14.85 -35.37
N GLY B 347 41.32 -14.60 -36.68
CA GLY B 347 42.50 -14.80 -37.50
C GLY B 347 42.70 -16.21 -37.99
N SER B 348 41.88 -17.15 -37.52
CA SER B 348 41.87 -18.54 -37.94
C SER B 348 40.49 -18.86 -38.51
N VAL B 349 40.24 -20.14 -38.78
CA VAL B 349 38.94 -20.59 -39.26
C VAL B 349 38.41 -21.67 -38.32
N SER B 350 37.19 -21.46 -37.81
CA SER B 350 36.52 -22.44 -36.97
C SER B 350 35.77 -23.43 -37.86
N PHE B 351 36.09 -24.71 -37.68
CA PHE B 351 35.58 -25.82 -38.49
C PHE B 351 34.74 -26.72 -37.62
N PHE B 352 33.47 -26.95 -37.99
CA PHE B 352 32.57 -27.75 -37.17
C PHE B 352 32.28 -29.09 -37.85
N PRO B 353 33.06 -30.13 -37.51
CA PRO B 353 32.95 -31.45 -38.17
C PRO B 353 31.64 -32.20 -38.01
N GLN B 354 30.96 -32.08 -36.86
CA GLN B 354 29.69 -32.75 -36.65
C GLN B 354 28.50 -31.90 -37.04
N ALA B 355 27.82 -32.33 -38.10
CA ALA B 355 26.71 -31.60 -38.70
C ALA B 355 25.63 -31.34 -37.66
N GLU B 356 24.62 -30.57 -38.06
CA GLU B 356 23.46 -30.29 -37.22
C GLU B 356 23.85 -29.43 -36.02
N THR B 357 25.14 -29.22 -35.78
CA THR B 357 25.40 -28.32 -34.67
C THR B 357 25.31 -26.87 -35.09
N CYS B 358 25.21 -26.58 -36.38
CA CYS B 358 24.99 -25.22 -36.82
C CYS B 358 23.56 -25.12 -37.34
N LYS B 359 22.89 -24.00 -37.08
CA LYS B 359 21.55 -23.77 -37.60
C LYS B 359 21.59 -22.54 -38.49
N VAL B 360 21.06 -22.65 -39.71
CA VAL B 360 21.09 -21.55 -40.65
C VAL B 360 19.72 -20.89 -40.78
N GLN B 361 19.66 -19.58 -40.56
CA GLN B 361 18.46 -18.79 -40.82
C GLN B 361 18.85 -17.66 -41.76
N SER B 362 18.20 -17.60 -42.92
CA SER B 362 18.48 -16.62 -43.93
C SER B 362 19.91 -16.83 -44.28
N ASN B 363 20.77 -15.83 -44.14
CA ASN B 363 22.19 -15.92 -44.42
C ASN B 363 23.02 -15.89 -43.15
N ARG B 364 22.38 -15.97 -42.00
CA ARG B 364 23.04 -16.02 -40.70
C ARG B 364 23.17 -17.46 -40.25
N VAL B 365 24.35 -17.86 -39.79
CA VAL B 365 24.60 -19.22 -39.32
C VAL B 365 25.03 -19.22 -37.86
N PHE B 366 24.27 -19.93 -37.02
CA PHE B 366 24.51 -20.06 -35.59
C PHE B 366 25.27 -21.36 -35.33
N CYS B 367 26.46 -21.29 -34.74
CA CYS B 367 27.20 -22.52 -34.43
C CYS B 367 27.66 -22.55 -32.98
N ASP B 368 28.21 -23.70 -32.58
CA ASP B 368 28.72 -23.90 -31.22
C ASP B 368 30.19 -24.30 -31.27
N THR B 369 31.05 -23.49 -30.64
CA THR B 369 32.50 -23.65 -30.66
C THR B 369 33.04 -24.87 -29.88
N MET B 370 32.25 -25.50 -29.01
CA MET B 370 32.74 -26.66 -28.28
C MET B 370 33.05 -27.86 -29.16
N ASN B 371 32.39 -27.99 -30.30
CA ASN B 371 32.60 -29.07 -31.26
C ASN B 371 33.41 -28.64 -32.47
N SER B 372 34.35 -27.71 -32.32
CA SER B 372 35.13 -27.27 -33.48
C SER B 372 36.62 -27.44 -33.27
N LEU B 373 37.32 -27.47 -34.41
CA LEU B 373 38.74 -27.25 -34.51
C LEU B 373 39.05 -25.84 -35.01
N THR B 374 40.22 -25.36 -34.60
CA THR B 374 40.78 -24.07 -35.03
C THR B 374 41.86 -24.32 -36.08
N LEU B 375 41.62 -23.89 -37.32
CA LEU B 375 42.55 -24.25 -38.37
C LEU B 375 43.27 -23.02 -38.90
N PRO B 376 44.47 -23.18 -39.44
CA PRO B 376 45.13 -22.06 -40.13
C PRO B 376 44.28 -21.56 -41.28
N SER B 377 44.36 -20.26 -41.55
CA SER B 377 43.50 -19.72 -42.61
C SER B 377 43.91 -20.23 -43.99
N GLU B 378 45.10 -20.82 -44.11
CA GLU B 378 45.57 -21.42 -45.35
C GLU B 378 44.75 -22.64 -45.77
N VAL B 379 43.91 -23.18 -44.87
CA VAL B 379 43.02 -24.29 -45.20
C VAL B 379 42.13 -23.93 -46.38
N ASN B 380 41.89 -22.63 -46.60
CA ASN B 380 41.07 -22.19 -47.72
C ASN B 380 41.73 -22.54 -49.05
N LEU B 381 43.05 -22.68 -49.08
CA LEU B 381 43.73 -22.96 -50.34
C LEU B 381 43.29 -24.28 -50.96
N CYS B 382 42.76 -25.22 -50.17
CA CYS B 382 42.36 -26.51 -50.75
C CYS B 382 41.22 -26.36 -51.74
N ASN B 383 40.49 -25.24 -51.67
CA ASN B 383 39.37 -25.04 -52.59
C ASN B 383 39.86 -24.54 -53.94
N VAL B 384 40.80 -23.59 -53.94
CA VAL B 384 41.35 -23.04 -55.18
C VAL B 384 42.51 -23.86 -55.73
N ASP B 385 43.39 -24.39 -54.87
CA ASP B 385 44.55 -25.15 -55.36
C ASP B 385 44.83 -26.30 -54.39
N ILE B 386 44.29 -27.48 -54.69
CA ILE B 386 44.39 -28.63 -53.80
C ILE B 386 45.79 -29.22 -53.67
N PHE B 387 46.73 -28.87 -54.56
CA PHE B 387 48.09 -29.36 -54.47
C PHE B 387 49.06 -28.36 -53.89
N ASN B 388 48.57 -27.24 -53.36
CA ASN B 388 49.40 -26.22 -52.77
C ASN B 388 50.35 -26.80 -51.71
N PRO B 389 51.56 -26.26 -51.59
CA PRO B 389 52.57 -26.82 -50.69
C PRO B 389 52.43 -26.35 -49.25
N LYS B 390 51.45 -25.50 -48.96
CA LYS B 390 51.32 -24.82 -47.68
C LYS B 390 50.32 -25.48 -46.74
N TYR B 391 49.38 -26.29 -47.25
CA TYR B 391 48.45 -26.99 -46.39
C TYR B 391 48.21 -28.36 -46.99
N ASP B 392 48.26 -29.40 -46.15
CA ASP B 392 48.11 -30.77 -46.62
C ASP B 392 46.65 -31.17 -46.66
N CYS B 393 46.01 -30.98 -47.82
CA CYS B 393 44.58 -31.18 -47.98
C CYS B 393 44.19 -32.63 -47.75
N LYS B 394 43.09 -32.86 -47.02
CA LYS B 394 42.69 -34.22 -46.65
C LYS B 394 41.75 -34.82 -47.69
N ILE B 395 42.00 -36.07 -48.07
CA ILE B 395 41.18 -36.80 -49.04
C ILE B 395 41.08 -38.26 -48.61
N MET B 396 40.08 -38.97 -49.13
CA MET B 396 40.03 -40.42 -49.02
C MET B 396 40.01 -41.06 -50.40
N THR B 397 40.52 -42.29 -50.48
CA THR B 397 40.60 -43.02 -51.73
C THR B 397 39.87 -44.36 -51.63
N SER B 398 39.35 -44.83 -52.77
CA SER B 398 38.71 -46.14 -52.86
C SER B 398 38.59 -46.51 -54.34
N LYS B 399 38.03 -47.70 -54.60
CA LYS B 399 37.65 -48.10 -55.96
C LYS B 399 36.14 -48.32 -56.07
N THR B 400 35.37 -47.85 -55.10
CA THR B 400 33.93 -48.10 -55.03
C THR B 400 33.24 -46.94 -55.74
N ASP B 401 33.10 -47.06 -57.06
CA ASP B 401 32.53 -45.98 -57.88
C ASP B 401 31.00 -46.15 -57.95
N VAL B 402 30.36 -45.81 -56.83
CA VAL B 402 28.90 -45.81 -56.74
C VAL B 402 28.41 -44.39 -56.99
N SER B 403 27.18 -44.30 -57.48
CA SER B 403 26.57 -43.04 -57.86
C SER B 403 25.80 -42.42 -56.71
N SER B 404 25.83 -41.09 -56.62
CA SER B 404 25.04 -40.38 -55.61
C SER B 404 24.96 -38.92 -56.01
N SER B 405 24.19 -38.15 -55.23
CA SER B 405 24.10 -36.71 -55.39
C SER B 405 24.20 -36.04 -54.02
N VAL B 406 24.76 -34.83 -53.99
CA VAL B 406 24.79 -33.98 -52.82
C VAL B 406 24.01 -32.71 -53.10
N ILE B 407 22.93 -32.48 -52.37
CA ILE B 407 22.15 -31.25 -52.53
C ILE B 407 22.85 -30.11 -51.78
N THR B 408 23.20 -29.06 -52.51
CA THR B 408 23.95 -27.94 -51.96
C THR B 408 22.99 -26.81 -51.58
N SER B 409 23.56 -25.65 -51.25
CA SER B 409 22.74 -24.48 -50.95
C SER B 409 21.99 -23.99 -52.18
N LEU B 410 22.65 -24.01 -53.35
CA LEU B 410 22.13 -23.36 -54.55
C LEU B 410 22.11 -24.28 -55.77
N GLY B 411 22.26 -25.59 -55.58
CA GLY B 411 22.28 -26.51 -56.71
C GLY B 411 22.41 -27.97 -56.32
N ALA B 412 23.10 -28.76 -57.15
CA ALA B 412 23.24 -30.19 -56.90
C ALA B 412 24.50 -30.73 -57.57
N ILE B 413 25.30 -31.50 -56.82
CA ILE B 413 26.42 -32.24 -57.39
C ILE B 413 25.92 -33.62 -57.78
N VAL B 414 26.23 -34.08 -58.99
CA VAL B 414 25.82 -35.41 -59.47
C VAL B 414 27.05 -36.25 -59.84
N SER B 415 27.24 -37.36 -59.13
CA SER B 415 28.26 -38.38 -59.44
C SER B 415 27.72 -39.63 -60.14
N CYS B 416 27.87 -39.74 -61.46
CA CYS B 416 27.28 -40.84 -62.25
C CYS B 416 28.36 -41.77 -62.75
N TYR B 417 28.29 -43.04 -62.34
CA TYR B 417 29.29 -44.00 -62.75
C TYR B 417 28.55 -45.27 -63.16
N GLY B 418 29.24 -46.09 -63.93
CA GLY B 418 28.69 -47.37 -64.36
C GLY B 418 27.52 -47.13 -65.29
N LYS B 419 26.41 -47.83 -65.08
CA LYS B 419 25.25 -47.70 -65.95
C LYS B 419 24.13 -46.81 -65.40
N THR B 420 24.35 -46.09 -64.30
CA THR B 420 23.25 -45.33 -63.73
C THR B 420 22.82 -44.19 -64.65
N LYS B 421 21.51 -44.03 -64.79
CA LYS B 421 20.91 -42.87 -65.45
C LYS B 421 20.72 -41.74 -64.44
N CYS B 422 21.34 -40.58 -64.69
CA CYS B 422 21.21 -39.46 -63.77
C CYS B 422 20.74 -38.25 -64.58
N THR B 423 19.61 -37.67 -64.18
CA THR B 423 19.07 -36.54 -64.92
C THR B 423 18.58 -35.50 -63.93
N ALA B 424 18.32 -34.29 -64.44
CA ALA B 424 17.72 -33.21 -63.69
C ALA B 424 16.53 -32.70 -64.48
N SER B 425 15.44 -32.42 -63.78
CA SER B 425 14.20 -32.02 -64.41
C SER B 425 13.64 -30.75 -63.79
N ASN B 426 12.74 -30.11 -64.53
CA ASN B 426 11.89 -29.03 -64.05
C ASN B 426 10.49 -29.61 -63.80
N LYS B 427 9.73 -28.93 -62.93
CA LYS B 427 8.38 -29.37 -62.63
C LYS B 427 7.56 -29.63 -63.90
N ASN B 428 7.45 -28.63 -64.78
CA ASN B 428 6.55 -28.71 -65.92
C ASN B 428 7.26 -29.09 -67.21
N ARG B 429 8.56 -28.80 -67.34
CA ARG B 429 9.28 -29.01 -68.59
C ARG B 429 9.84 -30.41 -68.72
N GLY B 430 10.17 -31.05 -67.60
CA GLY B 430 10.78 -32.35 -67.60
C GLY B 430 12.29 -32.30 -67.64
N ILE B 431 12.91 -33.32 -68.23
CA ILE B 431 14.36 -33.43 -68.20
C ILE B 431 14.97 -32.27 -68.98
N ILE B 432 15.85 -31.51 -68.33
CA ILE B 432 16.51 -30.39 -68.96
C ILE B 432 18.01 -30.57 -69.05
N LYS B 433 18.61 -31.47 -68.26
CA LYS B 433 20.01 -31.81 -68.41
C LYS B 433 20.12 -33.30 -68.13
N THR B 434 20.82 -34.02 -69.01
CA THR B 434 21.15 -35.42 -68.78
C THR B 434 22.65 -35.50 -68.52
N PHE B 435 23.02 -36.03 -67.37
CA PHE B 435 24.43 -36.11 -66.99
C PHE B 435 25.16 -37.27 -67.65
N SER B 436 26.38 -37.00 -68.10
CA SER B 436 27.30 -38.02 -68.55
C SER B 436 28.08 -38.56 -67.34
N ASN B 437 28.79 -39.67 -67.54
CA ASN B 437 29.60 -40.23 -66.47
C ASN B 437 30.64 -39.21 -66.03
N GLY B 438 30.85 -39.11 -64.71
CA GLY B 438 31.75 -38.14 -64.14
C GLY B 438 31.09 -37.38 -63.02
N CYS B 439 31.77 -36.35 -62.52
CA CYS B 439 31.21 -35.47 -61.50
C CYS B 439 30.84 -34.14 -62.15
N ASP B 440 29.61 -33.71 -61.93
CA ASP B 440 29.06 -32.54 -62.59
C ASP B 440 28.18 -31.79 -61.57
N TYR B 441 27.56 -30.71 -62.03
CA TYR B 441 26.85 -29.82 -61.13
C TYR B 441 25.77 -29.11 -61.94
N VAL B 442 24.67 -28.77 -61.28
CA VAL B 442 23.64 -27.95 -61.90
C VAL B 442 23.11 -26.98 -60.84
N SER B 443 22.77 -25.77 -61.28
CA SER B 443 22.26 -24.75 -60.37
C SER B 443 20.75 -24.91 -60.19
N ASN B 444 20.23 -24.26 -59.16
CA ASN B 444 18.82 -24.36 -58.80
C ASN B 444 17.92 -23.48 -59.65
N LYS B 445 18.47 -22.70 -60.57
CA LYS B 445 17.66 -21.85 -61.44
C LYS B 445 17.01 -22.71 -62.52
N GLY B 446 15.69 -22.82 -62.49
CA GLY B 446 15.00 -23.65 -63.45
C GLY B 446 15.03 -25.14 -63.20
N VAL B 447 15.68 -25.60 -62.12
CA VAL B 447 15.70 -27.01 -61.76
C VAL B 447 14.97 -27.20 -60.45
N ASP B 448 14.12 -28.22 -60.39
CA ASP B 448 13.36 -28.55 -59.20
C ASP B 448 13.75 -29.86 -58.56
N THR B 449 14.06 -30.88 -59.36
CA THR B 449 14.45 -32.19 -58.86
C THR B 449 15.66 -32.72 -59.61
N VAL B 450 16.35 -33.66 -58.96
CA VAL B 450 17.44 -34.41 -59.56
C VAL B 450 17.17 -35.88 -59.28
N SER B 451 17.41 -36.74 -60.27
CA SER B 451 17.25 -38.18 -60.11
C SER B 451 18.53 -38.91 -60.42
N VAL B 452 18.98 -39.76 -59.49
CA VAL B 452 20.11 -40.65 -59.71
C VAL B 452 19.62 -42.07 -59.44
N GLY B 453 19.54 -42.88 -60.48
CA GLY B 453 18.95 -44.19 -60.34
C GLY B 453 17.51 -44.05 -59.90
N ASN B 454 17.12 -44.84 -58.89
CA ASN B 454 15.75 -44.80 -58.38
C ASN B 454 15.57 -43.83 -57.20
N THR B 455 16.55 -42.99 -56.92
CA THR B 455 16.50 -42.05 -55.80
C THR B 455 16.25 -40.65 -56.36
N LEU B 456 15.11 -40.07 -55.99
CA LEU B 456 14.78 -38.69 -56.35
C LEU B 456 15.26 -37.72 -55.28
N TYR B 457 15.95 -36.66 -55.71
CA TYR B 457 16.43 -35.59 -54.83
C TYR B 457 15.72 -34.30 -55.23
N TYR B 458 15.10 -33.63 -54.26
CA TYR B 458 14.61 -32.27 -54.46
C TYR B 458 15.74 -31.28 -54.18
N VAL B 459 15.91 -30.29 -55.09
CA VAL B 459 16.94 -29.29 -54.89
C VAL B 459 16.42 -28.13 -54.05
N ASN B 460 17.36 -27.45 -53.38
CA ASN B 460 17.04 -26.24 -52.63
C ASN B 460 16.70 -25.10 -53.59
N LYS B 461 15.63 -24.38 -53.31
CA LYS B 461 15.16 -23.32 -54.20
C LYS B 461 15.52 -21.91 -53.72
N GLN B 462 16.54 -21.75 -52.87
CA GLN B 462 16.94 -20.42 -52.42
C GLN B 462 17.49 -19.58 -53.56
N GLU B 463 17.20 -18.29 -53.51
CA GLU B 463 17.69 -17.36 -54.52
C GLU B 463 19.19 -17.11 -54.30
N GLY B 464 19.94 -17.06 -55.40
CA GLY B 464 21.36 -16.77 -55.30
C GLY B 464 22.11 -17.18 -56.54
N LYS B 465 23.24 -16.53 -56.82
CA LYS B 465 23.96 -16.83 -58.05
C LYS B 465 24.98 -17.92 -57.78
N SER B 466 25.09 -18.86 -58.72
CA SER B 466 26.08 -19.91 -58.69
C SER B 466 27.15 -19.69 -59.76
N LEU B 467 28.39 -20.12 -59.47
CA LEU B 467 29.48 -20.06 -60.42
C LEU B 467 30.08 -21.45 -60.62
N TYR B 468 30.12 -21.91 -61.88
CA TYR B 468 30.71 -23.19 -62.23
C TYR B 468 32.17 -22.96 -62.61
N VAL B 469 33.09 -23.43 -61.77
CA VAL B 469 34.52 -23.25 -62.03
C VAL B 469 35.04 -24.50 -62.75
N LYS B 470 35.28 -24.37 -64.06
CA LYS B 470 35.73 -25.51 -64.84
C LYS B 470 37.16 -25.88 -64.48
N GLY B 471 37.47 -27.16 -64.61
CA GLY B 471 38.80 -27.68 -64.37
C GLY B 471 38.83 -29.18 -64.52
N GLU B 472 39.96 -29.72 -64.96
CA GLU B 472 40.10 -31.17 -65.11
C GLU B 472 39.95 -31.88 -63.78
N PRO B 473 39.06 -32.89 -63.69
CA PRO B 473 38.98 -33.72 -62.47
C PRO B 473 40.34 -34.32 -62.11
N ILE B 474 40.81 -34.06 -60.89
CA ILE B 474 42.19 -34.40 -60.52
C ILE B 474 42.44 -35.90 -60.44
N ILE B 475 41.40 -36.73 -60.34
CA ILE B 475 41.60 -38.17 -60.31
C ILE B 475 42.28 -38.66 -61.58
N ASN B 476 42.18 -37.90 -62.68
CA ASN B 476 42.83 -38.26 -63.93
C ASN B 476 44.34 -38.10 -63.89
N PHE B 477 44.87 -37.42 -62.87
CA PHE B 477 46.29 -37.15 -62.75
C PHE B 477 47.07 -38.30 -62.09
N TYR B 478 46.39 -39.36 -61.70
CA TYR B 478 46.98 -40.47 -60.96
C TYR B 478 47.06 -41.70 -61.85
N ASP B 479 48.17 -42.41 -61.76
CA ASP B 479 48.34 -43.68 -62.45
C ASP B 479 47.69 -44.80 -61.63
N PRO B 480 46.64 -45.44 -62.16
CA PRO B 480 45.88 -46.43 -61.36
C PRO B 480 46.72 -47.61 -60.88
N LEU B 481 47.87 -47.88 -61.49
CA LEU B 481 48.68 -49.04 -61.14
C LEU B 481 49.45 -48.83 -59.84
N VAL B 482 49.60 -47.59 -59.38
CA VAL B 482 50.30 -47.26 -58.15
C VAL B 482 49.42 -46.43 -57.21
N PHE B 483 48.14 -46.31 -57.51
CA PHE B 483 47.21 -45.55 -56.70
C PHE B 483 46.83 -46.28 -55.41
N PRO B 484 47.07 -45.70 -54.24
CA PRO B 484 46.65 -46.38 -52.99
C PRO B 484 45.15 -46.19 -52.78
N SER B 485 44.31 -47.16 -53.13
CA SER B 485 42.86 -47.06 -52.93
C SER B 485 42.36 -47.52 -51.59
N ASP B 486 43.23 -47.76 -50.62
CA ASP B 486 42.72 -48.26 -49.36
C ASP B 486 43.12 -47.33 -48.23
N GLU B 487 43.15 -46.04 -48.52
CA GLU B 487 43.31 -44.99 -47.52
C GLU B 487 41.99 -44.32 -47.21
N PHE B 488 41.52 -44.44 -45.97
CA PHE B 488 40.22 -43.85 -45.64
C PHE B 488 40.53 -42.47 -45.03
N ASP B 489 41.33 -42.43 -43.98
CA ASP B 489 41.73 -41.19 -43.34
C ASP B 489 43.08 -40.84 -43.98
N ALA B 490 43.13 -39.87 -44.86
CA ALA B 490 44.39 -39.68 -45.59
C ALA B 490 44.50 -38.24 -46.08
N SER B 491 45.53 -37.99 -46.90
CA SER B 491 45.74 -36.67 -47.46
C SER B 491 46.64 -36.78 -48.69
N ILE B 492 46.71 -35.68 -49.43
CA ILE B 492 47.53 -35.59 -50.64
C ILE B 492 48.99 -35.95 -50.39
N SER B 493 49.61 -35.37 -49.35
CA SER B 493 51.02 -35.67 -49.12
C SER B 493 51.22 -37.12 -48.72
N GLN B 494 50.31 -37.67 -47.93
CA GLN B 494 50.43 -39.07 -47.53
C GLN B 494 50.29 -39.99 -48.73
N VAL B 495 49.31 -39.70 -49.60
CA VAL B 495 49.12 -40.45 -50.84
C VAL B 495 50.33 -40.32 -51.76
N ASN B 496 50.85 -39.10 -51.93
CA ASN B 496 52.08 -38.92 -52.71
C ASN B 496 53.22 -39.77 -52.17
N GLU B 497 53.39 -39.79 -50.84
CA GLU B 497 54.46 -40.58 -50.25
C GLU B 497 54.32 -42.04 -50.63
N LYS B 498 53.09 -42.57 -50.57
CA LYS B 498 52.87 -43.98 -50.89
C LYS B 498 53.05 -44.24 -52.38
N ILE B 499 52.61 -43.31 -53.23
CA ILE B 499 52.82 -43.46 -54.67
C ILE B 499 54.32 -43.49 -54.99
N ASN B 500 55.08 -42.61 -54.34
CA ASN B 500 56.53 -42.57 -54.50
C ASN B 500 57.19 -43.88 -54.11
N GLN B 501 56.65 -44.57 -53.09
CA GLN B 501 57.24 -45.84 -52.64
C GLN B 501 56.99 -46.98 -53.62
N SER B 502 55.80 -47.04 -54.22
CA SER B 502 55.53 -48.08 -55.21
C SER B 502 56.35 -47.89 -56.48
N LEU B 503 56.60 -46.65 -56.88
CA LEU B 503 57.43 -46.39 -58.06
C LEU B 503 58.89 -46.72 -57.78
N ALA B 504 59.34 -46.53 -56.55
CA ALA B 504 60.71 -46.82 -56.17
C ALA B 504 60.99 -48.32 -56.30
N PHE B 505 60.06 -49.14 -55.82
CA PHE B 505 60.18 -50.59 -55.83
C PHE B 505 60.03 -51.19 -57.22
N ILE B 506 59.60 -50.41 -58.21
CA ILE B 506 59.56 -50.89 -59.59
C ILE B 506 60.78 -50.39 -60.37
N GLU C 1 0.11 25.98 13.00
CA GLU C 1 -1.21 26.25 13.55
C GLU C 1 -1.54 27.74 13.46
N ILE C 2 -2.79 28.04 13.13
CA ILE C 2 -3.20 29.42 12.84
C ILE C 2 -3.71 30.08 14.11
N VAL C 3 -3.18 31.25 14.42
CA VAL C 3 -3.59 32.03 15.58
C VAL C 3 -4.77 32.91 15.20
N MET C 4 -5.78 32.97 16.07
CA MET C 4 -6.98 33.74 15.82
C MET C 4 -7.15 34.79 16.91
N THR C 5 -7.38 36.03 16.51
CA THR C 5 -7.55 37.15 17.41
C THR C 5 -8.97 37.67 17.30
N GLN C 6 -9.64 37.80 18.45
CA GLN C 6 -11.01 38.29 18.49
C GLN C 6 -11.05 39.57 19.31
N SER C 7 -11.81 40.55 18.85
CA SER C 7 -11.82 41.84 19.49
C SER C 7 -13.24 42.41 19.46
N PRO C 8 -13.75 42.92 20.59
CA PRO C 8 -13.02 42.96 21.86
C PRO C 8 -13.17 41.68 22.69
N SER C 9 -12.42 41.58 23.78
CA SER C 9 -12.54 40.41 24.65
C SER C 9 -13.94 40.29 25.23
N SER C 10 -14.53 41.42 25.60
CA SER C 10 -15.89 41.44 26.10
C SER C 10 -16.46 42.83 25.83
N LEU C 11 -17.78 42.91 25.73
CA LEU C 11 -18.44 44.18 25.45
C LEU C 11 -19.80 44.20 26.10
N SER C 12 -20.28 45.41 26.39
CA SER C 12 -21.64 45.62 26.88
C SER C 12 -22.32 46.67 26.02
N ALA C 13 -23.61 46.47 25.77
CA ALA C 13 -24.36 47.39 24.92
C ALA C 13 -25.83 47.37 25.34
N SER C 14 -26.50 48.50 25.10
CA SER C 14 -27.92 48.62 25.41
C SER C 14 -28.74 47.77 24.44
N ILE C 15 -29.97 47.48 24.85
CA ILE C 15 -30.86 46.69 24.00
C ILE C 15 -31.23 47.50 22.76
N GLY C 16 -31.09 46.89 21.60
CA GLY C 16 -31.32 47.57 20.34
C GLY C 16 -30.08 48.17 19.71
N ASP C 17 -28.95 48.15 20.40
CA ASP C 17 -27.72 48.74 19.89
C ASP C 17 -27.18 47.92 18.72
N ARG C 18 -26.23 48.53 18.00
CA ARG C 18 -25.49 47.83 16.96
C ARG C 18 -24.19 47.31 17.56
N VAL C 19 -24.01 45.99 17.54
CA VAL C 19 -22.87 45.33 18.17
C VAL C 19 -22.04 44.66 17.08
N THR C 20 -20.74 44.91 17.10
CA THR C 20 -19.84 44.34 16.09
C THR C 20 -18.60 43.75 16.74
N ILE C 21 -18.35 42.48 16.47
CA ILE C 21 -17.17 41.76 16.92
C ILE C 21 -16.32 41.48 15.69
N THR C 22 -15.03 41.79 15.78
CA THR C 22 -14.10 41.55 14.69
C THR C 22 -13.21 40.36 15.02
N CYS C 23 -12.68 39.75 13.96
CA CYS C 23 -11.91 38.52 14.04
C CYS C 23 -10.74 38.65 13.09
N GLN C 24 -9.56 38.23 13.53
CA GLN C 24 -8.36 38.35 12.71
C GLN C 24 -7.57 37.05 12.78
N ALA C 25 -7.12 36.59 11.62
CA ALA C 25 -6.38 35.34 11.51
C ALA C 25 -4.92 35.64 11.23
N SER C 26 -4.04 34.72 11.67
CA SER C 26 -2.60 34.93 11.51
C SER C 26 -2.22 35.08 10.05
N GLN C 27 -2.84 34.30 9.16
CA GLN C 27 -2.60 34.43 7.74
C GLN C 27 -3.91 34.26 6.98
N ASP C 28 -3.85 34.50 5.67
CA ASP C 28 -5.03 34.52 4.83
C ASP C 28 -5.77 33.18 4.90
N ILE C 29 -7.07 33.24 5.19
CA ILE C 29 -7.89 32.04 5.27
C ILE C 29 -9.10 32.11 4.33
N SER C 30 -9.05 32.99 3.34
CA SER C 30 -10.08 33.11 2.28
C SER C 30 -11.44 33.35 2.96
N THR C 31 -12.49 32.67 2.53
CA THR C 31 -13.83 32.82 3.11
C THR C 31 -14.14 31.76 4.15
N TYR C 32 -13.14 31.02 4.63
CA TYR C 32 -13.39 29.84 5.48
C TYR C 32 -13.33 30.22 6.96
N LEU C 33 -14.31 31.01 7.37
CA LEU C 33 -14.44 31.44 8.76
C LEU C 33 -15.89 31.32 9.21
N ASN C 34 -16.10 30.70 10.37
CA ASN C 34 -17.43 30.52 10.94
C ASN C 34 -17.58 31.35 12.21
N TRP C 35 -18.83 31.58 12.60
CA TRP C 35 -19.16 32.28 13.84
C TRP C 35 -20.09 31.41 14.67
N TYR C 36 -19.79 31.29 15.95
CA TYR C 36 -20.58 30.46 16.86
C TYR C 36 -21.05 31.29 18.06
N GLN C 37 -22.22 30.92 18.57
CA GLN C 37 -22.82 31.53 19.75
C GLN C 37 -23.04 30.44 20.79
N GLN C 38 -22.46 30.62 21.99
CA GLN C 38 -22.59 29.63 23.04
C GLN C 38 -23.07 30.30 24.32
N LYS C 39 -24.21 29.87 24.81
CA LYS C 39 -24.79 30.28 26.08
C LYS C 39 -24.37 29.32 27.18
N PRO C 40 -24.50 29.73 28.45
CA PRO C 40 -24.01 28.88 29.55
C PRO C 40 -24.71 27.53 29.60
N GLY C 41 -23.92 26.47 29.74
CA GLY C 41 -24.44 25.13 29.89
C GLY C 41 -24.92 24.47 28.63
N GLN C 42 -24.67 25.06 27.46
CA GLN C 42 -25.16 24.53 26.20
C GLN C 42 -24.01 24.45 25.20
N ALA C 43 -24.18 23.57 24.21
CA ALA C 43 -23.20 23.45 23.15
C ALA C 43 -23.25 24.67 22.24
N PRO C 44 -22.16 24.95 21.53
CA PRO C 44 -22.16 26.10 20.62
C PRO C 44 -23.22 25.97 19.54
N ARG C 45 -23.57 27.12 18.95
CA ARG C 45 -24.57 27.19 17.90
C ARG C 45 -23.96 27.91 16.70
N LEU C 46 -24.05 27.28 15.54
CA LEU C 46 -23.51 27.89 14.32
C LEU C 46 -24.39 29.06 13.89
N LEU C 47 -23.79 30.24 13.78
CA LEU C 47 -24.47 31.45 13.33
C LEU C 47 -24.18 31.76 11.87
N ILE C 48 -22.90 31.92 11.54
CA ILE C 48 -22.45 32.27 10.20
C ILE C 48 -21.46 31.21 9.75
N TYR C 49 -21.64 30.69 8.53
CA TYR C 49 -20.68 29.80 7.91
C TYR C 49 -20.19 30.41 6.60
N GLY C 50 -18.94 30.10 6.26
CA GLY C 50 -18.35 30.64 5.05
C GLY C 50 -18.31 32.15 5.06
N ALA C 51 -17.81 32.72 6.16
CA ALA C 51 -17.57 34.14 6.35
C ALA C 51 -18.84 34.99 6.43
N SER C 52 -19.81 34.73 5.56
CA SER C 52 -20.97 35.61 5.45
C SER C 52 -22.31 34.90 5.37
N ASN C 53 -22.36 33.62 5.02
CA ASN C 53 -23.64 32.96 4.85
C ASN C 53 -24.32 32.73 6.20
N LEU C 54 -25.63 32.98 6.23
CA LEU C 54 -26.41 32.90 7.45
C LEU C 54 -27.04 31.50 7.61
N GLU C 55 -26.85 30.90 8.76
CA GLU C 55 -27.35 29.54 9.00
C GLU C 55 -28.88 29.56 9.13
N THR C 56 -29.51 28.52 8.61
CA THR C 56 -30.97 28.44 8.63
C THR C 56 -31.48 28.43 10.07
N GLY C 57 -32.39 29.36 10.37
CA GLY C 57 -32.95 29.51 11.69
C GLY C 57 -32.34 30.60 12.54
N VAL C 58 -31.37 31.34 12.01
CA VAL C 58 -30.73 32.42 12.75
C VAL C 58 -31.44 33.72 12.38
N PRO C 59 -31.70 34.61 13.33
CA PRO C 59 -32.38 35.87 13.01
C PRO C 59 -31.64 36.68 11.95
N SER C 60 -32.41 37.50 11.23
CA SER C 60 -31.85 38.29 10.13
C SER C 60 -30.87 39.34 10.61
N ARG C 61 -30.86 39.66 11.89
CA ARG C 61 -30.03 40.74 12.42
C ARG C 61 -28.58 40.32 12.60
N PHE C 62 -28.21 39.11 12.19
CA PHE C 62 -26.82 38.66 12.23
C PHE C 62 -26.23 38.76 10.83
N THR C 63 -25.12 39.49 10.71
CA THR C 63 -24.48 39.72 9.43
C THR C 63 -23.01 39.38 9.52
N GLY C 64 -22.50 38.71 8.49
CA GLY C 64 -21.11 38.31 8.42
C GLY C 64 -20.40 39.06 7.31
N SER C 65 -19.11 39.30 7.50
CA SER C 65 -18.37 40.13 6.55
C SER C 65 -16.90 39.77 6.60
N GLY C 66 -16.20 40.07 5.52
CA GLY C 66 -14.76 39.95 5.45
C GLY C 66 -14.30 38.87 4.47
N TYR C 67 -13.02 38.94 4.16
CA TYR C 67 -12.33 37.95 3.35
C TYR C 67 -10.85 38.00 3.69
N GLY C 68 -10.20 36.84 3.76
CA GLY C 68 -8.76 36.79 3.88
C GLY C 68 -8.24 36.72 5.31
N THR C 69 -7.91 37.90 5.86
CA THR C 69 -7.35 37.97 7.20
C THR C 69 -8.20 38.72 8.21
N ASP C 70 -9.16 39.53 7.76
CA ASP C 70 -9.95 40.38 8.65
C ASP C 70 -11.43 40.09 8.42
N PHE C 71 -12.13 39.75 9.49
CA PHE C 71 -13.54 39.42 9.42
C PHE C 71 -14.28 40.12 10.56
N SER C 72 -15.60 40.07 10.49
CA SER C 72 -16.44 40.71 11.50
C SER C 72 -17.82 40.08 11.50
N VAL C 73 -18.45 40.11 12.66
CA VAL C 73 -19.85 39.72 12.81
C VAL C 73 -20.59 40.89 13.44
N THR C 74 -21.83 41.11 13.04
CA THR C 74 -22.58 42.28 13.45
C THR C 74 -24.01 41.91 13.83
N ILE C 75 -24.42 42.33 15.03
CA ILE C 75 -25.81 42.22 15.46
C ILE C 75 -26.47 43.57 15.21
N SER C 76 -27.47 43.58 14.33
CA SER C 76 -28.09 44.85 13.93
C SER C 76 -28.78 45.53 15.10
N SER C 77 -29.51 44.77 15.92
CA SER C 77 -30.13 45.28 17.13
C SER C 77 -30.00 44.22 18.23
N LEU C 78 -29.19 44.51 19.24
CA LEU C 78 -28.94 43.56 20.31
C LEU C 78 -30.23 43.27 21.09
N GLN C 79 -30.41 42.01 21.45
CA GLN C 79 -31.61 41.52 22.11
C GLN C 79 -31.26 40.76 23.38
N PRO C 80 -32.21 40.59 24.30
CA PRO C 80 -31.93 39.80 25.51
C PRO C 80 -31.51 38.37 25.23
N GLU C 81 -32.04 37.75 24.18
CA GLU C 81 -31.72 36.39 23.82
C GLU C 81 -30.35 36.24 23.17
N ASP C 82 -29.53 37.28 23.18
CA ASP C 82 -28.20 37.25 22.58
C ASP C 82 -27.09 37.30 23.61
N ILE C 83 -27.41 37.32 24.90
CA ILE C 83 -26.43 37.31 25.97
C ILE C 83 -25.70 35.99 25.95
N ALA C 84 -24.49 35.97 25.37
CA ALA C 84 -23.75 34.73 25.20
C ALA C 84 -22.29 35.07 24.92
N THR C 85 -21.52 34.03 24.58
CA THR C 85 -20.13 34.15 24.15
C THR C 85 -20.04 33.80 22.66
N TYR C 86 -19.25 34.57 21.92
CA TYR C 86 -19.17 34.44 20.47
C TYR C 86 -17.77 34.07 20.04
N TYR C 87 -17.64 33.02 19.22
CA TYR C 87 -16.37 32.50 18.75
C TYR C 87 -16.30 32.52 17.23
N CYS C 88 -15.14 32.89 16.70
CA CYS C 88 -14.85 32.66 15.29
C CYS C 88 -13.86 31.51 15.15
N GLN C 89 -13.99 30.76 14.06
CA GLN C 89 -13.21 29.55 13.83
C GLN C 89 -12.87 29.46 12.35
N GLN C 90 -11.63 29.05 12.07
CA GLN C 90 -11.14 28.93 10.70
C GLN C 90 -11.09 27.47 10.29
N TYR C 91 -11.28 27.21 9.00
CA TYR C 91 -11.19 25.85 8.51
C TYR C 91 -10.53 25.74 7.13
N GLN C 92 -9.75 26.73 6.71
CA GLN C 92 -8.98 26.55 5.49
C GLN C 92 -7.88 25.53 5.69
N TYR C 93 -7.14 25.64 6.79
CA TYR C 93 -6.04 24.74 7.10
C TYR C 93 -6.40 23.84 8.27
N LEU C 94 -6.01 22.57 8.16
CA LEU C 94 -6.10 21.69 9.31
C LEU C 94 -4.84 21.83 10.16
N PRO C 95 -4.97 21.79 11.50
CA PRO C 95 -6.19 21.59 12.28
C PRO C 95 -7.02 22.86 12.43
N TYR C 96 -8.34 22.71 12.48
CA TYR C 96 -9.21 23.85 12.68
C TYR C 96 -8.94 24.48 14.04
N THR C 97 -8.95 25.81 14.08
CA THR C 97 -8.68 26.53 15.31
C THR C 97 -9.77 27.55 15.58
N PHE C 98 -10.03 27.78 16.86
CA PHE C 98 -10.99 28.77 17.32
C PHE C 98 -10.26 29.97 17.90
N ALA C 99 -10.99 31.06 18.05
CA ALA C 99 -10.50 32.26 18.74
C ALA C 99 -10.81 32.14 20.22
N PRO C 100 -10.22 33.00 21.05
CA PRO C 100 -10.51 32.90 22.50
C PRO C 100 -11.95 33.17 22.86
N GLY C 101 -12.64 34.03 22.13
CA GLY C 101 -14.04 34.32 22.39
C GLY C 101 -14.28 35.79 22.68
N THR C 102 -15.56 36.12 22.79
CA THR C 102 -15.99 37.49 23.10
C THR C 102 -17.26 37.39 23.94
N LYS C 103 -17.19 37.83 25.20
CA LYS C 103 -18.36 37.84 26.06
C LYS C 103 -19.23 39.05 25.75
N VAL C 104 -20.54 38.87 25.80
CA VAL C 104 -21.49 39.94 25.50
C VAL C 104 -22.45 40.09 26.67
N GLU C 105 -22.46 41.28 27.27
CA GLU C 105 -23.33 41.62 28.39
C GLU C 105 -24.30 42.72 27.96
N ILE C 106 -25.51 42.68 28.49
CA ILE C 106 -26.50 43.73 28.25
C ILE C 106 -26.36 44.81 29.31
N LYS C 107 -26.37 46.07 28.87
CA LYS C 107 -26.26 47.21 29.77
C LYS C 107 -27.64 47.73 30.15
N ARG C 108 -27.81 48.04 31.44
CA ARG C 108 -29.09 48.50 31.95
C ARG C 108 -28.81 49.49 33.08
N THR C 109 -29.86 50.03 33.68
CA THR C 109 -29.68 50.94 34.80
C THR C 109 -29.23 50.18 36.05
N VAL C 110 -28.62 50.92 36.98
CA VAL C 110 -28.10 50.33 38.20
C VAL C 110 -29.25 49.86 39.07
N ALA C 111 -29.17 48.61 39.53
CA ALA C 111 -30.17 48.01 40.40
C ALA C 111 -29.50 47.55 41.68
N ALA C 112 -30.11 47.86 42.81
CA ALA C 112 -29.55 47.50 44.11
C ALA C 112 -29.91 46.05 44.45
N PRO C 113 -28.99 45.35 45.12
CA PRO C 113 -29.24 43.94 45.43
C PRO C 113 -30.13 43.78 46.64
N SER C 114 -31.06 42.83 46.55
CA SER C 114 -31.84 42.41 47.71
C SER C 114 -30.99 41.42 48.50
N VAL C 115 -30.68 41.77 49.75
CA VAL C 115 -29.72 41.01 50.55
C VAL C 115 -30.47 40.13 51.54
N PHE C 116 -30.13 38.85 51.55
CA PHE C 116 -30.71 37.87 52.45
C PHE C 116 -29.60 37.04 53.06
N ILE C 117 -29.73 36.71 54.35
CA ILE C 117 -28.75 35.89 55.04
C ILE C 117 -29.46 34.68 55.67
N PHE C 118 -28.84 33.51 55.54
CA PHE C 118 -29.41 32.26 56.02
C PHE C 118 -28.48 31.64 57.07
N PRO C 119 -28.99 31.29 58.25
CA PRO C 119 -28.17 30.61 59.26
C PRO C 119 -27.99 29.15 58.90
N PRO C 120 -27.09 28.45 59.57
CA PRO C 120 -26.91 27.02 59.29
C PRO C 120 -28.13 26.22 59.70
N SER C 121 -28.42 25.18 58.93
CA SER C 121 -29.49 24.25 59.29
C SER C 121 -29.03 23.37 60.44
N ASP C 122 -29.97 23.06 61.34
CA ASP C 122 -29.64 22.14 62.42
C ASP C 122 -29.19 20.80 61.90
N GLU C 123 -29.67 20.39 60.72
CA GLU C 123 -29.24 19.12 60.14
C GLU C 123 -27.75 19.13 59.80
N GLN C 124 -27.26 20.26 59.29
CA GLN C 124 -25.84 20.36 58.98
C GLN C 124 -24.98 20.40 60.23
N LEU C 125 -25.50 20.98 61.31
CA LEU C 125 -24.71 21.09 62.53
C LEU C 125 -24.37 19.73 63.12
N LYS C 126 -25.22 18.72 62.89
CA LYS C 126 -24.90 17.37 63.36
C LYS C 126 -23.65 16.82 62.68
N SER C 127 -23.45 17.15 61.40
CA SER C 127 -22.34 16.58 60.65
C SER C 127 -20.99 17.09 61.15
N GLY C 128 -20.95 18.28 61.74
CA GLY C 128 -19.74 18.84 62.31
C GLY C 128 -19.32 20.17 61.72
N THR C 129 -19.82 20.54 60.55
CA THR C 129 -19.53 21.82 59.94
C THR C 129 -20.77 22.71 59.96
N ALA C 130 -20.56 23.99 59.66
CA ALA C 130 -21.64 24.97 59.64
C ALA C 130 -21.37 25.97 58.53
N SER C 131 -22.36 26.14 57.64
CA SER C 131 -22.24 27.04 56.51
C SER C 131 -23.29 28.14 56.63
N VAL C 132 -22.84 29.39 56.55
CA VAL C 132 -23.74 30.55 56.53
C VAL C 132 -23.70 31.14 55.13
N VAL C 133 -24.87 31.33 54.54
CA VAL C 133 -24.98 31.79 53.17
C VAL C 133 -25.61 33.18 53.17
N CYS C 134 -25.00 34.09 52.43
CA CYS C 134 -25.53 35.44 52.23
C CYS C 134 -25.80 35.64 50.74
N LEU C 135 -27.02 36.09 50.42
CA LEU C 135 -27.50 36.15 49.05
C LEU C 135 -27.71 37.59 48.61
N LEU C 136 -27.07 37.97 47.51
CA LEU C 136 -27.33 39.23 46.83
C LEU C 136 -28.14 38.92 45.58
N ASN C 137 -29.33 39.48 45.49
CA ASN C 137 -30.28 39.05 44.47
C ASN C 137 -30.66 40.21 43.56
N ASN C 138 -30.53 39.97 42.25
CA ASN C 138 -31.03 40.85 41.19
C ASN C 138 -30.45 42.27 41.30
N PHE C 139 -29.16 42.36 40.98
CA PHE C 139 -28.45 43.63 40.96
C PHE C 139 -27.72 43.79 39.64
N TYR C 140 -27.45 45.06 39.28
CA TYR C 140 -26.63 45.43 38.16
C TYR C 140 -25.94 46.73 38.55
N PRO C 141 -24.63 46.89 38.27
CA PRO C 141 -23.76 45.98 37.53
C PRO C 141 -23.24 44.78 38.32
N ARG C 142 -22.38 44.00 37.67
CA ARG C 142 -21.91 42.76 38.27
C ARG C 142 -21.02 43.02 39.48
N GLU C 143 -20.26 44.11 39.46
CA GLU C 143 -19.27 44.38 40.51
C GLU C 143 -19.95 44.63 41.86
N ALA C 144 -19.68 43.74 42.82
CA ALA C 144 -20.22 43.88 44.15
C ALA C 144 -19.19 43.33 45.14
N LYS C 145 -19.32 43.75 46.39
CA LYS C 145 -18.36 43.40 47.43
C LYS C 145 -19.09 42.93 48.68
N VAL C 146 -18.68 41.77 49.19
CA VAL C 146 -19.27 41.16 50.37
C VAL C 146 -18.15 40.77 51.32
N GLN C 147 -18.28 41.12 52.59
CA GLN C 147 -17.33 40.67 53.61
C GLN C 147 -18.07 40.37 54.91
N TRP C 148 -17.57 39.36 55.61
CA TRP C 148 -18.23 38.78 56.78
C TRP C 148 -17.66 39.33 58.09
N LYS C 149 -18.53 39.48 59.08
CA LYS C 149 -18.17 39.94 60.42
C LYS C 149 -18.75 38.99 61.45
N VAL C 150 -17.93 38.12 62.00
CA VAL C 150 -18.34 37.21 63.08
C VAL C 150 -17.97 37.90 64.40
N ASP C 151 -18.99 38.42 65.09
CA ASP C 151 -18.80 39.21 66.32
C ASP C 151 -17.91 40.43 66.05
N ASN C 152 -18.23 41.14 64.96
CA ASN C 152 -17.48 42.34 64.55
C ASN C 152 -16.01 42.04 64.31
N ALA C 153 -15.74 40.86 63.74
CA ALA C 153 -14.39 40.45 63.38
C ALA C 153 -14.39 40.06 61.91
N LEU C 154 -13.71 40.84 61.09
CA LEU C 154 -13.66 40.58 59.66
C LEU C 154 -13.02 39.21 59.40
N GLN C 155 -13.77 38.37 58.70
CA GLN C 155 -13.30 37.04 58.30
C GLN C 155 -12.56 37.12 56.96
N SER C 156 -11.62 36.21 56.76
CA SER C 156 -10.83 36.21 55.54
C SER C 156 -10.34 34.80 55.27
N GLY C 157 -10.63 34.29 54.07
CA GLY C 157 -10.13 32.99 53.65
C GLY C 157 -11.03 31.82 53.94
N ASN C 158 -12.23 32.04 54.48
CA ASN C 158 -13.18 30.97 54.74
C ASN C 158 -14.52 31.23 54.04
N SER C 159 -14.53 32.11 53.07
CA SER C 159 -15.73 32.45 52.32
C SER C 159 -15.47 32.25 50.83
N GLN C 160 -16.51 31.82 50.12
CA GLN C 160 -16.42 31.61 48.68
C GLN C 160 -17.66 32.19 48.01
N GLU C 161 -17.45 32.97 46.95
CA GLU C 161 -18.52 33.60 46.21
C GLU C 161 -18.83 32.79 44.94
N SER C 162 -20.03 33.03 44.42
CA SER C 162 -20.46 32.47 43.15
C SER C 162 -21.48 33.43 42.54
N VAL C 163 -21.33 33.70 41.24
CA VAL C 163 -22.16 34.67 40.55
C VAL C 163 -22.88 33.96 39.41
N THR C 164 -24.16 34.28 39.24
CA THR C 164 -24.89 33.74 38.11
C THR C 164 -24.48 34.45 36.83
N GLU C 165 -24.79 33.84 35.70
CA GLU C 165 -24.68 34.56 34.44
C GLU C 165 -25.87 35.51 34.31
N GLN C 166 -25.70 36.53 33.48
CA GLN C 166 -26.69 37.59 33.42
C GLN C 166 -28.05 37.06 32.99
N ASP C 167 -29.05 37.24 33.85
CA ASP C 167 -30.40 36.79 33.54
C ASP C 167 -30.96 37.55 32.34
N SER C 168 -31.34 36.81 31.30
CA SER C 168 -31.89 37.45 30.11
C SER C 168 -33.21 38.16 30.35
N LYS C 169 -33.94 37.79 31.42
CA LYS C 169 -35.26 38.36 31.67
C LYS C 169 -35.18 39.83 32.10
N ASP C 170 -34.26 40.14 33.03
CA ASP C 170 -34.14 41.50 33.55
C ASP C 170 -32.71 42.01 33.57
N SER C 171 -31.78 41.30 32.91
CA SER C 171 -30.40 41.76 32.71
C SER C 171 -29.69 42.04 34.03
N THR C 172 -30.04 41.31 35.09
CA THR C 172 -29.40 41.47 36.39
C THR C 172 -28.55 40.25 36.73
N TYR C 173 -27.87 40.34 37.86
CA TYR C 173 -27.03 39.27 38.37
C TYR C 173 -27.49 38.87 39.77
N SER C 174 -27.02 37.71 40.21
CA SER C 174 -27.20 37.27 41.59
C SER C 174 -25.88 36.70 42.09
N LEU C 175 -25.68 36.78 43.40
CA LEU C 175 -24.44 36.34 44.01
C LEU C 175 -24.74 35.61 45.30
N SER C 176 -23.89 34.64 45.63
CA SER C 176 -24.02 33.85 46.85
C SER C 176 -22.65 33.75 47.52
N SER C 177 -22.55 34.24 48.74
CA SER C 177 -21.34 34.15 49.55
C SER C 177 -21.59 33.17 50.68
N THR C 178 -20.69 32.20 50.84
CA THR C 178 -20.86 31.13 51.81
C THR C 178 -19.69 31.14 52.80
N LEU C 179 -20.01 31.36 54.07
CA LEU C 179 -19.03 31.37 55.15
C LEU C 179 -19.06 30.01 55.84
N THR C 180 -17.93 29.31 55.83
CA THR C 180 -17.85 27.94 56.34
C THR C 180 -17.04 27.91 57.62
N LEU C 181 -17.65 27.40 58.69
CA LEU C 181 -17.02 27.26 60.00
C LEU C 181 -17.25 25.86 60.52
N SER C 182 -16.46 25.49 61.52
CA SER C 182 -16.71 24.25 62.23
C SER C 182 -17.77 24.49 63.29
N LYS C 183 -18.43 23.40 63.71
CA LYS C 183 -19.47 23.53 64.73
C LYS C 183 -18.90 24.12 66.02
N ALA C 184 -17.69 23.71 66.39
CA ALA C 184 -17.06 24.23 67.60
C ALA C 184 -16.85 25.75 67.51
N ASP C 185 -16.25 26.21 66.40
CA ASP C 185 -16.06 27.64 66.22
C ASP C 185 -17.38 28.37 66.07
N TYR C 186 -18.39 27.73 65.48
CA TYR C 186 -19.64 28.41 65.20
C TYR C 186 -20.42 28.70 66.48
N GLU C 187 -20.28 27.85 67.50
CA GLU C 187 -21.03 28.02 68.74
C GLU C 187 -20.28 28.85 69.78
N LYS C 188 -19.07 29.31 69.47
CA LYS C 188 -18.34 30.20 70.36
C LYS C 188 -18.69 31.67 70.14
N HIS C 189 -19.38 31.99 69.06
CA HIS C 189 -19.69 33.37 68.71
C HIS C 189 -21.19 33.53 68.53
N LYS C 190 -21.65 34.78 68.56
CA LYS C 190 -23.09 35.03 68.59
C LYS C 190 -23.62 35.75 67.36
N VAL C 191 -22.92 36.76 66.84
CA VAL C 191 -23.43 37.62 65.78
C VAL C 191 -22.69 37.31 64.48
N TYR C 192 -23.44 37.05 63.41
CA TYR C 192 -22.88 36.78 62.09
C TYR C 192 -23.49 37.73 61.07
N ALA C 193 -22.64 38.48 60.37
CA ALA C 193 -23.10 39.52 59.45
C ALA C 193 -22.33 39.48 58.14
N CYS C 194 -23.01 39.81 57.05
CA CYS C 194 -22.38 40.11 55.77
C CYS C 194 -22.64 41.58 55.44
N GLU C 195 -21.58 42.29 55.08
CA GLU C 195 -21.63 43.71 54.75
C GLU C 195 -21.47 43.87 53.25
N VAL C 196 -22.53 44.35 52.59
CA VAL C 196 -22.60 44.41 51.13
C VAL C 196 -22.32 45.84 50.68
N THR C 197 -21.37 45.98 49.75
CA THR C 197 -21.09 47.27 49.12
C THR C 197 -21.41 47.16 47.63
N HIS C 198 -22.24 48.07 47.16
CA HIS C 198 -22.62 48.08 45.75
C HIS C 198 -22.87 49.51 45.30
N GLN C 199 -22.73 49.71 43.99
CA GLN C 199 -22.92 51.05 43.41
C GLN C 199 -24.35 51.55 43.57
N GLY C 200 -25.32 50.63 43.61
CA GLY C 200 -26.70 51.03 43.81
C GLY C 200 -27.11 51.30 45.24
N LEU C 201 -26.18 51.20 46.18
CA LEU C 201 -26.46 51.46 47.59
C LEU C 201 -25.75 52.75 47.99
N SER C 202 -26.49 53.67 48.62
CA SER C 202 -25.91 54.93 49.06
C SER C 202 -24.90 54.69 50.17
N SER C 203 -25.18 53.75 51.06
CA SER C 203 -24.28 53.33 52.13
C SER C 203 -24.32 51.81 52.22
N PRO C 204 -23.23 51.18 52.67
CA PRO C 204 -23.20 49.72 52.77
C PRO C 204 -24.37 49.19 53.60
N VAL C 205 -24.84 48.01 53.22
CA VAL C 205 -25.98 47.36 53.84
C VAL C 205 -25.46 46.16 54.62
N THR C 206 -26.08 45.88 55.77
CA THR C 206 -25.67 44.77 56.61
C THR C 206 -26.87 43.94 56.99
N LYS C 207 -26.76 42.62 56.81
CA LYS C 207 -27.75 41.66 57.27
C LYS C 207 -27.08 40.70 58.25
N SER C 208 -27.65 40.59 59.46
CA SER C 208 -27.04 39.84 60.53
C SER C 208 -28.11 39.13 61.35
N PHE C 209 -27.69 38.12 62.10
CA PHE C 209 -28.54 37.37 63.00
C PHE C 209 -27.75 37.01 64.24
N ASN C 210 -28.44 36.48 65.24
CA ASN C 210 -27.83 36.12 66.52
C ASN C 210 -28.02 34.63 66.78
N ARG C 211 -27.76 34.22 68.03
CA ARG C 211 -27.96 32.83 68.49
C ARG C 211 -27.09 31.85 67.70
N GLY C 212 -25.79 32.11 67.67
CA GLY C 212 -24.86 31.22 67.01
C GLY C 212 -23.99 30.42 67.96
N VAL D 2 -29.91 16.50 11.73
CA VAL D 2 -29.10 15.48 12.40
C VAL D 2 -29.10 15.72 13.90
N GLN D 3 -29.37 14.65 14.65
CA GLN D 3 -29.42 14.68 16.11
C GLN D 3 -28.25 13.86 16.66
N LEU D 4 -27.56 14.42 17.65
CA LEU D 4 -26.37 13.80 18.22
C LEU D 4 -26.55 13.64 19.72
N VAL D 5 -26.30 12.42 20.22
CA VAL D 5 -26.42 12.11 21.63
C VAL D 5 -25.12 11.45 22.09
N GLN D 6 -24.49 12.02 23.11
CA GLN D 6 -23.19 11.56 23.59
C GLN D 6 -23.34 10.58 24.74
N SER D 7 -22.44 9.60 24.78
CA SER D 7 -22.35 8.62 25.85
C SER D 7 -20.90 8.50 26.28
N GLY D 8 -20.64 8.67 27.57
CA GLY D 8 -19.30 8.56 28.09
C GLY D 8 -19.21 8.80 29.58
N PRO D 9 -18.11 8.37 30.20
CA PRO D 9 -17.96 8.51 31.65
C PRO D 9 -17.54 9.92 32.05
N GLY D 10 -18.07 10.37 33.18
CA GLY D 10 -17.71 11.69 33.68
C GLY D 10 -16.41 11.70 34.47
N LEU D 11 -16.05 10.58 35.07
CA LEU D 11 -14.82 10.47 35.86
C LEU D 11 -13.92 9.43 35.22
N VAL D 12 -12.64 9.77 35.08
CA VAL D 12 -11.64 8.88 34.50
C VAL D 12 -10.37 8.98 35.33
N LYS D 13 -9.81 7.83 35.71
CA LYS D 13 -8.58 7.84 36.50
C LYS D 13 -7.40 8.25 35.62
N PRO D 14 -6.39 8.89 36.19
CA PRO D 14 -5.26 9.37 35.37
C PRO D 14 -4.48 8.22 34.75
N SER D 15 -3.73 8.57 33.69
CA SER D 15 -2.93 7.60 32.92
C SER D 15 -3.77 6.42 32.46
N GLN D 16 -5.02 6.71 32.09
CA GLN D 16 -5.95 5.71 31.59
C GLN D 16 -6.32 6.05 30.16
N THR D 17 -7.39 5.46 29.64
CA THR D 17 -7.88 5.70 28.30
C THR D 17 -9.32 6.20 28.40
N LEU D 18 -9.62 7.28 27.67
CA LEU D 18 -10.93 7.90 27.70
C LEU D 18 -11.74 7.40 26.51
N ALA D 19 -12.94 6.89 26.77
CA ALA D 19 -13.78 6.28 25.74
C ALA D 19 -15.11 7.03 25.65
N LEU D 20 -15.35 7.66 24.51
CA LEU D 20 -16.59 8.36 24.24
C LEU D 20 -17.19 7.86 22.93
N THR D 21 -18.52 7.78 22.89
CA THR D 21 -19.25 7.40 21.69
C THR D 21 -20.37 8.41 21.46
N CYS D 22 -20.69 8.63 20.18
CA CYS D 22 -21.75 9.54 19.79
C CYS D 22 -22.69 8.82 18.83
N THR D 23 -23.98 8.83 19.16
CA THR D 23 -24.98 8.11 18.38
C THR D 23 -25.70 9.10 17.46
N VAL D 24 -25.67 8.82 16.16
CA VAL D 24 -26.17 9.73 15.13
C VAL D 24 -27.58 9.34 14.74
N SER D 25 -28.44 10.34 14.57
CA SER D 25 -29.80 10.15 14.10
C SER D 25 -30.11 11.19 13.04
N GLY D 26 -30.68 10.75 11.92
CA GLY D 26 -31.03 11.65 10.83
C GLY D 26 -30.19 11.50 9.59
N ALA D 27 -29.07 10.78 9.67
CA ALA D 27 -28.24 10.55 8.50
C ALA D 27 -27.33 9.35 8.78
N SER D 28 -27.10 8.56 7.74
CA SER D 28 -26.22 7.40 7.86
C SER D 28 -24.79 7.84 8.14
N ILE D 29 -24.08 7.03 8.93
CA ILE D 29 -22.68 7.32 9.22
C ILE D 29 -21.86 7.34 7.93
N ASN D 30 -22.32 6.61 6.91
CA ASN D 30 -21.64 6.51 5.63
C ASN D 30 -22.27 7.39 4.56
N SER D 31 -23.07 8.38 4.94
CA SER D 31 -23.66 9.25 3.94
C SER D 31 -22.61 10.22 3.38
N ASP D 32 -22.93 10.80 2.22
CA ASP D 32 -21.94 11.55 1.46
C ASP D 32 -21.51 12.80 2.20
N ASN D 33 -20.19 13.03 2.24
CA ASN D 33 -19.61 14.30 2.69
C ASN D 33 -19.98 14.63 4.12
N TYR D 34 -19.96 13.64 4.99
CA TYR D 34 -20.16 13.85 6.42
C TYR D 34 -18.87 13.55 7.15
N TYR D 35 -18.41 14.50 7.96
CA TYR D 35 -17.18 14.37 8.74
C TYR D 35 -17.52 14.50 10.22
N TRP D 36 -17.34 13.42 10.96
CA TRP D 36 -17.75 13.36 12.36
C TRP D 36 -16.61 13.91 13.22
N THR D 37 -16.85 15.05 13.86
CA THR D 37 -15.82 15.83 14.53
C THR D 37 -15.93 15.69 16.04
N TRP D 38 -14.78 15.82 16.73
CA TRP D 38 -14.72 15.90 18.19
C TRP D 38 -14.06 17.21 18.62
N ILE D 39 -14.70 17.92 19.53
CA ILE D 39 -14.20 19.19 20.06
C ILE D 39 -14.30 19.18 21.57
N ARG D 40 -13.28 19.69 22.26
CA ARG D 40 -13.27 19.76 23.71
C ARG D 40 -13.08 21.20 24.18
N GLN D 41 -13.71 21.53 25.31
CA GLN D 41 -13.70 22.90 25.84
C GLN D 41 -13.20 22.86 27.29
N ARG D 42 -11.95 23.29 27.49
CA ARG D 42 -11.39 23.28 28.84
C ARG D 42 -12.12 24.28 29.73
N PRO D 43 -12.16 24.04 31.04
CA PRO D 43 -13.00 24.87 31.91
C PRO D 43 -12.59 26.33 31.89
N GLY D 44 -13.58 27.20 31.70
CA GLY D 44 -13.31 28.62 31.62
C GLY D 44 -12.42 29.01 30.47
N GLY D 45 -12.48 28.28 29.36
CA GLY D 45 -11.61 28.56 28.24
C GLY D 45 -12.32 28.36 26.92
N GLY D 46 -11.55 28.54 25.85
CA GLY D 46 -12.07 28.40 24.50
C GLY D 46 -12.18 26.96 24.06
N LEU D 47 -12.55 26.80 22.79
CA LEU D 47 -12.73 25.48 22.21
C LEU D 47 -11.46 25.02 21.51
N GLU D 48 -11.25 23.71 21.50
CA GLU D 48 -10.08 23.09 20.89
C GLU D 48 -10.56 21.95 20.01
N TRP D 49 -10.26 22.01 18.72
CA TRP D 49 -10.65 20.98 17.77
C TRP D 49 -9.71 19.79 17.92
N ILE D 50 -10.28 18.61 18.18
CA ILE D 50 -9.48 17.42 18.43
C ILE D 50 -9.18 16.68 17.13
N GLY D 51 -10.18 16.45 16.31
CA GLY D 51 -10.00 15.73 15.06
C GLY D 51 -11.34 15.31 14.51
N HIS D 52 -11.29 14.64 13.35
CA HIS D 52 -12.51 14.12 12.77
C HIS D 52 -12.22 12.80 12.06
N ILE D 53 -13.30 12.07 11.78
CA ILE D 53 -13.25 10.83 11.01
C ILE D 53 -14.28 10.92 9.91
N SER D 54 -13.87 10.59 8.68
CA SER D 54 -14.70 10.81 7.52
C SER D 54 -15.74 9.70 7.37
N TYR D 55 -16.71 9.93 6.48
CA TYR D 55 -17.71 8.91 6.19
C TYR D 55 -17.08 7.68 5.53
N THR D 56 -15.93 7.84 4.88
CA THR D 56 -15.22 6.70 4.33
C THR D 56 -14.31 6.04 5.36
N GLY D 57 -13.98 6.72 6.45
CA GLY D 57 -13.13 6.18 7.49
C GLY D 57 -11.79 6.87 7.64
N ASN D 58 -11.49 7.86 6.81
CA ASN D 58 -10.23 8.59 6.95
C ASN D 58 -10.28 9.49 8.17
N THR D 59 -9.17 9.55 8.90
CA THR D 59 -9.11 10.25 10.18
C THR D 59 -7.99 11.29 10.16
N TYR D 60 -8.29 12.46 10.73
CA TYR D 60 -7.29 13.50 10.97
C TYR D 60 -7.32 13.85 12.44
N TYR D 61 -6.18 13.73 13.11
CA TYR D 61 -6.03 14.07 14.52
C TYR D 61 -5.18 15.32 14.64
N THR D 62 -5.51 16.16 15.62
CA THR D 62 -4.68 17.33 15.87
C THR D 62 -3.25 16.89 16.14
N PRO D 63 -2.26 17.55 15.56
CA PRO D 63 -0.86 17.12 15.77
C PRO D 63 -0.48 17.00 17.23
N SER D 64 -1.12 17.77 18.12
CA SER D 64 -0.76 17.71 19.53
C SER D 64 -1.14 16.38 20.14
N LEU D 65 -2.28 15.81 19.75
CA LEU D 65 -2.79 14.59 20.35
C LEU D 65 -2.72 13.38 19.42
N LYS D 66 -1.97 13.47 18.33
CA LYS D 66 -1.95 12.38 17.35
C LYS D 66 -1.52 11.06 17.99
N SER D 67 -0.44 11.10 18.77
CA SER D 67 0.09 9.88 19.38
C SER D 67 -0.90 9.22 20.35
N ARG D 68 -1.86 9.97 20.88
CA ARG D 68 -2.76 9.45 21.90
C ARG D 68 -4.20 9.32 21.42
N LEU D 69 -4.49 9.63 20.17
CA LEU D 69 -5.86 9.67 19.68
C LEU D 69 -6.20 8.46 18.83
N SER D 70 -7.48 8.12 18.83
CA SER D 70 -8.02 7.01 18.07
C SER D 70 -9.48 7.30 17.78
N MET D 71 -9.90 7.12 16.52
CA MET D 71 -11.28 7.33 16.13
C MET D 71 -11.71 6.22 15.18
N SER D 72 -12.95 5.78 15.32
CA SER D 72 -13.43 4.67 14.50
C SER D 72 -14.92 4.87 14.20
N LEU D 73 -15.40 4.14 13.20
CA LEU D 73 -16.79 4.14 12.80
C LEU D 73 -17.41 2.78 13.11
N GLU D 74 -18.65 2.81 13.61
CA GLU D 74 -19.42 1.61 13.92
C GLU D 74 -20.78 1.78 13.24
N THR D 75 -20.79 1.53 11.92
CA THR D 75 -21.95 1.83 11.10
C THR D 75 -23.19 1.06 11.54
N SER D 76 -23.01 -0.18 12.01
CA SER D 76 -24.16 -1.01 12.40
C SER D 76 -24.98 -0.35 13.51
N GLN D 77 -24.31 0.25 14.50
CA GLN D 77 -24.98 0.99 15.55
C GLN D 77 -25.14 2.48 15.24
N SER D 78 -24.70 2.91 14.06
CA SER D 78 -24.81 4.31 13.60
C SER D 78 -24.19 5.27 14.62
N GLN D 79 -22.92 5.01 14.95
CA GLN D 79 -22.20 5.82 15.93
C GLN D 79 -20.71 5.79 15.63
N PHE D 80 -20.03 6.85 16.04
CA PHE D 80 -18.58 6.97 15.95
C PHE D 80 -18.01 7.25 17.33
N SER D 81 -16.73 6.94 17.50
CA SER D 81 -16.13 6.93 18.83
C SER D 81 -14.82 7.72 18.84
N LEU D 82 -14.36 7.99 20.06
CA LEU D 82 -13.10 8.67 20.32
C LEU D 82 -12.36 7.95 21.44
N ARG D 83 -11.03 7.87 21.32
CA ARG D 83 -10.21 7.26 22.36
C ARG D 83 -8.98 8.11 22.59
N LEU D 84 -8.78 8.56 23.82
CA LEU D 84 -7.60 9.32 24.22
C LEU D 84 -6.91 8.55 25.34
N THR D 85 -5.64 8.24 25.15
CA THR D 85 -4.92 7.35 26.05
C THR D 85 -3.87 8.13 26.84
N SER D 86 -3.49 7.57 27.99
CA SER D 86 -2.54 8.19 28.91
C SER D 86 -3.04 9.57 29.35
N VAL D 87 -4.32 9.64 29.73
CA VAL D 87 -4.93 10.92 30.05
C VAL D 87 -4.33 11.47 31.34
N THR D 88 -4.29 12.80 31.44
CA THR D 88 -3.87 13.44 32.68
C THR D 88 -4.93 14.45 33.11
N ALA D 89 -4.62 15.24 34.15
CA ALA D 89 -5.56 16.26 34.60
C ALA D 89 -5.71 17.38 33.58
N ALA D 90 -4.75 17.54 32.67
CA ALA D 90 -4.83 18.55 31.62
C ALA D 90 -5.87 18.22 30.56
N ASP D 91 -6.43 17.01 30.58
CA ASP D 91 -7.44 16.60 29.61
C ASP D 91 -8.86 16.69 30.15
N SER D 92 -9.05 17.23 31.36
CA SER D 92 -10.39 17.41 31.89
C SER D 92 -11.07 18.56 31.14
N ALA D 93 -12.19 18.26 30.49
CA ALA D 93 -12.92 19.26 29.73
C ALA D 93 -14.29 18.70 29.37
N VAL D 94 -15.11 19.55 28.76
CA VAL D 94 -16.38 19.11 28.19
C VAL D 94 -16.09 18.72 26.76
N TYR D 95 -16.36 17.46 26.43
CA TYR D 95 -16.05 16.91 25.12
C TYR D 95 -17.31 16.94 24.27
N PHE D 96 -17.21 17.58 23.10
CA PHE D 96 -18.36 17.82 22.26
C PHE D 96 -18.27 16.97 21.00
N CYS D 97 -19.23 16.06 20.85
CA CYS D 97 -19.51 15.46 19.56
C CYS D 97 -20.07 16.51 18.61
N ALA D 98 -19.63 16.48 17.36
CA ALA D 98 -20.12 17.43 16.37
C ALA D 98 -20.02 16.81 14.98
N ALA D 99 -20.71 17.42 14.03
CA ALA D 99 -20.82 16.87 12.68
C ALA D 99 -20.83 18.00 11.66
N CYS D 100 -20.13 17.78 10.55
CA CYS D 100 -20.17 18.67 9.40
C CYS D 100 -20.64 17.88 8.19
N GLY D 101 -21.61 18.43 7.46
CA GLY D 101 -22.15 17.75 6.29
C GLY D 101 -22.49 18.75 5.21
N ALA D 102 -22.37 18.30 3.96
CA ALA D 102 -22.60 19.17 2.82
C ALA D 102 -23.09 18.36 1.64
N TYR D 103 -23.93 19.00 0.82
CA TYR D 103 -24.44 18.38 -0.40
C TYR D 103 -23.38 18.37 -1.50
N VAL D 104 -22.75 19.51 -1.76
CA VAL D 104 -21.56 19.59 -2.60
C VAL D 104 -20.45 20.18 -1.75
N LEU D 105 -19.34 19.47 -1.65
CA LEU D 105 -18.21 19.88 -0.83
C LEU D 105 -16.96 19.94 -1.68
N ILE D 106 -16.36 21.13 -1.78
CA ILE D 106 -15.10 21.34 -2.47
C ILE D 106 -14.04 21.96 -1.57
N SER D 107 -14.35 22.16 -0.29
CA SER D 107 -13.37 22.66 0.67
C SER D 107 -13.32 21.71 1.86
N ASN D 108 -12.60 22.10 2.91
CA ASN D 108 -12.71 21.38 4.17
C ASN D 108 -14.11 21.55 4.74
N CYS D 109 -14.59 20.52 5.42
CA CYS D 109 -15.87 20.62 6.11
C CYS D 109 -15.59 21.13 7.52
N GLY D 110 -15.83 22.42 7.72
CA GLY D 110 -15.47 23.05 8.98
C GLY D 110 -16.61 23.69 9.73
N TRP D 111 -17.81 23.73 9.15
CA TRP D 111 -18.97 24.27 9.84
C TRP D 111 -19.70 23.16 10.58
N PHE D 112 -19.91 23.37 11.87
CA PHE D 112 -20.53 22.37 12.75
C PHE D 112 -21.94 22.84 13.07
N ASP D 113 -22.89 22.47 12.20
CA ASP D 113 -24.29 22.82 12.41
C ASP D 113 -24.98 21.88 13.38
N SER D 114 -24.42 20.70 13.63
CA SER D 114 -24.95 19.75 14.59
C SER D 114 -23.96 19.57 15.73
N TRP D 115 -24.49 19.49 16.95
CA TRP D 115 -23.67 19.26 18.14
C TRP D 115 -24.40 18.29 19.06
N GLY D 116 -23.63 17.64 19.91
CA GLY D 116 -24.18 16.89 21.02
C GLY D 116 -24.23 17.75 22.28
N GLN D 117 -24.87 17.23 23.31
CA GLN D 117 -24.99 18.01 24.54
C GLN D 117 -23.64 18.18 25.23
N GLY D 118 -22.73 17.24 25.03
CA GLY D 118 -21.42 17.35 25.65
C GLY D 118 -21.30 16.45 26.87
N THR D 119 -20.08 15.94 27.09
CA THR D 119 -19.78 15.11 28.24
C THR D 119 -18.76 15.83 29.10
N GLN D 120 -19.11 16.07 30.37
CA GLN D 120 -18.17 16.71 31.28
C GLN D 120 -17.23 15.62 31.83
N VAL D 121 -16.01 15.61 31.33
CA VAL D 121 -15.01 14.61 31.71
C VAL D 121 -14.07 15.23 32.73
N THR D 122 -13.98 14.62 33.91
CA THR D 122 -13.07 15.04 34.95
C THR D 122 -12.06 13.93 35.18
N VAL D 123 -10.77 14.28 35.15
CA VAL D 123 -9.69 13.31 35.28
C VAL D 123 -9.01 13.56 36.62
N SER D 124 -9.27 12.70 37.59
CA SER D 124 -8.66 12.81 38.90
C SER D 124 -8.58 11.42 39.52
N SER D 125 -7.60 11.24 40.41
CA SER D 125 -7.47 10.02 41.18
C SER D 125 -8.46 9.94 42.33
N ALA D 126 -9.28 10.97 42.54
CA ALA D 126 -10.28 10.97 43.58
C ALA D 126 -11.45 10.06 43.22
N SER D 127 -12.26 9.74 44.23
CA SER D 127 -13.42 8.88 44.05
C SER D 127 -14.69 9.72 44.07
N THR D 128 -15.71 9.23 43.38
CA THR D 128 -16.99 9.93 43.35
C THR D 128 -17.63 9.95 44.73
N LYS D 129 -18.33 11.03 45.04
CA LYS D 129 -19.04 11.16 46.30
C LYS D 129 -20.36 11.87 46.07
N GLY D 130 -21.43 11.30 46.62
CA GLY D 130 -22.75 11.90 46.51
C GLY D 130 -22.90 13.07 47.45
N PRO D 131 -23.66 14.08 47.02
CA PRO D 131 -23.74 15.32 47.79
C PRO D 131 -24.62 15.18 49.03
N SER D 132 -24.33 16.05 50.00
CA SER D 132 -25.16 16.21 51.19
C SER D 132 -25.96 17.49 51.03
N VAL D 133 -27.28 17.39 51.18
CA VAL D 133 -28.17 18.50 50.87
C VAL D 133 -28.76 19.03 52.16
N PHE D 134 -28.61 20.34 52.38
CA PHE D 134 -29.09 21.02 53.56
C PHE D 134 -30.03 22.17 53.18
N PRO D 135 -31.13 22.35 53.92
CA PRO D 135 -32.08 23.41 53.58
C PRO D 135 -31.64 24.79 54.05
N LEU D 136 -31.99 25.79 53.26
CA LEU D 136 -31.82 27.20 53.64
C LEU D 136 -33.20 27.76 53.96
N ALA D 137 -33.60 27.65 55.22
CA ALA D 137 -34.96 27.97 55.61
C ALA D 137 -35.19 29.49 55.58
N PRO D 138 -36.36 29.94 55.13
CA PRO D 138 -36.67 31.37 55.17
C PRO D 138 -37.12 31.83 56.55
N SER D 139 -36.81 33.08 56.85
CA SER D 139 -37.22 33.69 58.12
C SER D 139 -37.41 35.19 57.88
N SER D 140 -37.42 35.97 58.96
CA SER D 140 -37.54 37.42 58.82
C SER D 140 -36.29 38.04 58.20
N LYS D 141 -35.13 37.38 58.36
CA LYS D 141 -33.89 37.87 57.77
C LYS D 141 -33.80 37.61 56.28
N SER D 142 -34.72 36.82 55.72
CA SER D 142 -34.76 36.54 54.29
C SER D 142 -36.08 36.97 53.66
N THR D 143 -36.80 37.89 54.30
CA THR D 143 -38.03 38.47 53.75
C THR D 143 -37.81 39.94 53.48
N SER D 144 -38.08 40.37 52.25
CA SER D 144 -38.01 41.78 51.86
C SER D 144 -39.36 42.15 51.27
N GLY D 145 -40.23 42.72 52.09
CA GLY D 145 -41.56 43.08 51.65
C GLY D 145 -42.43 41.88 51.34
N GLY D 146 -42.96 41.83 50.12
CA GLY D 146 -43.91 40.78 49.77
C GLY D 146 -43.29 39.42 49.56
N THR D 147 -42.08 39.38 49.03
CA THR D 147 -41.46 38.11 48.64
C THR D 147 -40.40 37.68 49.66
N ALA D 148 -40.25 36.37 49.79
CA ALA D 148 -39.29 35.76 50.69
C ALA D 148 -38.41 34.78 49.90
N ALA D 149 -37.15 34.69 50.29
CA ALA D 149 -36.19 33.82 49.62
C ALA D 149 -35.95 32.57 50.43
N LEU D 150 -35.67 31.47 49.73
CA LEU D 150 -35.30 30.21 50.37
C LEU D 150 -34.50 29.40 49.37
N GLY D 151 -33.93 28.30 49.85
CA GLY D 151 -33.14 27.48 48.96
C GLY D 151 -32.59 26.25 49.66
N CYS D 152 -31.66 25.59 48.98
CA CYS D 152 -30.97 24.43 49.51
C CYS D 152 -29.49 24.56 49.19
N LEU D 153 -28.67 23.88 49.98
CA LEU D 153 -27.22 23.91 49.82
C LEU D 153 -26.74 22.51 49.47
N VAL D 154 -26.19 22.36 48.26
CA VAL D 154 -25.66 21.09 47.79
C VAL D 154 -24.16 21.12 48.04
N LYS D 155 -23.71 20.30 48.99
CA LYS D 155 -22.37 20.40 49.53
C LYS D 155 -21.63 19.08 49.44
N ASP D 156 -20.32 19.17 49.21
CA ASP D 156 -19.38 18.05 49.32
C ASP D 156 -19.73 16.90 48.38
N TYR D 157 -19.53 17.16 47.08
CA TYR D 157 -19.69 16.15 46.06
C TYR D 157 -18.53 16.20 45.09
N PHE D 158 -18.40 15.13 44.28
CA PHE D 158 -17.35 15.02 43.28
C PHE D 158 -17.72 13.90 42.33
N PRO D 159 -17.60 14.09 41.00
CA PRO D 159 -17.20 15.36 40.37
C PRO D 159 -18.39 16.12 39.82
N GLU D 160 -18.12 17.21 39.10
CA GLU D 160 -19.17 17.94 38.43
C GLU D 160 -19.76 17.07 37.31
N PRO D 161 -21.02 17.27 36.94
CA PRO D 161 -21.94 18.29 37.44
C PRO D 161 -23.09 17.75 38.30
N VAL D 162 -23.88 18.67 38.86
CA VAL D 162 -25.08 18.37 39.64
C VAL D 162 -26.28 19.04 38.99
N THR D 163 -27.41 18.33 38.97
CA THR D 163 -28.67 18.83 38.42
C THR D 163 -29.62 19.13 39.57
N VAL D 164 -30.14 20.36 39.61
CA VAL D 164 -31.01 20.81 40.69
C VAL D 164 -32.36 21.23 40.12
N SER D 165 -33.44 20.71 40.72
CA SER D 165 -34.81 21.04 40.34
C SER D 165 -35.59 21.47 41.57
N TRP D 166 -36.70 22.15 41.36
CA TRP D 166 -37.60 22.56 42.44
C TRP D 166 -39.00 22.05 42.16
N ASN D 167 -39.54 21.28 43.11
CA ASN D 167 -40.87 20.68 42.98
C ASN D 167 -41.02 19.93 41.65
N SER D 168 -40.07 19.04 41.38
CA SER D 168 -40.06 18.15 40.23
C SER D 168 -40.10 18.87 38.89
N GLY D 169 -39.94 20.19 38.88
CA GLY D 169 -40.02 20.98 37.66
C GLY D 169 -41.21 21.92 37.59
N ALA D 170 -42.14 21.84 38.55
CA ALA D 170 -43.30 22.72 38.53
C ALA D 170 -42.93 24.15 38.89
N LEU D 171 -41.91 24.34 39.71
CA LEU D 171 -41.45 25.66 40.13
C LEU D 171 -40.22 26.04 39.31
N THR D 172 -40.36 27.05 38.46
CA THR D 172 -39.26 27.47 37.60
C THR D 172 -38.98 28.97 37.61
N SER D 173 -39.95 29.81 37.98
CA SER D 173 -39.77 31.25 37.94
C SER D 173 -39.17 31.73 39.25
N GLY D 174 -38.15 32.57 39.16
CA GLY D 174 -37.43 33.03 40.32
C GLY D 174 -36.34 32.10 40.80
N VAL D 175 -36.10 30.98 40.10
CA VAL D 175 -35.07 30.04 40.52
C VAL D 175 -33.71 30.51 40.01
N HIS D 176 -32.71 30.47 40.87
CA HIS D 176 -31.33 30.83 40.55
C HIS D 176 -30.42 29.75 41.12
N THR D 177 -29.90 28.87 40.27
CA THR D 177 -28.89 27.91 40.69
C THR D 177 -27.53 28.45 40.30
N PHE D 178 -26.64 28.57 41.28
CA PHE D 178 -25.35 29.21 41.10
C PHE D 178 -24.34 28.22 40.52
N PRO D 179 -23.32 28.73 39.84
CA PRO D 179 -22.21 27.86 39.43
C PRO D 179 -21.50 27.28 40.65
N ALA D 180 -21.09 26.02 40.54
CA ALA D 180 -20.42 25.37 41.65
C ALA D 180 -19.08 26.02 41.93
N VAL D 181 -18.62 25.85 43.16
CA VAL D 181 -17.33 26.35 43.62
C VAL D 181 -16.53 25.17 44.16
N LEU D 182 -15.24 25.14 43.84
CA LEU D 182 -14.36 24.10 44.33
C LEU D 182 -13.83 24.52 45.69
N GLN D 183 -14.17 23.76 46.73
CA GLN D 183 -13.83 24.13 48.09
C GLN D 183 -12.34 23.88 48.35
N SER D 184 -11.92 24.13 49.60
CA SER D 184 -10.52 23.95 49.94
C SER D 184 -10.13 22.47 49.92
N SER D 185 -11.09 21.57 50.15
CA SER D 185 -10.90 20.16 49.88
C SER D 185 -11.11 19.89 48.40
N GLY D 186 -11.01 18.62 48.02
CA GLY D 186 -11.17 18.27 46.61
C GLY D 186 -12.59 18.36 46.09
N LEU D 187 -13.57 18.64 46.95
CA LEU D 187 -14.97 18.50 46.59
C LEU D 187 -15.57 19.84 46.17
N TYR D 188 -16.73 19.76 45.52
CA TYR D 188 -17.47 20.91 45.05
C TYR D 188 -18.62 21.25 46.00
N SER D 189 -19.28 22.36 45.70
CA SER D 189 -20.44 22.84 46.46
C SER D 189 -21.15 23.91 45.64
N LEU D 190 -22.47 23.87 45.63
CA LEU D 190 -23.27 24.87 44.93
C LEU D 190 -24.54 25.13 45.72
N SER D 191 -25.20 26.24 45.38
CA SER D 191 -26.42 26.65 46.06
C SER D 191 -27.49 26.97 45.03
N SER D 192 -28.74 26.66 45.37
CA SER D 192 -29.89 26.99 44.53
C SER D 192 -30.92 27.72 45.39
N VAL D 193 -31.49 28.80 44.84
CA VAL D 193 -32.33 29.72 45.61
C VAL D 193 -33.54 30.10 44.77
N VAL D 194 -34.71 30.15 45.43
CA VAL D 194 -35.97 30.57 44.81
C VAL D 194 -36.54 31.75 45.60
N THR D 195 -37.13 32.71 44.90
CA THR D 195 -37.89 33.78 45.54
C THR D 195 -39.37 33.49 45.39
N VAL D 196 -40.10 33.65 46.48
CA VAL D 196 -41.45 33.12 46.63
C VAL D 196 -42.32 34.14 47.36
N PRO D 197 -43.59 34.32 46.98
CA PRO D 197 -44.50 35.15 47.79
C PRO D 197 -44.56 34.69 49.23
N SER D 198 -44.23 35.60 50.16
CA SER D 198 -44.11 35.23 51.57
C SER D 198 -45.42 34.71 52.15
N SER D 199 -46.55 35.20 51.64
CA SER D 199 -47.84 34.73 52.13
C SER D 199 -48.04 33.23 51.93
N SER D 200 -47.32 32.63 50.98
CA SER D 200 -47.50 31.22 50.62
C SER D 200 -46.77 30.26 51.54
N LEU D 201 -45.80 30.75 52.33
CA LEU D 201 -45.10 29.88 53.26
C LEU D 201 -46.06 29.33 54.31
N GLY D 202 -45.92 28.04 54.61
CA GLY D 202 -46.86 27.35 55.46
C GLY D 202 -48.03 26.71 54.75
N THR D 203 -48.35 27.16 53.54
CA THR D 203 -49.43 26.59 52.75
C THR D 203 -48.97 25.87 51.48
N GLN D 204 -47.74 26.09 51.02
CA GLN D 204 -47.23 25.42 49.83
C GLN D 204 -45.92 24.73 50.16
N THR D 205 -45.72 23.55 49.58
CA THR D 205 -44.53 22.74 49.81
C THR D 205 -43.44 23.13 48.82
N TYR D 206 -42.23 23.32 49.33
CA TYR D 206 -41.06 23.59 48.50
C TYR D 206 -40.02 22.52 48.80
N ILE D 207 -39.69 21.73 47.79
CA ILE D 207 -38.74 20.64 47.93
C ILE D 207 -37.66 20.81 46.87
N CYS D 208 -36.42 20.58 47.29
CA CYS D 208 -35.24 20.78 46.45
C CYS D 208 -34.77 19.44 45.93
N ASN D 209 -34.77 19.29 44.60
CA ASN D 209 -34.48 18.01 43.93
C ASN D 209 -33.05 18.06 43.38
N VAL D 210 -32.16 17.27 43.97
CA VAL D 210 -30.77 17.19 43.57
C VAL D 210 -30.55 15.86 42.88
N ASN D 211 -29.89 15.90 41.72
CA ASN D 211 -29.57 14.69 40.96
C ASN D 211 -28.09 14.74 40.58
N HIS D 212 -27.31 13.80 41.09
CA HIS D 212 -25.88 13.69 40.80
C HIS D 212 -25.66 12.36 40.11
N LYS D 213 -25.58 12.38 38.78
CA LYS D 213 -25.46 11.17 37.97
C LYS D 213 -24.11 10.44 38.15
N PRO D 214 -22.99 11.14 38.31
CA PRO D 214 -21.71 10.42 38.49
C PRO D 214 -21.68 9.45 39.67
N SER D 215 -22.64 9.51 40.59
CA SER D 215 -22.66 8.57 41.71
C SER D 215 -24.03 7.93 41.93
N ASN D 216 -24.94 8.01 40.96
CA ASN D 216 -26.30 7.46 41.09
C ASN D 216 -26.99 7.98 42.35
N THR D 217 -27.00 9.30 42.49
CA THR D 217 -27.55 9.95 43.67
C THR D 217 -28.69 10.86 43.29
N LYS D 218 -29.84 10.70 43.97
CA LYS D 218 -30.97 11.61 43.84
C LYS D 218 -31.49 11.88 45.24
N VAL D 219 -31.49 13.14 45.64
CA VAL D 219 -31.82 13.55 47.00
C VAL D 219 -32.97 14.55 46.93
N ASP D 220 -33.99 14.34 47.77
CA ASP D 220 -35.08 15.28 47.94
C ASP D 220 -35.05 15.80 49.37
N LYS D 221 -35.11 17.12 49.52
CA LYS D 221 -35.09 17.74 50.83
C LYS D 221 -36.18 18.81 50.89
N ARG D 222 -37.05 18.70 51.89
CA ARG D 222 -38.09 19.68 52.10
C ARG D 222 -37.51 20.94 52.72
N VAL D 223 -37.94 22.10 52.22
CA VAL D 223 -37.49 23.39 52.73
C VAL D 223 -38.69 24.07 53.37
N GLU D 224 -38.62 24.30 54.68
CA GLU D 224 -39.74 24.78 55.44
C GLU D 224 -39.32 25.94 56.34
N PRO D 225 -40.25 26.85 56.66
CA PRO D 225 -39.91 28.00 57.49
C PRO D 225 -39.47 27.61 58.90
N LYS D 226 -38.82 28.55 59.57
CA LYS D 226 -38.26 28.37 60.91
C LYS D 226 -37.30 27.18 60.96
N VAL E 2 -7.31 -32.54 14.92
CA VAL E 2 -6.39 -33.49 15.55
C VAL E 2 -6.33 -33.31 17.06
N GLN E 3 -6.50 -34.42 17.79
CA GLN E 3 -6.47 -34.42 19.25
C GLN E 3 -5.25 -35.18 19.74
N LEU E 4 -4.54 -34.59 20.71
CA LEU E 4 -3.31 -35.15 21.24
C LEU E 4 -3.46 -35.33 22.75
N VAL E 5 -3.15 -36.53 23.23
CA VAL E 5 -3.24 -36.86 24.65
C VAL E 5 -1.93 -37.49 25.08
N GLN E 6 -1.31 -36.91 26.11
CA GLN E 6 0.01 -37.34 26.57
C GLN E 6 -0.10 -38.36 27.68
N SER E 7 0.81 -39.33 27.67
CA SER E 7 0.90 -40.34 28.70
C SER E 7 2.36 -40.47 29.10
N GLY E 8 2.65 -40.34 30.38
CA GLY E 8 4.01 -40.44 30.85
C GLY E 8 4.15 -40.21 32.34
N PRO E 9 5.29 -40.61 32.90
CA PRO E 9 5.50 -40.46 34.35
C PRO E 9 5.91 -39.04 34.71
N GLY E 10 5.39 -38.56 35.84
CA GLY E 10 5.71 -37.23 36.33
C GLY E 10 7.01 -37.12 37.09
N LEU E 11 7.48 -38.21 37.68
CA LEU E 11 8.71 -38.24 38.45
C LEU E 11 9.69 -39.21 37.80
N VAL E 12 10.94 -38.78 37.67
CA VAL E 12 12.00 -39.59 37.07
C VAL E 12 13.27 -39.43 37.89
N LYS E 13 13.91 -40.54 38.25
CA LYS E 13 15.13 -40.47 39.02
C LYS E 13 16.29 -40.00 38.15
N PRO E 14 17.28 -39.34 38.73
CA PRO E 14 18.39 -38.83 37.93
C PRO E 14 19.16 -39.95 37.24
N SER E 15 19.86 -39.58 36.17
CA SER E 15 20.62 -40.52 35.35
C SER E 15 19.78 -41.72 34.91
N GLN E 16 18.50 -41.47 34.65
CA GLN E 16 17.64 -42.52 34.16
C GLN E 16 17.12 -42.07 32.79
N THR E 17 16.06 -42.69 32.28
CA THR E 17 15.55 -42.37 30.95
C THR E 17 14.09 -41.93 31.05
N LEU E 18 13.78 -40.84 30.35
CA LEU E 18 12.44 -40.26 30.34
C LEU E 18 11.69 -40.77 29.12
N ALA E 19 10.54 -41.39 29.35
CA ALA E 19 9.74 -41.99 28.28
C ALA E 19 8.35 -41.39 28.28
N LEU E 20 7.99 -40.72 27.20
CA LEU E 20 6.67 -40.13 27.03
C LEU E 20 6.06 -40.62 25.73
N THR E 21 4.74 -40.79 25.73
CA THR E 21 3.99 -41.19 24.56
C THR E 21 2.83 -40.24 24.34
N CYS E 22 2.49 -40.02 23.08
CA CYS E 22 1.37 -39.16 22.71
C CYS E 22 0.48 -39.90 21.74
N THR E 23 -0.80 -40.04 22.09
CA THR E 23 -1.74 -40.82 21.30
C THR E 23 -2.59 -39.86 20.46
N VAL E 24 -2.60 -40.09 19.15
CA VAL E 24 -3.25 -39.20 18.18
C VAL E 24 -4.63 -39.72 17.84
N SER E 25 -5.60 -38.82 17.78
CA SER E 25 -6.95 -39.13 17.34
C SER E 25 -7.41 -38.02 16.42
N GLY E 26 -8.02 -38.40 15.30
CA GLY E 26 -8.51 -37.45 14.32
C GLY E 26 -7.74 -37.45 13.01
N ALA E 27 -6.58 -38.09 12.97
CA ALA E 27 -5.81 -38.22 11.75
C ALA E 27 -4.83 -39.37 11.92
N SER E 28 -4.63 -40.14 10.87
CA SER E 28 -3.70 -41.26 10.94
C SER E 28 -2.28 -40.74 11.14
N ILE E 29 -1.51 -41.47 11.94
CA ILE E 29 -0.13 -41.07 12.19
C ILE E 29 0.70 -41.05 10.92
N ASN E 30 0.30 -41.80 9.89
CA ASN E 30 1.02 -41.86 8.62
C ASN E 30 0.37 -41.00 7.54
N SER E 31 -0.49 -40.04 7.91
CA SER E 31 -1.10 -39.20 6.90
C SER E 31 -0.09 -38.18 6.38
N ASP E 32 -0.41 -37.61 5.22
CA ASP E 32 0.54 -36.82 4.44
C ASP E 32 0.96 -35.55 5.17
N ASN E 33 2.26 -35.29 5.18
CA ASN E 33 2.82 -34.01 5.63
C ASN E 33 2.48 -33.71 7.08
N TYR E 34 2.59 -34.72 7.94
CA TYR E 34 2.42 -34.56 9.37
C TYR E 34 3.74 -34.79 10.08
N TYR E 35 4.15 -33.83 10.91
CA TYR E 35 5.40 -33.89 11.66
C TYR E 35 5.08 -33.82 13.14
N TRP E 36 5.34 -34.90 13.86
CA TRP E 36 4.98 -35.03 15.26
C TRP E 36 6.09 -34.47 16.12
N THR E 37 5.81 -33.36 16.81
CA THR E 37 6.82 -32.56 17.48
C THR E 37 6.77 -32.78 19.00
N TRP E 38 7.93 -32.62 19.63
CA TRP E 38 8.05 -32.58 21.10
C TRP E 38 8.64 -31.24 21.50
N ILE E 39 7.99 -30.57 22.45
CA ILE E 39 8.42 -29.27 22.95
C ILE E 39 8.39 -29.31 24.48
N ARG E 40 9.39 -28.72 25.11
CA ARG E 40 9.43 -28.64 26.56
C ARG E 40 9.53 -27.19 27.01
N GLN E 41 8.94 -26.90 28.17
CA GLN E 41 8.86 -25.54 28.71
C GLN E 41 9.47 -25.56 30.10
N ARG E 42 10.65 -24.99 30.22
CA ARG E 42 11.35 -24.95 31.50
C ARG E 42 10.57 -24.10 32.49
N PRO E 43 10.65 -24.40 33.79
CA PRO E 43 9.83 -23.68 34.76
C PRO E 43 10.19 -22.21 34.80
N GLY E 44 9.17 -21.36 34.69
CA GLY E 44 9.41 -19.92 34.66
C GLY E 44 10.21 -19.46 33.47
N GLY E 45 10.12 -20.15 32.33
CA GLY E 45 10.90 -19.81 31.17
C GLY E 45 10.12 -19.99 29.89
N GLY E 46 10.82 -19.75 28.78
CA GLY E 46 10.23 -19.89 27.47
C GLY E 46 10.19 -21.34 27.01
N LEU E 47 9.76 -21.51 25.77
CA LEU E 47 9.62 -22.84 25.19
C LEU E 47 10.87 -23.24 24.45
N GLU E 48 11.13 -24.55 24.41
CA GLU E 48 12.31 -25.12 23.77
C GLU E 48 11.86 -26.25 22.86
N TRP E 49 12.15 -26.12 21.56
CA TRP E 49 11.78 -27.15 20.59
C TRP E 49 12.77 -28.31 20.69
N ILE E 50 12.24 -29.50 20.96
CA ILE E 50 13.09 -30.68 21.17
C ILE E 50 13.40 -31.39 19.86
N GLY E 51 12.39 -31.66 19.06
CA GLY E 51 12.58 -32.37 17.82
C GLY E 51 11.25 -32.85 17.27
N HIS E 52 11.31 -33.51 16.12
CA HIS E 52 10.10 -34.06 15.54
C HIS E 52 10.41 -35.36 14.83
N ILE E 53 9.35 -36.12 14.55
CA ILE E 53 9.42 -37.34 13.76
C ILE E 53 8.33 -37.24 12.69
N SER E 54 8.70 -37.49 11.44
CA SER E 54 7.81 -37.29 10.31
C SER E 54 6.86 -38.47 10.13
N TYR E 55 5.88 -38.28 9.24
CA TYR E 55 4.95 -39.35 8.90
C TYR E 55 5.64 -40.52 8.21
N THR E 56 6.80 -40.30 7.58
CA THR E 56 7.58 -41.38 7.02
C THR E 56 8.53 -42.01 8.03
N GLY E 57 8.82 -41.32 9.13
CA GLY E 57 9.72 -41.84 10.16
C GLY E 57 11.03 -41.12 10.31
N ASN E 58 11.30 -40.10 9.49
CA ASN E 58 12.54 -39.34 9.62
C ASN E 58 12.49 -38.45 10.86
N THR E 59 13.62 -38.35 11.55
CA THR E 59 13.71 -37.65 12.82
C THR E 59 14.77 -36.56 12.76
N TYR E 60 14.44 -35.41 13.33
CA TYR E 60 15.38 -34.31 13.51
C TYR E 60 15.38 -33.94 14.99
N TYR E 61 16.55 -33.99 15.62
CA TYR E 61 16.71 -33.62 17.02
C TYR E 61 17.50 -32.32 17.11
N THR E 62 17.15 -31.50 18.09
CA THR E 62 17.90 -30.27 18.33
C THR E 62 19.36 -30.63 18.62
N PRO E 63 20.32 -29.88 18.08
CA PRO E 63 21.73 -30.25 18.26
C PRO E 63 22.17 -30.46 19.70
N SER E 64 21.57 -29.76 20.67
CA SER E 64 21.99 -29.91 22.05
C SER E 64 21.64 -31.27 22.62
N LEU E 65 20.49 -31.83 22.23
CA LEU E 65 20.00 -33.07 22.81
C LEU E 65 20.07 -34.24 21.84
N LYS E 66 20.76 -34.09 20.71
CA LYS E 66 20.76 -35.13 19.68
C LYS E 66 21.24 -36.47 20.22
N SER E 67 22.38 -36.45 20.92
CA SER E 67 22.98 -37.67 21.46
C SER E 67 22.08 -38.36 22.47
N ARG E 68 21.13 -37.65 23.06
CA ARG E 68 20.34 -38.14 24.18
C ARG E 68 18.88 -38.41 23.81
N LEU E 69 18.49 -38.18 22.56
CA LEU E 69 17.11 -38.23 22.13
C LEU E 69 16.81 -39.47 21.29
N SER E 70 15.55 -39.90 21.34
CA SER E 70 15.07 -41.02 20.54
C SER E 70 13.58 -40.84 20.35
N MET E 71 13.12 -41.03 19.11
CA MET E 71 11.70 -40.90 18.77
C MET E 71 11.30 -42.04 17.84
N SER E 72 10.07 -42.53 18.00
CA SER E 72 9.62 -43.64 17.17
C SER E 72 8.13 -43.49 16.90
N LEU E 73 7.67 -44.20 15.86
CA LEU E 73 6.27 -44.24 15.49
C LEU E 73 5.71 -45.63 15.76
N GLU E 74 4.48 -45.67 16.29
CA GLU E 74 3.77 -46.92 16.59
C GLU E 74 2.40 -46.84 15.91
N THR E 75 2.40 -47.07 14.59
CA THR E 75 1.21 -46.84 13.79
C THR E 75 0.02 -47.68 14.26
N SER E 76 0.28 -48.91 14.71
CA SER E 76 -0.82 -49.79 15.11
C SER E 76 -1.65 -49.19 16.24
N GLN E 77 -0.99 -48.57 17.22
CA GLN E 77 -1.67 -47.87 18.30
C GLN E 77 -1.88 -46.39 18.03
N SER E 78 -1.47 -45.90 16.86
CA SER E 78 -1.65 -44.50 16.44
C SER E 78 -1.07 -43.53 17.49
N GLN E 79 0.21 -43.72 17.77
CA GLN E 79 0.90 -42.89 18.76
C GLN E 79 2.38 -42.83 18.43
N PHE E 80 3.01 -41.74 18.84
CA PHE E 80 4.46 -41.56 18.74
C PHE E 80 5.03 -41.29 20.13
N SER E 81 6.31 -41.56 20.29
CA SER E 81 6.92 -41.58 21.61
C SER E 81 8.18 -40.73 21.63
N LEU E 82 8.66 -40.46 22.84
CA LEU E 82 9.86 -39.70 23.09
C LEU E 82 10.73 -40.42 24.11
N ARG E 83 12.04 -40.37 23.91
CA ARG E 83 12.98 -40.98 24.84
C ARG E 83 14.12 -40.01 25.09
N LEU E 84 14.30 -39.62 26.33
CA LEU E 84 15.41 -38.75 26.74
C LEU E 84 16.18 -39.50 27.81
N THR E 85 17.49 -39.67 27.59
CA THR E 85 18.30 -40.53 28.42
C THR E 85 19.30 -39.71 29.23
N SER E 86 19.74 -40.32 30.34
CA SER E 86 20.68 -39.70 31.28
C SER E 86 20.17 -38.35 31.77
N VAL E 87 18.91 -38.32 32.19
CA VAL E 87 18.28 -37.06 32.57
C VAL E 87 18.90 -36.52 33.87
N THR E 88 18.91 -35.19 33.99
CA THR E 88 19.34 -34.53 35.21
C THR E 88 18.28 -33.53 35.64
N ALA E 89 18.60 -32.70 36.63
CA ALA E 89 17.65 -31.68 37.07
C ALA E 89 17.46 -30.59 36.04
N ALA E 90 18.40 -30.43 35.12
CA ALA E 90 18.24 -29.43 34.06
C ALA E 90 17.18 -29.84 33.05
N ASP E 91 16.70 -31.07 33.12
CA ASP E 91 15.68 -31.57 32.21
C ASP E 91 14.29 -31.55 32.81
N SER E 92 14.15 -31.03 34.04
CA SER E 92 12.84 -30.90 34.67
C SER E 92 12.07 -29.77 34.00
N ALA E 93 10.94 -30.09 33.38
CA ALA E 93 10.13 -29.11 32.67
C ALA E 93 8.79 -29.76 32.32
N VAL E 94 7.89 -28.96 31.76
CA VAL E 94 6.62 -29.44 31.23
C VAL E 94 6.84 -29.81 29.78
N TYR E 95 6.60 -31.07 29.45
CA TYR E 95 6.85 -31.59 28.11
C TYR E 95 5.55 -31.61 27.33
N PHE E 96 5.55 -30.95 26.17
CA PHE E 96 4.36 -30.77 25.35
C PHE E 96 4.47 -31.59 24.06
N CYS E 97 3.57 -32.54 23.90
CA CYS E 97 3.29 -33.13 22.61
C CYS E 97 2.65 -32.10 21.68
N ALA E 98 3.06 -32.09 20.41
CA ALA E 98 2.48 -31.17 19.43
C ALA E 98 2.60 -31.75 18.03
N ALA E 99 1.85 -31.18 17.09
CA ALA E 99 1.78 -31.68 15.73
C ALA E 99 1.67 -30.55 14.73
N CYS E 100 2.37 -30.68 13.61
CA CYS E 100 2.28 -29.75 12.48
C CYS E 100 1.80 -30.52 11.26
N GLY E 101 0.81 -29.97 10.56
CA GLY E 101 0.24 -30.64 9.40
C GLY E 101 -0.15 -29.65 8.32
N ALA E 102 -0.08 -30.12 7.07
CA ALA E 102 -0.36 -29.28 5.93
C ALA E 102 -0.90 -30.12 4.78
N TYR E 103 -1.76 -29.49 3.97
CA TYR E 103 -2.26 -30.13 2.75
C TYR E 103 -1.21 -30.13 1.65
N VAL E 104 -0.62 -28.96 1.40
CA VAL E 104 0.57 -28.82 0.57
C VAL E 104 1.67 -28.18 1.41
N LEU E 105 2.82 -28.83 1.48
CA LEU E 105 3.96 -28.36 2.26
C LEU E 105 5.16 -28.22 1.34
N ILE E 106 5.69 -27.01 1.25
CA ILE E 106 6.93 -26.75 0.52
C ILE E 106 7.98 -26.10 1.39
N SER E 107 7.70 -25.90 2.68
CA SER E 107 8.70 -25.37 3.60
C SER E 107 8.81 -26.30 4.79
N ASN E 108 9.53 -25.86 5.81
CA ASN E 108 9.51 -26.56 7.08
C ASN E 108 8.11 -26.47 7.68
N CYS E 109 7.71 -27.52 8.38
CA CYS E 109 6.44 -27.50 9.11
C CYS E 109 6.74 -27.00 10.52
N GLY E 110 6.42 -25.73 10.76
CA GLY E 110 6.77 -25.10 12.02
C GLY E 110 5.62 -24.54 12.83
N TRP E 111 4.41 -24.54 12.27
CA TRP E 111 3.23 -24.06 13.00
C TRP E 111 2.60 -25.22 13.75
N PHE E 112 2.39 -25.04 15.05
CA PHE E 112 1.85 -26.10 15.90
C PHE E 112 0.43 -25.72 16.27
N ASP E 113 -0.52 -26.12 15.40
CA ASP E 113 -1.93 -25.88 15.63
C ASP E 113 -2.55 -26.91 16.57
N SER E 114 -1.89 -28.04 16.78
CA SER E 114 -2.33 -29.06 17.73
C SER E 114 -1.34 -29.15 18.88
N TRP E 115 -1.87 -29.31 20.09
CA TRP E 115 -1.04 -29.47 21.27
C TRP E 115 -1.68 -30.50 22.19
N GLY E 116 -0.83 -31.11 23.03
CA GLY E 116 -1.33 -31.90 24.14
C GLY E 116 -1.41 -31.07 25.41
N GLN E 117 -2.02 -31.67 26.44
CA GLN E 117 -2.17 -30.95 27.70
C GLN E 117 -0.83 -30.74 28.39
N GLY E 118 0.14 -31.62 28.16
CA GLY E 118 1.45 -31.47 28.77
C GLY E 118 1.67 -32.34 29.99
N THR E 119 2.90 -32.81 30.16
CA THR E 119 3.30 -33.62 31.31
C THR E 119 4.37 -32.87 32.08
N GLN E 120 4.13 -32.65 33.38
CA GLN E 120 5.12 -32.00 34.22
C GLN E 120 6.11 -33.03 34.75
N VAL E 121 7.32 -33.01 34.19
CA VAL E 121 8.36 -33.97 34.57
C VAL E 121 9.31 -33.33 35.56
N THR E 122 9.47 -33.96 36.73
CA THR E 122 10.40 -33.53 37.77
C THR E 122 11.46 -34.62 37.93
N VAL E 123 12.72 -34.22 37.91
CA VAL E 123 13.84 -35.16 37.98
C VAL E 123 14.50 -34.96 39.33
N SER E 124 14.26 -35.89 40.25
CA SER E 124 14.87 -35.85 41.56
C SER E 124 14.98 -37.26 42.11
N SER E 125 15.98 -37.47 42.97
CA SER E 125 16.15 -38.74 43.66
C SER E 125 15.18 -38.91 44.83
N ALA E 126 14.32 -37.93 45.10
CA ALA E 126 13.33 -38.04 46.15
C ALA E 126 12.19 -38.96 45.72
N SER E 127 11.39 -39.36 46.69
CA SER E 127 10.24 -40.23 46.49
C SER E 127 8.95 -39.42 46.61
N THR E 128 7.89 -39.91 45.97
CA THR E 128 6.61 -39.21 46.00
C THR E 128 6.05 -39.20 47.43
N LYS E 129 5.31 -38.14 47.74
CA LYS E 129 4.69 -37.95 49.05
C LYS E 129 3.29 -37.37 48.86
N GLY E 130 2.31 -37.97 49.52
CA GLY E 130 0.94 -37.51 49.44
C GLY E 130 0.68 -36.29 50.30
N PRO E 131 -0.19 -35.40 49.83
CA PRO E 131 -0.39 -34.13 50.53
C PRO E 131 -1.28 -34.28 51.76
N SER E 132 -1.07 -33.35 52.70
CA SER E 132 -1.94 -33.18 53.86
C SER E 132 -2.78 -31.93 53.64
N VAL E 133 -4.09 -32.06 53.81
CA VAL E 133 -5.01 -30.98 53.51
C VAL E 133 -5.62 -30.47 54.81
N PHE E 134 -5.48 -29.18 55.07
CA PHE E 134 -6.00 -28.55 56.26
C PHE E 134 -6.95 -27.41 55.90
N PRO E 135 -8.05 -27.26 56.63
CA PRO E 135 -8.99 -26.20 56.31
C PRO E 135 -8.52 -24.84 56.81
N LEU E 136 -8.86 -23.82 56.04
CA LEU E 136 -8.68 -22.43 56.47
C LEU E 136 -10.08 -21.94 56.80
N ALA E 137 -10.49 -22.17 58.05
CA ALA E 137 -11.87 -21.96 58.43
C ALA E 137 -12.18 -20.47 58.53
N PRO E 138 -13.36 -20.04 58.11
CA PRO E 138 -13.75 -18.64 58.25
C PRO E 138 -14.25 -18.32 59.66
N SER E 139 -14.00 -17.09 60.06
CA SER E 139 -14.45 -16.60 61.36
C SER E 139 -14.71 -15.10 61.22
N SER E 140 -14.75 -14.40 62.35
CA SER E 140 -14.94 -12.95 62.30
C SER E 140 -13.73 -12.25 61.69
N LYS E 141 -12.54 -12.86 61.78
CA LYS E 141 -11.32 -12.27 61.22
C LYS E 141 -11.21 -12.43 59.71
N SER E 142 -12.07 -13.24 59.08
CA SER E 142 -12.07 -13.41 57.63
C SER E 142 -13.40 -13.04 57.01
N THR E 143 -14.20 -12.21 57.68
CA THR E 143 -15.45 -11.68 57.15
C THR E 143 -15.29 -10.18 56.94
N SER E 144 -15.56 -9.73 55.72
CA SER E 144 -15.50 -8.30 55.38
C SER E 144 -16.85 -7.91 54.80
N GLY E 145 -17.72 -7.36 55.64
CA GLY E 145 -19.04 -6.97 55.20
C GLY E 145 -19.87 -8.16 54.76
N GLY E 146 -20.34 -8.12 53.52
CA GLY E 146 -21.23 -9.16 53.04
C GLY E 146 -20.55 -10.48 52.76
N THR E 147 -19.29 -10.44 52.30
CA THR E 147 -18.60 -11.64 51.86
C THR E 147 -17.57 -12.11 52.88
N ALA E 148 -17.38 -13.44 52.92
CA ALA E 148 -16.41 -14.08 53.79
C ALA E 148 -15.52 -15.00 52.99
N ALA E 149 -14.25 -15.08 53.36
CA ALA E 149 -13.29 -15.92 52.67
C ALA E 149 -13.01 -17.19 53.47
N LEU E 150 -12.73 -18.27 52.75
CA LEU E 150 -12.34 -19.53 53.36
C LEU E 150 -11.53 -20.32 52.33
N GLY E 151 -10.92 -21.40 52.80
CA GLY E 151 -10.10 -22.18 51.89
C GLY E 151 -9.52 -23.40 52.57
N CYS E 152 -8.59 -24.03 51.86
CA CYS E 152 -7.90 -25.22 52.34
C CYS E 152 -6.42 -25.09 52.02
N LEU E 153 -5.60 -25.78 52.81
CA LEU E 153 -4.15 -25.73 52.71
C LEU E 153 -3.65 -27.11 52.29
N VAL E 154 -3.04 -27.18 51.11
CA VAL E 154 -2.45 -28.42 50.61
C VAL E 154 -0.97 -28.34 50.93
N LYS E 155 -0.51 -29.14 51.88
CA LYS E 155 0.83 -28.97 52.44
C LYS E 155 1.62 -30.26 52.33
N ASP E 156 2.93 -30.12 52.08
CA ASP E 156 3.92 -31.20 52.15
C ASP E 156 3.56 -32.34 51.19
N TYR E 157 3.73 -32.07 49.90
CA TYR E 157 3.53 -33.07 48.86
C TYR E 157 4.67 -33.02 47.84
N PHE E 158 4.78 -34.08 47.04
CA PHE E 158 5.82 -34.19 46.03
C PHE E 158 5.49 -35.30 45.04
N PRO E 159 5.63 -35.06 43.72
CA PRO E 159 5.97 -33.78 43.12
C PRO E 159 4.75 -33.07 42.56
N GLU E 160 4.98 -31.95 41.86
CA GLU E 160 3.90 -31.25 41.18
C GLU E 160 3.33 -32.10 40.05
N PRO E 161 2.05 -31.90 39.68
CA PRO E 161 1.13 -30.89 40.22
C PRO E 161 -0.02 -31.45 41.07
N VAL E 162 -0.77 -30.54 41.68
CA VAL E 162 -1.94 -30.88 42.48
C VAL E 162 -3.17 -30.22 41.85
N THR E 163 -4.29 -30.95 41.84
CA THR E 163 -5.56 -30.47 41.32
C THR E 163 -6.50 -30.17 42.48
N VAL E 164 -7.05 -28.96 42.50
CA VAL E 164 -7.95 -28.53 43.58
C VAL E 164 -9.29 -28.14 42.96
N SER E 165 -10.37 -28.68 43.54
CA SER E 165 -11.73 -28.37 43.13
C SER E 165 -12.52 -27.96 44.36
N TRP E 166 -13.66 -27.30 44.14
CA TRP E 166 -14.53 -26.91 45.23
C TRP E 166 -15.94 -27.42 44.96
N ASN E 167 -16.48 -28.19 45.90
CA ASN E 167 -17.79 -28.82 45.77
C ASN E 167 -17.90 -29.60 44.47
N SER E 168 -16.93 -30.49 44.25
CA SER E 168 -16.88 -31.41 43.12
C SER E 168 -16.89 -30.70 41.77
N GLY E 169 -16.75 -29.38 41.75
CA GLY E 169 -16.84 -28.59 40.55
C GLY E 169 -18.03 -27.67 40.50
N ALA E 170 -18.95 -27.78 41.47
CA ALA E 170 -20.13 -26.94 41.47
C ALA E 170 -19.81 -25.49 41.82
N LEU E 171 -18.81 -25.26 42.66
CA LEU E 171 -18.41 -23.91 43.06
C LEU E 171 -17.15 -23.53 42.29
N THR E 172 -17.28 -22.56 41.38
CA THR E 172 -16.16 -22.10 40.58
C THR E 172 -15.99 -20.59 40.57
N SER E 173 -17.02 -19.82 40.89
CA SER E 173 -16.93 -18.36 40.87
C SER E 173 -16.42 -17.86 42.20
N GLY E 174 -15.43 -16.97 42.15
CA GLY E 174 -14.78 -16.49 43.34
C GLY E 174 -13.65 -17.38 43.85
N VAL E 175 -13.36 -18.48 43.16
CA VAL E 175 -12.30 -19.39 43.59
C VAL E 175 -10.96 -18.88 43.07
N HIS E 176 -9.97 -18.90 43.95
CA HIS E 176 -8.60 -18.48 43.64
C HIS E 176 -7.65 -19.54 44.16
N THR E 177 -7.11 -20.38 43.27
CA THR E 177 -6.06 -21.32 43.65
C THR E 177 -4.71 -20.73 43.27
N PHE E 178 -3.82 -20.64 44.25
CA PHE E 178 -2.54 -19.98 44.09
C PHE E 178 -1.49 -20.91 43.49
N PRO E 179 -0.47 -20.36 42.85
CA PRO E 179 0.66 -21.20 42.42
C PRO E 179 1.37 -21.79 43.63
N ALA E 180 1.82 -23.04 43.48
CA ALA E 180 2.50 -23.72 44.57
C ALA E 180 3.83 -23.06 44.88
N VAL E 181 4.29 -23.27 46.11
CA VAL E 181 5.56 -22.76 46.59
C VAL E 181 6.39 -23.93 47.10
N LEU E 182 7.68 -23.92 46.77
CA LEU E 182 8.60 -24.96 47.24
C LEU E 182 9.18 -24.53 48.58
N GLN E 183 8.86 -25.31 49.63
CA GLN E 183 9.22 -24.94 50.99
C GLN E 183 10.71 -25.17 51.24
N SER E 184 11.15 -24.90 52.46
CA SER E 184 12.56 -25.10 52.81
C SER E 184 12.95 -26.57 52.84
N SER E 185 11.98 -27.46 53.08
CA SER E 185 12.18 -28.87 52.86
C SER E 185 12.03 -29.18 51.37
N GLY E 186 12.15 -30.46 51.01
CA GLY E 186 12.06 -30.79 49.61
C GLY E 186 10.65 -30.70 49.03
N LEU E 187 9.65 -30.47 49.86
CA LEU E 187 8.26 -30.62 49.46
C LEU E 187 7.65 -29.28 49.06
N TYR E 188 6.52 -29.38 48.37
CA TYR E 188 5.76 -28.23 47.92
C TYR E 188 4.60 -27.97 48.87
N SER E 189 3.88 -26.88 48.61
CA SER E 189 2.70 -26.50 49.39
C SER E 189 1.96 -25.43 48.61
N LEU E 190 0.63 -25.55 48.56
CA LEU E 190 -0.19 -24.54 47.91
C LEU E 190 -1.50 -24.42 48.68
N SER E 191 -2.19 -23.30 48.46
CA SER E 191 -3.46 -23.02 49.11
C SER E 191 -4.49 -22.56 48.08
N SER E 192 -5.75 -22.90 48.32
CA SER E 192 -6.86 -22.49 47.49
C SER E 192 -7.90 -21.78 48.34
N VAL E 193 -8.46 -20.69 47.81
CA VAL E 193 -9.30 -19.79 48.58
C VAL E 193 -10.54 -19.42 47.78
N VAL E 194 -11.70 -19.41 48.44
CA VAL E 194 -12.96 -19.01 47.85
C VAL E 194 -13.57 -17.90 48.69
N THR E 195 -14.18 -16.92 48.02
CA THR E 195 -14.96 -15.90 48.69
C THR E 195 -16.45 -16.19 48.53
N VAL E 196 -17.18 -16.03 49.62
CA VAL E 196 -18.54 -16.55 49.75
C VAL E 196 -19.41 -15.52 50.47
N PRO E 197 -20.68 -15.35 50.08
CA PRO E 197 -21.59 -14.53 50.90
C PRO E 197 -21.60 -14.98 52.33
N SER E 198 -21.30 -14.07 53.26
CA SER E 198 -21.15 -14.45 54.66
C SER E 198 -22.43 -15.04 55.23
N SER E 199 -23.59 -14.58 54.77
CA SER E 199 -24.85 -15.12 55.25
C SER E 199 -25.03 -16.60 54.88
N SER E 200 -24.34 -17.08 53.84
CA SER E 200 -24.59 -18.44 53.36
C SER E 200 -23.80 -19.50 54.12
N LEU E 201 -22.73 -19.14 54.83
CA LEU E 201 -22.02 -20.13 55.63
C LEU E 201 -22.89 -20.57 56.80
N GLY E 202 -22.87 -21.86 57.10
CA GLY E 202 -23.78 -22.45 58.05
C GLY E 202 -25.06 -23.01 57.42
N THR E 203 -25.41 -22.55 56.22
CA THR E 203 -26.54 -23.10 55.48
C THR E 203 -26.13 -23.82 54.21
N GLN E 204 -24.90 -23.62 53.74
CA GLN E 204 -24.37 -24.29 52.55
C GLN E 204 -23.04 -24.94 52.91
N THR E 205 -22.79 -26.11 52.31
CA THR E 205 -21.58 -26.87 52.57
C THR E 205 -20.46 -26.48 51.61
N TYR E 206 -19.26 -26.30 52.15
CA TYR E 206 -18.08 -26.00 51.35
C TYR E 206 -17.02 -27.07 51.61
N ILE E 207 -16.68 -27.82 50.56
CA ILE E 207 -15.71 -28.90 50.65
C ILE E 207 -14.63 -28.69 49.60
N CYS E 208 -13.38 -28.93 50.00
CA CYS E 208 -12.21 -28.72 49.17
C CYS E 208 -11.70 -30.06 48.65
N ASN E 209 -11.68 -30.22 47.31
CA ASN E 209 -11.33 -31.48 46.67
C ASN E 209 -9.91 -31.40 46.11
N VAL E 210 -9.01 -32.14 46.73
CA VAL E 210 -7.59 -32.16 46.35
C VAL E 210 -7.31 -33.50 45.69
N ASN E 211 -6.65 -33.46 44.53
CA ASN E 211 -6.29 -34.67 43.80
C ASN E 211 -4.81 -34.57 43.42
N HIS E 212 -4.01 -35.48 43.96
CA HIS E 212 -2.58 -35.56 43.66
C HIS E 212 -2.32 -36.89 42.97
N LYS E 213 -2.25 -36.87 41.64
CA LYS E 213 -2.08 -38.09 40.85
C LYS E 213 -0.69 -38.72 40.98
N PRO E 214 0.41 -37.96 41.12
CA PRO E 214 1.72 -38.60 41.26
C PRO E 214 1.84 -39.58 42.42
N SER E 215 0.91 -39.59 43.38
CA SER E 215 0.94 -40.54 44.48
C SER E 215 -0.40 -41.24 44.68
N ASN E 216 -1.32 -41.13 43.72
CA ASN E 216 -2.65 -41.73 43.79
C ASN E 216 -3.37 -41.34 45.07
N THR E 217 -3.45 -40.03 45.30
CA THR E 217 -4.07 -39.46 46.50
C THR E 217 -5.22 -38.58 46.10
N LYS E 218 -6.39 -38.81 46.69
CA LYS E 218 -7.57 -37.98 46.48
C LYS E 218 -8.17 -37.70 47.85
N VAL E 219 -8.22 -36.43 48.25
CA VAL E 219 -8.59 -36.03 49.60
C VAL E 219 -9.73 -35.02 49.53
N ASP E 220 -10.75 -35.23 50.35
CA ASP E 220 -11.85 -34.29 50.54
C ASP E 220 -11.79 -33.75 51.96
N LYS E 221 -11.89 -32.44 52.10
CA LYS E 221 -11.82 -31.77 53.38
C LYS E 221 -12.96 -30.78 53.49
N ARG E 222 -13.77 -30.91 54.54
CA ARG E 222 -14.85 -29.97 54.78
C ARG E 222 -14.32 -28.70 55.43
N VAL E 223 -14.82 -27.55 54.99
CA VAL E 223 -14.43 -26.25 55.55
C VAL E 223 -15.66 -25.66 56.22
N GLU E 224 -15.61 -25.51 57.53
CA GLU E 224 -16.72 -25.07 58.35
C GLU E 224 -16.25 -24.00 59.33
N PRO E 225 -17.14 -23.08 59.71
CA PRO E 225 -16.72 -21.99 60.60
C PRO E 225 -16.24 -22.49 61.96
N LYS E 226 -15.48 -21.61 62.63
CA LYS E 226 -14.84 -21.91 63.92
C LYS E 226 -13.97 -23.17 63.86
N GLU F 1 22.17 -21.52 15.53
CA GLU F 1 20.88 -21.29 16.15
C GLU F 1 20.47 -19.83 16.08
N ILE F 2 19.21 -19.58 15.78
CA ILE F 2 18.72 -18.22 15.55
C ILE F 2 18.15 -17.66 16.84
N VAL F 3 18.65 -16.49 17.25
CA VAL F 3 18.17 -15.82 18.45
C VAL F 3 16.98 -14.94 18.09
N MET F 4 15.95 -14.96 18.93
CA MET F 4 14.73 -14.21 18.70
C MET F 4 14.52 -13.23 19.85
N THR F 5 14.26 -11.96 19.52
CA THR F 5 14.06 -10.90 20.49
C THR F 5 12.63 -10.39 20.37
N GLN F 6 11.95 -10.29 21.50
CA GLN F 6 10.58 -9.82 21.55
C GLN F 6 10.52 -8.56 22.42
N SER F 7 9.75 -7.57 21.97
CA SER F 7 9.70 -6.28 22.65
C SER F 7 8.27 -5.74 22.65
N PRO F 8 7.77 -5.28 23.80
CA PRO F 8 8.50 -5.25 25.07
C PRO F 8 8.38 -6.56 25.85
N SER F 9 9.12 -6.68 26.96
CA SER F 9 9.02 -7.87 27.80
C SER F 9 7.62 -8.02 28.37
N SER F 10 7.01 -6.90 28.78
CA SER F 10 5.65 -6.92 29.30
C SER F 10 5.04 -5.56 29.07
N LEU F 11 3.71 -5.52 28.99
CA LEU F 11 3.00 -4.27 28.76
C LEU F 11 1.64 -4.35 29.42
N SER F 12 1.10 -3.19 29.77
CA SER F 12 -0.26 -3.09 30.28
C SER F 12 -1.00 -2.03 29.48
N ALA F 13 -2.29 -2.27 29.24
CA ALA F 13 -3.11 -1.35 28.46
C ALA F 13 -4.55 -1.45 28.92
N SER F 14 -5.28 -0.36 28.75
CA SER F 14 -6.68 -0.33 29.12
C SER F 14 -7.50 -1.19 28.16
N ILE F 15 -8.72 -1.53 28.60
CA ILE F 15 -9.60 -2.35 27.77
C ILE F 15 -10.00 -1.55 26.53
N GLY F 16 -9.86 -2.19 25.36
CA GLY F 16 -10.12 -1.52 24.10
C GLY F 16 -8.92 -0.88 23.45
N ASP F 17 -7.78 -0.84 24.13
CA ASP F 17 -6.59 -0.20 23.58
C ASP F 17 -6.03 -1.00 22.42
N ARG F 18 -5.17 -0.36 21.65
CA ARG F 18 -4.45 -1.01 20.55
C ARG F 18 -3.09 -1.45 21.06
N VAL F 19 -2.84 -2.76 21.02
CA VAL F 19 -1.65 -3.35 21.60
C VAL F 19 -0.81 -3.96 20.48
N THR F 20 0.49 -3.69 20.49
CA THR F 20 1.39 -4.18 19.46
C THR F 20 2.64 -4.78 20.09
N ILE F 21 2.93 -6.03 19.75
CA ILE F 21 4.15 -6.73 20.17
C ILE F 21 5.02 -6.93 18.93
N THR F 22 6.28 -6.55 19.02
CA THR F 22 7.22 -6.71 17.92
C THR F 22 8.18 -7.86 18.19
N CYS F 23 8.71 -8.41 17.10
CA CYS F 23 9.54 -9.60 17.12
C CYS F 23 10.66 -9.40 16.12
N GLN F 24 11.87 -9.78 16.51
CA GLN F 24 13.04 -9.59 15.67
C GLN F 24 13.87 -10.85 15.67
N ALA F 25 14.35 -11.24 14.49
CA ALA F 25 15.11 -12.47 14.33
C ALA F 25 16.59 -12.17 14.14
N SER F 26 17.42 -13.15 14.52
CA SER F 26 18.86 -12.99 14.42
C SER F 26 19.30 -12.72 12.98
N GLN F 27 18.72 -13.44 12.03
CA GLN F 27 18.97 -13.22 10.61
C GLN F 27 17.67 -13.45 9.85
N ASP F 28 17.70 -13.17 8.55
CA ASP F 28 16.49 -13.20 7.74
C ASP F 28 15.82 -14.56 7.84
N ILE F 29 14.52 -14.55 8.16
CA ILE F 29 13.74 -15.77 8.28
C ILE F 29 12.51 -15.74 7.36
N SER F 30 12.51 -14.86 6.36
CA SER F 30 11.46 -14.78 5.33
C SER F 30 10.11 -14.58 6.02
N THR F 31 9.06 -15.30 5.61
CA THR F 31 7.75 -15.20 6.23
C THR F 31 7.49 -16.26 7.28
N TYR F 32 8.54 -16.96 7.74
CA TYR F 32 8.36 -18.15 8.57
C TYR F 32 8.43 -17.78 10.05
N LEU F 33 7.39 -17.07 10.49
CA LEU F 33 7.25 -16.66 11.88
C LEU F 33 5.83 -16.90 12.35
N ASN F 34 5.69 -17.54 13.51
CA ASN F 34 4.39 -17.79 14.12
C ASN F 34 4.22 -16.97 15.39
N TRP F 35 2.96 -16.83 15.82
CA TRP F 35 2.62 -16.16 17.05
C TRP F 35 1.77 -17.12 17.89
N TYR F 36 2.11 -17.24 19.16
CA TYR F 36 1.41 -18.13 20.06
C TYR F 36 0.91 -17.36 21.28
N GLN F 37 -0.22 -17.83 21.82
CA GLN F 37 -0.83 -17.29 23.02
C GLN F 37 -0.91 -18.39 24.06
N GLN F 38 -0.33 -18.15 25.23
CA GLN F 38 -0.34 -19.13 26.31
C GLN F 38 -0.85 -18.48 27.58
N LYS F 39 -1.97 -19.00 28.09
CA LYS F 39 -2.57 -18.62 29.36
C LYS F 39 -2.08 -19.57 30.45
N PRO F 40 -2.21 -19.18 31.72
CA PRO F 40 -1.69 -20.04 32.81
C PRO F 40 -2.37 -21.39 32.84
N GLY F 41 -1.56 -22.44 32.95
CA GLY F 41 -2.06 -23.79 33.05
C GLY F 41 -2.48 -24.43 31.75
N GLN F 42 -2.18 -23.81 30.60
CA GLN F 42 -2.61 -24.31 29.31
C GLN F 42 -1.42 -24.37 28.36
N ALA F 43 -1.56 -25.22 27.35
CA ALA F 43 -0.59 -25.28 26.29
C ALA F 43 -0.71 -24.05 25.40
N PRO F 44 0.34 -23.68 24.68
CA PRO F 44 0.25 -22.52 23.79
C PRO F 44 -0.81 -22.71 22.72
N ARG F 45 -1.24 -21.59 22.16
CA ARG F 45 -2.30 -21.54 21.16
C ARG F 45 -1.79 -20.81 19.92
N LEU F 46 -1.92 -21.44 18.76
CA LEU F 46 -1.46 -20.81 17.52
C LEU F 46 -2.41 -19.67 17.14
N LEU F 47 -1.86 -18.46 17.04
CA LEU F 47 -2.62 -17.29 16.63
C LEU F 47 -2.37 -16.93 15.16
N ILE F 48 -1.11 -16.71 14.81
CA ILE F 48 -0.70 -16.33 13.47
C ILE F 48 0.32 -17.35 12.99
N TYR F 49 0.14 -17.84 11.78
CA TYR F 49 1.13 -18.70 11.14
C TYR F 49 1.58 -18.05 9.83
N GLY F 50 2.85 -18.27 9.49
CA GLY F 50 3.38 -17.67 8.29
C GLY F 50 3.32 -16.16 8.30
N ALA F 51 3.80 -15.57 9.41
CA ALA F 51 3.96 -14.13 9.59
C ALA F 51 2.65 -13.36 9.67
N SER F 52 1.69 -13.67 8.79
CA SER F 52 0.49 -12.85 8.68
C SER F 52 -0.82 -13.62 8.62
N ASN F 53 -0.81 -14.90 8.24
CA ASN F 53 -2.06 -15.64 8.11
C ASN F 53 -2.68 -15.91 9.48
N LEU F 54 -4.00 -15.74 9.56
CA LEU F 54 -4.72 -15.87 10.81
C LEU F 54 -5.24 -17.29 10.98
N GLU F 55 -4.96 -17.89 12.13
CA GLU F 55 -5.35 -19.27 12.38
C GLU F 55 -6.86 -19.40 12.55
N THR F 56 -7.41 -20.49 12.03
CA THR F 56 -8.86 -20.72 12.07
C THR F 56 -9.36 -20.82 13.50
N GLY F 57 -10.32 -19.95 13.83
CA GLY F 57 -10.88 -19.89 15.17
C GLY F 57 -10.34 -18.77 16.04
N VAL F 58 -9.44 -17.95 15.53
CA VAL F 58 -8.87 -16.83 16.28
C VAL F 58 -9.66 -15.57 15.96
N PRO F 59 -9.96 -14.73 16.95
CA PRO F 59 -10.74 -13.52 16.68
C PRO F 59 -10.09 -12.62 15.64
N SER F 60 -10.93 -11.85 14.94
CA SER F 60 -10.49 -10.99 13.86
C SER F 60 -9.62 -9.83 14.33
N ARG F 61 -9.61 -9.54 15.63
CA ARG F 61 -8.87 -8.39 16.13
C ARG F 61 -7.37 -8.66 16.27
N PHE F 62 -6.90 -9.83 15.83
CA PHE F 62 -5.49 -10.17 15.79
C PHE F 62 -4.96 -10.01 14.38
N THR F 63 -3.87 -9.27 14.23
CA THR F 63 -3.29 -8.94 12.93
C THR F 63 -1.81 -9.30 12.93
N GLY F 64 -1.34 -9.90 11.85
CA GLY F 64 0.05 -10.29 11.71
C GLY F 64 0.73 -9.50 10.61
N SER F 65 2.02 -9.22 10.79
CA SER F 65 2.72 -8.32 9.89
C SER F 65 4.22 -8.59 9.92
N GLY F 66 4.89 -8.19 8.86
CA GLY F 66 6.34 -8.20 8.78
C GLY F 66 6.87 -9.19 7.75
N TYR F 67 8.15 -9.01 7.42
CA TYR F 67 8.90 -9.92 6.56
C TYR F 67 10.39 -9.77 6.86
N GLY F 68 11.10 -10.90 6.86
CA GLY F 68 12.54 -10.89 6.97
C GLY F 68 13.08 -10.99 8.38
N THR F 69 13.38 -9.85 8.98
CA THR F 69 13.93 -9.80 10.33
C THR F 69 13.04 -9.13 11.35
N ASP F 70 12.07 -8.33 10.91
CA ASP F 70 11.25 -7.54 11.82
C ASP F 70 9.78 -7.87 11.59
N PHE F 71 9.10 -8.25 12.66
CA PHE F 71 7.70 -8.65 12.59
C PHE F 71 6.96 -8.01 13.75
N SER F 72 5.63 -8.10 13.70
CA SER F 72 4.79 -7.53 14.73
C SER F 72 3.45 -8.23 14.74
N VAL F 73 2.84 -8.27 15.91
CA VAL F 73 1.48 -8.75 16.09
C VAL F 73 0.69 -7.63 16.76
N THR F 74 -0.58 -7.50 16.40
CA THR F 74 -1.40 -6.39 16.84
C THR F 74 -2.76 -6.87 17.30
N ILE F 75 -3.15 -6.48 18.51
CA ILE F 75 -4.50 -6.68 19.01
C ILE F 75 -5.24 -5.37 18.79
N SER F 76 -6.28 -5.41 17.97
CA SER F 76 -6.98 -4.20 17.57
C SER F 76 -7.65 -3.52 18.76
N SER F 77 -8.30 -4.30 19.62
CA SER F 77 -8.89 -3.79 20.86
C SER F 77 -8.67 -4.84 21.94
N LEU F 78 -7.85 -4.51 22.94
CA LEU F 78 -7.53 -5.45 24.00
C LEU F 78 -8.77 -5.82 24.80
N GLN F 79 -8.86 -7.10 25.15
CA GLN F 79 -10.01 -7.66 25.85
C GLN F 79 -9.55 -8.44 27.08
N PRO F 80 -10.44 -8.66 28.04
CA PRO F 80 -10.06 -9.48 29.21
C PRO F 80 -9.59 -10.88 28.83
N GLU F 81 -10.13 -11.45 27.77
CA GLU F 81 -9.78 -12.78 27.32
C GLU F 81 -8.45 -12.83 26.61
N ASP F 82 -7.67 -11.75 26.65
CA ASP F 82 -6.37 -11.70 26.01
C ASP F 82 -5.22 -11.68 27.00
N ILE F 83 -5.52 -11.72 28.30
CA ILE F 83 -4.49 -11.72 29.33
C ILE F 83 -3.73 -13.04 29.25
N ALA F 84 -2.56 -13.01 28.63
CA ALA F 84 -1.75 -14.21 28.43
C ALA F 84 -0.32 -13.79 28.11
N THR F 85 0.51 -14.77 27.76
CA THR F 85 1.87 -14.54 27.31
C THR F 85 1.96 -14.87 25.83
N TYR F 86 2.69 -14.04 25.08
CA TYR F 86 2.73 -14.14 23.64
C TYR F 86 4.16 -14.43 23.18
N TYR F 87 4.31 -15.45 22.36
CA TYR F 87 5.61 -15.90 21.87
C TYR F 87 5.63 -15.87 20.35
N CYS F 88 6.74 -15.40 19.78
CA CYS F 88 6.99 -15.59 18.36
C CYS F 88 8.04 -16.66 18.18
N GLN F 89 7.93 -17.39 17.07
CA GLN F 89 8.78 -18.54 16.81
C GLN F 89 9.09 -18.61 15.32
N GLN F 90 10.34 -18.93 15.00
CA GLN F 90 10.80 -19.00 13.63
C GLN F 90 10.94 -20.44 13.19
N TYR F 91 10.73 -20.68 11.89
CA TYR F 91 10.92 -22.03 11.38
C TYR F 91 11.55 -22.07 9.98
N GLN F 92 12.29 -21.03 9.57
CA GLN F 92 13.05 -21.17 8.34
C GLN F 92 14.21 -22.12 8.53
N TYR F 93 14.93 -22.01 9.64
CA TYR F 93 16.07 -22.85 9.94
C TYR F 93 15.77 -23.78 11.11
N LEU F 94 16.21 -25.02 10.98
CA LEU F 94 16.18 -25.92 12.11
C LEU F 94 17.44 -25.69 12.96
N PRO F 95 17.34 -25.74 14.29
CA PRO F 95 16.13 -26.04 15.07
C PRO F 95 15.21 -24.84 15.23
N TYR F 96 13.89 -25.10 15.29
CA TYR F 96 12.95 -24.02 15.51
C TYR F 96 13.20 -23.38 16.88
N THR F 97 13.15 -22.06 16.93
CA THR F 97 13.43 -21.35 18.16
C THR F 97 12.29 -20.39 18.47
N PHE F 98 12.08 -20.17 19.77
CA PHE F 98 11.08 -19.24 20.27
C PHE F 98 11.76 -18.00 20.84
N ALA F 99 10.97 -16.96 21.01
CA ALA F 99 11.41 -15.76 21.70
C ALA F 99 11.17 -15.92 23.19
N PRO F 100 11.74 -15.04 24.03
CA PRO F 100 11.53 -15.19 25.48
C PRO F 100 10.08 -15.03 25.89
N GLY F 101 9.30 -14.22 25.20
CA GLY F 101 7.90 -14.04 25.49
C GLY F 101 7.55 -12.59 25.78
N THR F 102 6.25 -12.35 25.93
CA THR F 102 5.74 -11.02 26.25
C THR F 102 4.48 -11.19 27.10
N LYS F 103 4.54 -10.75 28.35
CA LYS F 103 3.37 -10.79 29.21
C LYS F 103 2.48 -9.59 28.91
N VAL F 104 1.17 -9.81 28.95
CA VAL F 104 0.18 -8.76 28.65
C VAL F 104 -0.80 -8.69 29.82
N GLU F 105 -0.86 -7.53 30.47
CA GLU F 105 -1.76 -7.27 31.58
C GLU F 105 -2.75 -6.19 31.17
N ILE F 106 -3.97 -6.29 31.69
CA ILE F 106 -4.98 -5.26 31.46
C ILE F 106 -4.84 -4.19 32.53
N LYS F 107 -4.87 -2.93 32.11
CA LYS F 107 -4.75 -1.81 33.03
C LYS F 107 -6.14 -1.36 33.48
N ARG F 108 -6.27 -1.13 34.79
CA ARG F 108 -7.54 -0.81 35.38
C ARG F 108 -7.34 0.19 36.52
N THR F 109 -8.44 0.54 37.16
CA THR F 109 -8.40 1.44 38.30
C THR F 109 -7.75 0.74 39.50
N VAL F 110 -7.19 1.55 40.40
CA VAL F 110 -6.53 1.01 41.58
C VAL F 110 -7.59 0.42 42.51
N ALA F 111 -7.37 -0.82 42.95
CA ALA F 111 -8.29 -1.51 43.84
C ALA F 111 -7.55 -1.94 45.09
N ALA F 112 -8.16 -1.70 46.25
CA ALA F 112 -7.56 -2.03 47.54
C ALA F 112 -7.81 -3.50 47.86
N PRO F 113 -6.86 -4.16 48.52
CA PRO F 113 -7.03 -5.58 48.83
C PRO F 113 -7.92 -5.80 50.04
N SER F 114 -8.81 -6.78 49.95
CA SER F 114 -9.57 -7.24 51.10
C SER F 114 -8.71 -8.24 51.86
N VAL F 115 -8.37 -7.93 53.11
CA VAL F 115 -7.40 -8.70 53.86
C VAL F 115 -8.12 -9.62 54.85
N PHE F 116 -7.75 -10.90 54.82
CA PHE F 116 -8.29 -11.90 55.74
C PHE F 116 -7.13 -12.70 56.30
N ILE F 117 -7.21 -13.05 57.59
CA ILE F 117 -6.19 -13.84 58.26
C ILE F 117 -6.83 -15.08 58.88
N PHE F 118 -6.16 -16.21 58.74
CA PHE F 118 -6.66 -17.50 59.20
C PHE F 118 -5.71 -18.10 60.23
N PRO F 119 -6.19 -18.52 61.40
CA PRO F 119 -5.33 -19.19 62.36
C PRO F 119 -5.04 -20.61 61.92
N PRO F 120 -4.09 -21.29 62.55
CA PRO F 120 -3.84 -22.70 62.18
C PRO F 120 -5.03 -23.56 62.57
N SER F 121 -5.32 -24.55 61.73
CA SER F 121 -6.38 -25.49 62.04
C SER F 121 -5.95 -26.40 63.19
N ASP F 122 -6.90 -26.73 64.06
CA ASP F 122 -6.56 -27.62 65.16
C ASP F 122 -6.09 -28.97 64.65
N GLU F 123 -6.56 -29.37 63.46
CA GLU F 123 -6.11 -30.63 62.88
C GLU F 123 -4.62 -30.58 62.54
N GLN F 124 -4.15 -29.44 62.06
CA GLN F 124 -2.73 -29.28 61.77
C GLN F 124 -1.89 -29.20 63.04
N LEU F 125 -2.46 -28.64 64.11
CA LEU F 125 -1.71 -28.53 65.36
C LEU F 125 -1.36 -29.90 65.93
N LYS F 126 -2.17 -30.92 65.63
CA LYS F 126 -1.86 -32.28 66.07
C LYS F 126 -0.58 -32.78 65.43
N SER F 127 -0.34 -32.40 64.17
CA SER F 127 0.80 -32.93 63.44
C SER F 127 2.13 -32.41 63.98
N GLY F 128 2.13 -31.23 64.59
CA GLY F 128 3.33 -30.65 65.17
C GLY F 128 3.72 -29.30 64.60
N THR F 129 3.21 -28.93 63.43
CA THR F 129 3.46 -27.62 62.86
C THR F 129 2.18 -26.78 62.88
N ALA F 130 2.35 -25.49 62.64
CA ALA F 130 1.24 -24.55 62.63
C ALA F 130 1.50 -23.50 61.56
N SER F 131 0.55 -23.33 60.65
CA SER F 131 0.66 -22.37 59.56
C SER F 131 -0.45 -21.33 59.67
N VAL F 132 -0.07 -20.06 59.63
CA VAL F 132 -0.98 -18.93 59.62
C VAL F 132 -0.95 -18.32 58.22
N VAL F 133 -2.13 -18.13 57.64
CA VAL F 133 -2.26 -17.68 56.26
C VAL F 133 -2.86 -16.29 56.24
N CYS F 134 -2.29 -15.41 55.43
CA CYS F 134 -2.80 -14.06 55.22
C CYS F 134 -3.19 -13.94 53.75
N LEU F 135 -4.42 -13.50 53.51
CA LEU F 135 -4.97 -13.43 52.16
C LEU F 135 -5.20 -11.98 51.77
N LEU F 136 -4.58 -11.55 50.68
CA LEU F 136 -4.87 -10.27 50.05
C LEU F 136 -5.65 -10.58 48.78
N ASN F 137 -6.88 -10.07 48.68
CA ASN F 137 -7.78 -10.50 47.63
C ASN F 137 -8.25 -9.33 46.76
N ASN F 138 -8.14 -9.51 45.45
CA ASN F 138 -8.72 -8.63 44.44
C ASN F 138 -8.23 -7.18 44.63
N PHE F 139 -6.97 -7.00 44.29
CA PHE F 139 -6.32 -5.69 44.33
C PHE F 139 -5.62 -5.45 43.00
N TYR F 140 -5.42 -4.17 42.70
CA TYR F 140 -4.65 -3.75 41.55
C TYR F 140 -4.00 -2.44 41.95
N PRO F 141 -2.71 -2.23 41.64
CA PRO F 141 -1.83 -3.09 40.86
C PRO F 141 -1.25 -4.28 41.63
N ARG F 142 -0.37 -5.03 40.95
CA ARG F 142 0.18 -6.25 41.52
C ARG F 142 1.09 -5.98 42.71
N GLU F 143 1.81 -4.86 42.70
CA GLU F 143 2.84 -4.59 43.69
C GLU F 143 2.22 -4.42 45.08
N ALA F 144 2.56 -5.33 45.99
CA ALA F 144 2.07 -5.30 47.36
C ALA F 144 3.15 -5.84 48.27
N LYS F 145 3.07 -5.49 49.55
CA LYS F 145 4.09 -5.84 50.54
C LYS F 145 3.43 -6.35 51.81
N VAL F 146 3.89 -7.51 52.29
CA VAL F 146 3.36 -8.16 53.49
C VAL F 146 4.51 -8.54 54.40
N GLN F 147 4.37 -8.25 55.69
CA GLN F 147 5.33 -8.70 56.70
C GLN F 147 4.59 -9.06 57.98
N TRP F 148 5.08 -10.10 58.67
CA TRP F 148 4.43 -10.67 59.83
C TRP F 148 5.03 -10.11 61.11
N LYS F 149 4.19 -9.91 62.12
CA LYS F 149 4.63 -9.45 63.43
C LYS F 149 4.01 -10.34 64.49
N VAL F 150 4.80 -11.25 65.06
CA VAL F 150 4.36 -12.13 66.13
C VAL F 150 4.72 -11.48 67.46
N ASP F 151 3.71 -10.96 68.16
CA ASP F 151 3.88 -10.20 69.41
C ASP F 151 4.78 -8.99 69.17
N ASN F 152 4.45 -8.23 68.12
CA ASN F 152 5.20 -7.03 67.73
C ASN F 152 6.66 -7.33 67.47
N ALA F 153 6.93 -8.51 66.91
CA ALA F 153 8.28 -8.94 66.55
C ALA F 153 8.25 -9.33 65.08
N LEU F 154 8.94 -8.56 64.25
CA LEU F 154 8.97 -8.83 62.81
C LEU F 154 9.56 -10.20 62.54
N GLN F 155 8.80 -11.05 61.86
CA GLN F 155 9.26 -12.37 61.44
C GLN F 155 9.94 -12.26 60.08
N SER F 156 10.93 -13.13 59.86
CA SER F 156 11.70 -13.08 58.63
C SER F 156 12.26 -14.46 58.33
N GLY F 157 11.99 -14.96 57.12
CA GLY F 157 12.55 -16.22 56.67
C GLY F 157 11.69 -17.44 56.94
N ASN F 158 10.50 -17.27 57.49
CA ASN F 158 9.57 -18.37 57.70
C ASN F 158 8.23 -18.10 57.02
N SER F 159 8.20 -17.17 56.07
CA SER F 159 6.99 -16.82 55.34
C SER F 159 7.26 -16.97 53.85
N GLN F 160 6.24 -17.40 53.12
CA GLN F 160 6.33 -17.54 51.67
C GLN F 160 5.06 -17.00 51.04
N GLU F 161 5.21 -16.13 50.05
CA GLU F 161 4.09 -15.51 49.36
C GLU F 161 3.80 -16.27 48.07
N SER F 162 2.59 -16.07 47.57
CA SER F 162 2.18 -16.61 46.27
C SER F 162 1.12 -15.69 45.68
N VAL F 163 1.27 -15.36 44.40
CA VAL F 163 0.39 -14.42 43.72
C VAL F 163 -0.28 -15.12 42.54
N THR F 164 -1.59 -14.90 42.39
CA THR F 164 -2.29 -15.42 41.23
C THR F 164 -1.95 -14.59 40.00
N GLU F 165 -2.26 -15.16 38.83
CA GLU F 165 -2.24 -14.36 37.62
C GLU F 165 -3.50 -13.51 37.54
N GLN F 166 -3.44 -12.46 36.71
CA GLN F 166 -4.51 -11.48 36.67
C GLN F 166 -5.82 -12.13 36.25
N ASP F 167 -6.83 -12.04 37.12
CA ASP F 167 -8.14 -12.58 36.83
C ASP F 167 -8.77 -11.83 35.66
N SER F 168 -9.12 -12.56 34.59
CA SER F 168 -9.75 -11.92 33.44
C SER F 168 -11.13 -11.37 33.78
N LYS F 169 -11.76 -11.85 34.84
CA LYS F 169 -13.11 -11.42 35.17
C LYS F 169 -13.13 -9.97 35.63
N ASP F 170 -12.19 -9.58 36.51
CA ASP F 170 -12.14 -8.22 37.05
C ASP F 170 -10.76 -7.60 37.01
N SER F 171 -9.79 -8.22 36.32
CA SER F 171 -8.46 -7.62 36.10
C SER F 171 -7.73 -7.32 37.40
N THR F 172 -7.96 -8.11 38.46
CA THR F 172 -7.28 -7.93 39.73
C THR F 172 -6.30 -9.08 39.98
N TYR F 173 -5.60 -8.97 41.10
CA TYR F 173 -4.68 -9.99 41.57
C TYR F 173 -5.07 -10.43 42.97
N SER F 174 -4.52 -11.57 43.39
CA SER F 174 -4.65 -12.04 44.75
C SER F 174 -3.30 -12.58 45.22
N LEU F 175 -3.08 -12.52 46.53
CA LEU F 175 -1.82 -12.92 47.13
C LEU F 175 -2.11 -13.68 48.42
N SER F 176 -1.25 -14.66 48.73
CA SER F 176 -1.37 -15.42 49.96
C SER F 176 0.01 -15.57 50.58
N SER F 177 0.17 -15.10 51.80
CA SER F 177 1.41 -15.22 52.56
C SER F 177 1.19 -16.21 53.70
N THR F 178 2.10 -17.19 53.82
CA THR F 178 1.95 -18.29 54.77
C THR F 178 3.12 -18.29 55.74
N LEU F 179 2.83 -18.14 57.03
CA LEU F 179 3.82 -18.15 58.10
C LEU F 179 3.83 -19.53 58.74
N THR F 180 4.97 -20.20 58.71
CA THR F 180 5.09 -21.58 59.16
C THR F 180 5.91 -21.63 60.45
N LEU F 181 5.31 -22.17 61.51
CA LEU F 181 5.94 -22.30 62.81
C LEU F 181 5.73 -23.72 63.33
N SER F 182 6.52 -24.11 64.33
CA SER F 182 6.26 -25.36 65.02
C SER F 182 5.20 -25.14 66.11
N LYS F 183 4.57 -26.25 66.53
CA LYS F 183 3.55 -26.16 67.56
C LYS F 183 4.14 -25.59 68.86
N ALA F 184 5.36 -26.01 69.20
CA ALA F 184 5.98 -25.50 70.42
C ALA F 184 6.18 -23.99 70.32
N ASP F 185 6.73 -23.51 69.21
CA ASP F 185 6.93 -22.08 69.03
C ASP F 185 5.60 -21.33 68.96
N TYR F 186 4.56 -21.96 68.40
CA TYR F 186 3.30 -21.26 68.17
C TYR F 186 2.57 -20.98 69.47
N GLU F 187 2.74 -21.82 70.48
CA GLU F 187 1.99 -21.67 71.72
C GLU F 187 2.70 -20.82 72.76
N LYS F 188 3.91 -20.33 72.47
CA LYS F 188 4.62 -19.43 73.37
C LYS F 188 4.27 -17.96 73.16
N HIS F 189 3.53 -17.62 72.11
CA HIS F 189 3.19 -16.24 71.78
C HIS F 189 1.69 -16.12 71.65
N LYS F 190 1.20 -14.88 71.70
CA LYS F 190 -0.24 -14.65 71.76
C LYS F 190 -0.82 -13.94 70.55
N VAL F 191 -0.15 -12.92 70.03
CA VAL F 191 -0.70 -12.06 68.99
C VAL F 191 0.04 -12.34 67.68
N TYR F 192 -0.74 -12.61 66.62
CA TYR F 192 -0.20 -12.86 65.29
C TYR F 192 -0.86 -11.86 64.36
N ALA F 193 -0.04 -11.10 63.63
CA ALA F 193 -0.54 -9.99 62.83
C ALA F 193 -0.02 -10.06 61.41
N CYS F 194 -0.86 -9.64 60.48
CA CYS F 194 -0.49 -9.42 59.09
C CYS F 194 -0.59 -7.92 58.83
N GLU F 195 0.51 -7.32 58.37
CA GLU F 195 0.54 -5.89 58.06
C GLU F 195 0.71 -5.72 56.56
N VAL F 196 -0.33 -5.19 55.91
CA VAL F 196 -0.40 -5.09 54.45
C VAL F 196 -0.11 -3.67 54.02
N THR F 197 0.81 -3.51 53.06
CA THR F 197 1.08 -2.24 52.42
C THR F 197 0.72 -2.32 50.95
N HIS F 198 -0.13 -1.40 50.50
CA HIS F 198 -0.54 -1.36 49.10
C HIS F 198 -0.79 0.08 48.68
N GLN F 199 -0.68 0.33 47.38
CA GLN F 199 -0.89 1.67 46.85
C GLN F 199 -2.34 2.13 47.03
N GLY F 200 -3.29 1.20 47.03
CA GLY F 200 -4.69 1.52 47.19
C GLY F 200 -5.16 1.73 48.61
N LEU F 201 -4.25 1.68 49.58
CA LEU F 201 -4.57 1.90 50.99
C LEU F 201 -3.98 3.24 51.42
N SER F 202 -4.80 4.08 52.06
CA SER F 202 -4.33 5.38 52.50
C SER F 202 -3.27 5.26 53.58
N SER F 203 -3.41 4.28 54.48
CA SER F 203 -2.44 3.95 55.51
C SER F 203 -2.37 2.44 55.60
N PRO F 204 -1.22 1.89 56.02
CA PRO F 204 -1.10 0.43 56.10
C PRO F 204 -2.20 -0.20 56.94
N VAL F 205 -2.61 -1.40 56.54
CA VAL F 205 -3.71 -2.12 57.16
C VAL F 205 -3.15 -3.33 57.90
N THR F 206 -3.74 -3.65 59.06
CA THR F 206 -3.30 -4.77 59.86
C THR F 206 -4.52 -5.60 60.27
N LYS F 207 -4.43 -6.92 60.06
CA LYS F 207 -5.43 -7.87 60.52
C LYS F 207 -4.72 -8.87 61.42
N SER F 208 -5.21 -9.02 62.66
CA SER F 208 -4.51 -9.84 63.66
C SER F 208 -5.50 -10.58 64.54
N PHE F 209 -5.02 -11.65 65.17
CA PHE F 209 -5.83 -12.44 66.09
C PHE F 209 -4.98 -12.86 67.28
N ASN F 210 -5.66 -13.42 68.29
CA ASN F 210 -5.01 -13.86 69.53
C ASN F 210 -5.20 -15.35 69.79
N ARG F 211 -4.94 -15.77 71.03
CA ARG F 211 -5.15 -17.16 71.47
C ARG F 211 -4.24 -18.13 70.70
N GLY F 212 -2.95 -17.83 70.70
CA GLY F 212 -1.96 -18.69 70.07
C GLY F 212 -1.02 -19.45 71.01
C1 EDO G . 43.32 -27.74 -58.25
O1 EDO G . 43.61 -26.58 -59.02
C2 EDO G . 42.30 -27.39 -57.16
O2 EDO G . 41.08 -26.93 -57.76
C1 EDO H . -14.09 31.85 63.90
O1 EDO H . -14.32 31.95 62.50
C2 EDO H . -13.58 33.18 64.44
O2 EDO H . -14.59 34.19 64.27
C1 EDO I . -29.56 30.98 64.65
O1 EDO I . -29.02 29.74 64.18
C2 EDO I . -31.05 31.05 64.34
O2 EDO I . -31.62 32.19 64.96
C1 EDO J . 8.99 -15.65 67.16
O1 EDO J . 8.02 -14.95 67.95
C2 EDO J . 8.52 -17.08 66.91
O2 EDO J . 9.33 -17.66 65.89
C1 EDO K . -7.42 -20.24 67.82
O1 EDO K . -7.94 -18.94 67.53
C2 EDO K . -5.96 -20.31 67.38
O2 EDO K . -5.51 -21.66 67.32
#